data_3GX8
# 
_entry.id   3GX8 
# 
_audit_conform.dict_name       mmcif_pdbx.dic 
_audit_conform.dict_version    5.380 
_audit_conform.dict_location   http://mmcif.pdb.org/dictionaries/ascii/mmcif_pdbx.dic 
# 
loop_
_database_2.database_id 
_database_2.database_code 
_database_2.pdbx_database_accession 
_database_2.pdbx_DOI 
PDB   3GX8         pdb_00003gx8 10.2210/pdb3gx8/pdb 
RCSB  RCSB052419   ?            ?                   
WWPDB D_1000052419 ?            ?                   
# 
_pdbx_database_status.status_code                     REL 
_pdbx_database_status.entry_id                        3GX8 
_pdbx_database_status.recvd_initial_deposition_date   2009-04-01 
_pdbx_database_status.deposit_site                    RCSB 
_pdbx_database_status.process_site                    PDBJ 
_pdbx_database_status.status_code_sf                  REL 
_pdbx_database_status.status_code_mr                  ? 
_pdbx_database_status.SG_entry                        ? 
_pdbx_database_status.pdb_format_compatible           Y 
_pdbx_database_status.status_code_cs                  ? 
_pdbx_database_status.status_code_nmr_data            ? 
_pdbx_database_status.methods_development_category    ? 
# 
loop_
_audit_author.name 
_audit_author.pdbx_ordinal 
'Wang, Y.'   1 
'He, Y.X.'   2 
'Yu, J.'     3 
'Xiong, Y.'  4 
'Chen, Y.'   5 
'Zhou, C.Z.' 6 
# 
loop_
_citation.id 
_citation.title 
_citation.journal_abbrev 
_citation.journal_volume 
_citation.page_first 
_citation.page_last 
_citation.year 
_citation.journal_id_ASTM 
_citation.country 
_citation.journal_id_ISSN 
_citation.journal_id_CSD 
_citation.book_publisher 
_citation.pdbx_database_id_PubMed 
_citation.pdbx_database_id_DOI 
primary 'Structural and biochemical characterization of yeast monothiol glutaredoxin Grx5' 'To be Published'          ?  ?   ?   ? 
? ?  ?         0353 ? ?        ?                         
1       
'Cloning, overproduction, purification, crystallization and preliminary X-ray diffraction analysis of yeast glutaredoxin Grx5' 
'Acta Crystallogr.,Sect.F' 65 651 653 2009 ? DK 1744-3091 ?    ? 19478456 10.1107/S1744309109018417 
# 
loop_
_citation_author.citation_id 
_citation_author.name 
_citation_author.ordinal 
_citation_author.identifier_ORCID 
primary 'Wang, Y.'   1  ? 
primary 'He, Y.X.'   2  ? 
primary 'Yu, J.'     3  ? 
primary 'Xiong, Y.'  4  ? 
primary 'Chen, Y.'   5  ? 
primary 'Zhou, C.Z.' 6  ? 
1       'Wang, Y.'   7  ? 
1       'He, Y.X.'   8  ? 
1       'Yu, J.'     9  ? 
1       'Zhou, C.Z.' 10 ? 
# 
_cell.entry_id           3GX8 
_cell.length_a           85.120 
_cell.length_b           85.120 
_cell.length_c           48.950 
_cell.angle_alpha        90.00 
_cell.angle_beta         90.00 
_cell.angle_gamma        120.00 
_cell.Z_PDB              9 
_cell.pdbx_unique_axis   ? 
_cell.length_a_esd       ? 
_cell.length_b_esd       ? 
_cell.length_c_esd       ? 
_cell.angle_alpha_esd    ? 
_cell.angle_beta_esd     ? 
_cell.angle_gamma_esd    ? 
# 
_symmetry.entry_id                         3GX8 
_symmetry.space_group_name_H-M             'H 3' 
_symmetry.pdbx_full_space_group_name_H-M   ? 
_symmetry.cell_setting                     ? 
_symmetry.Int_Tables_number                146 
_symmetry.space_group_name_Hall            ? 
# 
loop_
_entity.id 
_entity.type 
_entity.src_method 
_entity.pdbx_description 
_entity.formula_weight 
_entity.pdbx_number_of_molecules 
_entity.pdbx_ec 
_entity.pdbx_mutation 
_entity.pdbx_fragment 
_entity.details 
1 polymer     man 'Monothiol glutaredoxin-5, mitochondrial' 13359.029 1   ? ? ? ? 
2 non-polymer syn 'SULFATE ION'                             96.063    2   ? ? ? ? 
3 water       nat water                                     18.015    112 ? ? ? ? 
# 
_entity_poly.entity_id                      1 
_entity_poly.type                           'polypeptide(L)' 
_entity_poly.nstd_linkage                   no 
_entity_poly.nstd_monomer                   no 
_entity_poly.pdbx_seq_one_letter_code       
;LSTEIRKAIEDAIESAPVVLFMKGTPEFPKCGFSRATIGLLGNQGVDPAKFAAYNVLEDPELREGIKEFSEWPTIPQLYV
NKEFIGGCDVITSMARSGELADLLEEAQALVPEEEEETKDR
;
_entity_poly.pdbx_seq_one_letter_code_can   
;LSTEIRKAIEDAIESAPVVLFMKGTPEFPKCGFSRATIGLLGNQGVDPAKFAAYNVLEDPELREGIKEFSEWPTIPQLYV
NKEFIGGCDVITSMARSGELADLLEEAQALVPEEEEETKDR
;
_entity_poly.pdbx_strand_id                 A 
_entity_poly.pdbx_target_identifier         ? 
# 
loop_
_entity_poly_seq.entity_id 
_entity_poly_seq.num 
_entity_poly_seq.mon_id 
_entity_poly_seq.hetero 
1 1   LEU n 
1 2   SER n 
1 3   THR n 
1 4   GLU n 
1 5   ILE n 
1 6   ARG n 
1 7   LYS n 
1 8   ALA n 
1 9   ILE n 
1 10  GLU n 
1 11  ASP n 
1 12  ALA n 
1 13  ILE n 
1 14  GLU n 
1 15  SER n 
1 16  ALA n 
1 17  PRO n 
1 18  VAL n 
1 19  VAL n 
1 20  LEU n 
1 21  PHE n 
1 22  MET n 
1 23  LYS n 
1 24  GLY n 
1 25  THR n 
1 26  PRO n 
1 27  GLU n 
1 28  PHE n 
1 29  PRO n 
1 30  LYS n 
1 31  CYS n 
1 32  GLY n 
1 33  PHE n 
1 34  SER n 
1 35  ARG n 
1 36  ALA n 
1 37  THR n 
1 38  ILE n 
1 39  GLY n 
1 40  LEU n 
1 41  LEU n 
1 42  GLY n 
1 43  ASN n 
1 44  GLN n 
1 45  GLY n 
1 46  VAL n 
1 47  ASP n 
1 48  PRO n 
1 49  ALA n 
1 50  LYS n 
1 51  PHE n 
1 52  ALA n 
1 53  ALA n 
1 54  TYR n 
1 55  ASN n 
1 56  VAL n 
1 57  LEU n 
1 58  GLU n 
1 59  ASP n 
1 60  PRO n 
1 61  GLU n 
1 62  LEU n 
1 63  ARG n 
1 64  GLU n 
1 65  GLY n 
1 66  ILE n 
1 67  LYS n 
1 68  GLU n 
1 69  PHE n 
1 70  SER n 
1 71  GLU n 
1 72  TRP n 
1 73  PRO n 
1 74  THR n 
1 75  ILE n 
1 76  PRO n 
1 77  GLN n 
1 78  LEU n 
1 79  TYR n 
1 80  VAL n 
1 81  ASN n 
1 82  LYS n 
1 83  GLU n 
1 84  PHE n 
1 85  ILE n 
1 86  GLY n 
1 87  GLY n 
1 88  CYS n 
1 89  ASP n 
1 90  VAL n 
1 91  ILE n 
1 92  THR n 
1 93  SER n 
1 94  MET n 
1 95  ALA n 
1 96  ARG n 
1 97  SER n 
1 98  GLY n 
1 99  GLU n 
1 100 LEU n 
1 101 ALA n 
1 102 ASP n 
1 103 LEU n 
1 104 LEU n 
1 105 GLU n 
1 106 GLU n 
1 107 ALA n 
1 108 GLN n 
1 109 ALA n 
1 110 LEU n 
1 111 VAL n 
1 112 PRO n 
1 113 GLU n 
1 114 GLU n 
1 115 GLU n 
1 116 GLU n 
1 117 GLU n 
1 118 THR n 
1 119 LYS n 
1 120 ASP n 
1 121 ARG n 
# 
_entity_src_gen.entity_id                          1 
_entity_src_gen.pdbx_src_id                        1 
_entity_src_gen.pdbx_alt_source_flag               sample 
_entity_src_gen.pdbx_seq_type                      ? 
_entity_src_gen.pdbx_beg_seq_num                   ? 
_entity_src_gen.pdbx_end_seq_num                   ? 
_entity_src_gen.gene_src_common_name               
;Baker's yeast
;
_entity_src_gen.gene_src_genus                     ? 
_entity_src_gen.pdbx_gene_src_gene                 GRX5 
_entity_src_gen.gene_src_species                   ? 
_entity_src_gen.gene_src_strain                    S288C 
_entity_src_gen.gene_src_tissue                    ? 
_entity_src_gen.gene_src_tissue_fraction           ? 
_entity_src_gen.gene_src_details                   ? 
_entity_src_gen.pdbx_gene_src_fragment             ? 
_entity_src_gen.pdbx_gene_src_scientific_name      'Saccharomyces cerevisiae' 
_entity_src_gen.pdbx_gene_src_ncbi_taxonomy_id     4932 
_entity_src_gen.pdbx_gene_src_variant              ? 
_entity_src_gen.pdbx_gene_src_cell_line            ? 
_entity_src_gen.pdbx_gene_src_atcc                 ? 
_entity_src_gen.pdbx_gene_src_organ                ? 
_entity_src_gen.pdbx_gene_src_organelle            ? 
_entity_src_gen.pdbx_gene_src_cell                 ? 
_entity_src_gen.pdbx_gene_src_cellular_location    ? 
_entity_src_gen.host_org_common_name               ? 
_entity_src_gen.pdbx_host_org_scientific_name      'Escherichia coli' 
_entity_src_gen.pdbx_host_org_ncbi_taxonomy_id     562 
_entity_src_gen.host_org_genus                     ? 
_entity_src_gen.pdbx_host_org_gene                 ? 
_entity_src_gen.pdbx_host_org_organ                ? 
_entity_src_gen.host_org_species                   ? 
_entity_src_gen.pdbx_host_org_tissue               ? 
_entity_src_gen.pdbx_host_org_tissue_fraction      ? 
_entity_src_gen.pdbx_host_org_strain               ROSETTA 
_entity_src_gen.pdbx_host_org_variant              ? 
_entity_src_gen.pdbx_host_org_cell_line            ? 
_entity_src_gen.pdbx_host_org_atcc                 ? 
_entity_src_gen.pdbx_host_org_culture_collection   ? 
_entity_src_gen.pdbx_host_org_cell                 ? 
_entity_src_gen.pdbx_host_org_organelle            ? 
_entity_src_gen.pdbx_host_org_cellular_location    ? 
_entity_src_gen.pdbx_host_org_vector_type          PLASMID 
_entity_src_gen.pdbx_host_org_vector               ? 
_entity_src_gen.host_org_details                   ? 
_entity_src_gen.expression_system_id               ? 
_entity_src_gen.plasmid_name                       pET29 
_entity_src_gen.plasmid_details                    ? 
_entity_src_gen.pdbx_description                   ? 
# 
_struct_ref.id                         1 
_struct_ref.db_name                    UNP 
_struct_ref.db_code                    GLRX5_YEAST 
_struct_ref.pdbx_db_accession          Q02784 
_struct_ref.entity_id                  1 
_struct_ref.pdbx_seq_one_letter_code   
;LSTEIRKAIEDAIESAPVVLFMKGTPEFPKCGFSRATIGLLGNQGVDPAKFAAYNVLEDPELREGIKEFSEWPTIPQLYV
NKEFIGGCDVITSMARSGELADLLEEAQALVPEEEEETKDR
;
_struct_ref.pdbx_align_begin           30 
_struct_ref.pdbx_db_isoform            ? 
# 
_struct_ref_seq.align_id                      1 
_struct_ref_seq.ref_id                        1 
_struct_ref_seq.pdbx_PDB_id_code              3GX8 
_struct_ref_seq.pdbx_strand_id                A 
_struct_ref_seq.seq_align_beg                 1 
_struct_ref_seq.pdbx_seq_align_beg_ins_code   ? 
_struct_ref_seq.seq_align_end                 121 
_struct_ref_seq.pdbx_seq_align_end_ins_code   ? 
_struct_ref_seq.pdbx_db_accession             Q02784 
_struct_ref_seq.db_align_beg                  30 
_struct_ref_seq.pdbx_db_align_beg_ins_code    ? 
_struct_ref_seq.db_align_end                  150 
_struct_ref_seq.pdbx_db_align_end_ins_code    ? 
_struct_ref_seq.pdbx_auth_seq_align_beg       30 
_struct_ref_seq.pdbx_auth_seq_align_end       150 
# 
loop_
_chem_comp.id 
_chem_comp.type 
_chem_comp.mon_nstd_flag 
_chem_comp.name 
_chem_comp.pdbx_synonyms 
_chem_comp.formula 
_chem_comp.formula_weight 
ALA 'L-peptide linking' y ALANINE         ? 'C3 H7 N O2'     89.093  
ARG 'L-peptide linking' y ARGININE        ? 'C6 H15 N4 O2 1' 175.209 
ASN 'L-peptide linking' y ASPARAGINE      ? 'C4 H8 N2 O3'    132.118 
ASP 'L-peptide linking' y 'ASPARTIC ACID' ? 'C4 H7 N O4'     133.103 
CYS 'L-peptide linking' y CYSTEINE        ? 'C3 H7 N O2 S'   121.158 
GLN 'L-peptide linking' y GLUTAMINE       ? 'C5 H10 N2 O3'   146.144 
GLU 'L-peptide linking' y 'GLUTAMIC ACID' ? 'C5 H9 N O4'     147.129 
GLY 'peptide linking'   y GLYCINE         ? 'C2 H5 N O2'     75.067  
HOH non-polymer         . WATER           ? 'H2 O'           18.015  
ILE 'L-peptide linking' y ISOLEUCINE      ? 'C6 H13 N O2'    131.173 
LEU 'L-peptide linking' y LEUCINE         ? 'C6 H13 N O2'    131.173 
LYS 'L-peptide linking' y LYSINE          ? 'C6 H15 N2 O2 1' 147.195 
MET 'L-peptide linking' y METHIONINE      ? 'C5 H11 N O2 S'  149.211 
PHE 'L-peptide linking' y PHENYLALANINE   ? 'C9 H11 N O2'    165.189 
PRO 'L-peptide linking' y PROLINE         ? 'C5 H9 N O2'     115.130 
SER 'L-peptide linking' y SERINE          ? 'C3 H7 N O3'     105.093 
SO4 non-polymer         . 'SULFATE ION'   ? 'O4 S -2'        96.063  
THR 'L-peptide linking' y THREONINE       ? 'C4 H9 N O3'     119.119 
TRP 'L-peptide linking' y TRYPTOPHAN      ? 'C11 H12 N2 O2'  204.225 
TYR 'L-peptide linking' y TYROSINE        ? 'C9 H11 N O3'    181.189 
VAL 'L-peptide linking' y VALINE          ? 'C5 H11 N O2'    117.146 
# 
_exptl.entry_id          3GX8 
_exptl.method            'X-RAY DIFFRACTION' 
_exptl.crystals_number   1 
# 
_exptl_crystal.id                    1 
_exptl_crystal.density_meas          ? 
_exptl_crystal.density_Matthews      2.55 
_exptl_crystal.density_percent_sol   51.85 
_exptl_crystal.description           ? 
_exptl_crystal.F_000                 ? 
_exptl_crystal.preparation           ? 
# 
_exptl_crystal_grow.crystal_id      1 
_exptl_crystal_grow.method          'VAPOR DIFFUSION' 
_exptl_crystal_grow.temp            289 
_exptl_crystal_grow.temp_details    ? 
_exptl_crystal_grow.pH              8.0 
_exptl_crystal_grow.pdbx_details    '1.6M NH4SO4, Tris-HCl, pH8.0, VAPOR DIFFUSION, temperature 289K' 
_exptl_crystal_grow.pdbx_pH_range   . 
# 
_diffrn.id                     1 
_diffrn.ambient_temp           100 
_diffrn.ambient_temp_details   ? 
_diffrn.crystal_id             1 
# 
_diffrn_detector.diffrn_id              1 
_diffrn_detector.detector               'IMAGE PLATE' 
_diffrn_detector.type                   'MAR scanner 345 mm plate' 
_diffrn_detector.pdbx_collection_date   2008-10-29 
_diffrn_detector.details                ? 
# 
_diffrn_radiation.diffrn_id                        1 
_diffrn_radiation.wavelength_id                    1 
_diffrn_radiation.pdbx_monochromatic_or_laue_m_l   M 
_diffrn_radiation.monochromator                    ? 
_diffrn_radiation.pdbx_diffrn_protocol             'SINGLE WAVELENGTH' 
_diffrn_radiation.pdbx_scattering_type             x-ray 
# 
_diffrn_radiation_wavelength.id           1 
_diffrn_radiation_wavelength.wavelength   1.54178 
_diffrn_radiation_wavelength.wt           1.0 
# 
_diffrn_source.diffrn_id                   1 
_diffrn_source.source                      'ROTATING ANODE' 
_diffrn_source.type                        'RIGAKU MICROMAX-007 HF' 
_diffrn_source.pdbx_synchrotron_site       ? 
_diffrn_source.pdbx_synchrotron_beamline   ? 
_diffrn_source.pdbx_wavelength             ? 
_diffrn_source.pdbx_wavelength_list        1.54178 
# 
_reflns.entry_id                     3GX8 
_reflns.observed_criterion_sigma_I   ? 
_reflns.observed_criterion_sigma_F   ? 
_reflns.d_resolution_low             24.57 
_reflns.d_resolution_high            1.67 
_reflns.number_obs                   15256 
_reflns.number_all                   ? 
_reflns.percent_possible_obs         98.5 
_reflns.pdbx_Rmerge_I_obs            0.034 
_reflns.pdbx_Rsym_value              ? 
_reflns.pdbx_netI_over_sigmaI        21.7 
_reflns.B_iso_Wilson_estimate        20.300 
_reflns.pdbx_redundancy              4.1 
_reflns.R_free_details               ? 
_reflns.limit_h_max                  ? 
_reflns.limit_h_min                  ? 
_reflns.limit_k_max                  ? 
_reflns.limit_k_min                  ? 
_reflns.limit_l_max                  ? 
_reflns.limit_l_min                  ? 
_reflns.observed_criterion_F_max     ? 
_reflns.observed_criterion_F_min     ? 
_reflns.pdbx_chi_squared             ? 
_reflns.pdbx_scaling_rejects         ? 
_reflns.pdbx_diffrn_id               1 
_reflns.pdbx_ordinal                 1 
# 
_reflns_shell.d_res_high             1.67 
_reflns_shell.d_res_low              1.76 
_reflns_shell.percent_possible_all   89.6 
_reflns_shell.Rmerge_I_obs           0.303 
_reflns_shell.pdbx_Rsym_value        ? 
_reflns_shell.meanI_over_sigI_obs    5.4 
_reflns_shell.pdbx_redundancy        3.9 
_reflns_shell.percent_possible_obs   ? 
_reflns_shell.number_unique_all      2020 
_reflns_shell.number_measured_all    ? 
_reflns_shell.number_measured_obs    ? 
_reflns_shell.number_unique_obs      ? 
_reflns_shell.pdbx_chi_squared       ? 
_reflns_shell.pdbx_diffrn_id         ? 
_reflns_shell.pdbx_ordinal           1 
# 
_refine.entry_id                                 3GX8 
_refine.ls_number_reflns_obs                     15256 
_refine.ls_number_reflns_all                     ? 
_refine.pdbx_ls_sigma_I                          ? 
_refine.pdbx_ls_sigma_F                          0.98 
_refine.pdbx_data_cutoff_high_absF               ? 
_refine.pdbx_data_cutoff_low_absF                ? 
_refine.pdbx_data_cutoff_high_rms_absF           ? 
_refine.ls_d_res_low                             24.214 
_refine.ls_d_res_high                            1.673 
_refine.ls_percent_reflns_obs                    95.03 
_refine.ls_R_factor_obs                          0.1764 
_refine.ls_R_factor_all                          ? 
_refine.ls_R_factor_R_work                       0.1751 
_refine.ls_R_factor_R_free                       0.2000 
_refine.ls_R_factor_R_free_error                 ? 
_refine.ls_R_factor_R_free_error_details         ? 
_refine.ls_percent_reflns_R_free                 4.98 
_refine.ls_number_reflns_R_free                  722 
_refine.ls_number_parameters                     ? 
_refine.ls_number_restraints                     ? 
_refine.correlation_coeff_Fo_to_Fc               ? 
_refine.correlation_coeff_Fo_to_Fc_free          ? 
_refine.B_iso_mean                               24.779 
_refine.aniso_B[1][1]                            -3.5776 
_refine.aniso_B[2][2]                            -3.5776 
_refine.aniso_B[3][3]                            7.1553 
_refine.aniso_B[1][2]                            0.0000 
_refine.aniso_B[1][3]                            0.0000 
_refine.solvent_model_details                    'FLAT BULK SOLVENT MODEL' 
_refine.solvent_model_param_ksol                 0.431 
_refine.solvent_model_param_bsol                 59.984 
_refine.pdbx_solvent_vdw_probe_radii             1.11 
_refine.pdbx_solvent_ion_probe_radii             ? 
_refine.pdbx_solvent_shrinkage_radii             0.90 
_refine.pdbx_ls_cross_valid_method               THROUGHOUT 
_refine.details                                  ? 
_refine.pdbx_starting_model                      'PDB ENTRY 1YKA' 
_refine.pdbx_method_to_determine_struct          'MOLECULAR REPLACEMENT' 
_refine.pdbx_isotropic_thermal_model             Isotropic 
_refine.pdbx_stereochemistry_target_values       ML 
_refine.pdbx_stereochem_target_val_spec_case     ? 
_refine.pdbx_R_Free_selection_details            RANDOM 
_refine.pdbx_overall_ESU_R_Free                  ? 
_refine.overall_SU_ML                            0.26 
_refine.overall_SU_B                             ? 
_refine.ls_redundancy_reflns_obs                 ? 
_refine.overall_SU_R_Cruickshank_DPI             ? 
_refine.overall_SU_R_free                        ? 
_refine.ls_wR_factor_R_free                      ? 
_refine.ls_wR_factor_R_work                      ? 
_refine.overall_FOM_free_R_set                   ? 
_refine.pdbx_refine_id                           'X-RAY DIFFRACTION' 
_refine.aniso_B[2][3]                            ? 
_refine.overall_FOM_work_R_set                   0.871 
_refine.B_iso_max                                72.56 
_refine.B_iso_min                                10.71 
_refine.pdbx_overall_phase_error                 20.420 
_refine.occupancy_max                            1.00 
_refine.occupancy_min                            0.00 
_refine.pdbx_diffrn_id                           1 
_refine.pdbx_TLS_residual_ADP_flag               ? 
_refine.pdbx_overall_ESU_R                       ? 
_refine.pdbx_overall_SU_R_free_Cruickshank_DPI   ? 
_refine.pdbx_overall_SU_R_Blow_DPI               ? 
_refine.pdbx_overall_SU_R_free_Blow_DPI          ? 
# 
_refine_hist.pdbx_refine_id                   'X-RAY DIFFRACTION' 
_refine_hist.cycle_id                         LAST 
_refine_hist.pdbx_number_atoms_protein        849 
_refine_hist.pdbx_number_atoms_nucleic_acid   0 
_refine_hist.pdbx_number_atoms_ligand         10 
_refine_hist.number_atoms_solvent             112 
_refine_hist.number_atoms_total               971 
_refine_hist.d_res_high                       1.673 
_refine_hist.d_res_low                        24.214 
# 
loop_
_refine_ls_restr.pdbx_refine_id 
_refine_ls_restr.type 
_refine_ls_restr.number 
_refine_ls_restr.dev_ideal 
_refine_ls_restr.dev_ideal_target 
_refine_ls_restr.weight 
_refine_ls_restr.pdbx_restraint_function 
'X-RAY DIFFRACTION' f_bond_d           881  0.006  ? ? ? 
'X-RAY DIFFRACTION' f_angle_d          1197 0.982  ? ? ? 
'X-RAY DIFFRACTION' f_chiral_restr     133  0.067  ? ? ? 
'X-RAY DIFFRACTION' f_plane_restr      157  0.005  ? ? ? 
'X-RAY DIFFRACTION' f_dihedral_angle_d 325  15.016 ? ? ? 
# 
loop_
_refine_ls_shell.pdbx_total_number_of_bins_used 
_refine_ls_shell.d_res_high 
_refine_ls_shell.d_res_low 
_refine_ls_shell.number_reflns_R_work 
_refine_ls_shell.R_factor_R_work 
_refine_ls_shell.percent_reflns_obs 
_refine_ls_shell.R_factor_R_free 
_refine_ls_shell.R_factor_R_free_error 
_refine_ls_shell.percent_reflns_R_free 
_refine_ls_shell.number_reflns_R_free 
_refine_ls_shell.number_reflns_all 
_refine_ls_shell.R_factor_all 
_refine_ls_shell.number_reflns_obs 
_refine_ls_shell.redundancy_reflns_obs 
_refine_ls_shell.pdbx_refine_id 
. 1.6727 1.7325  2652 0.2313 91.00 0.2946 . . 139 . . . . 'X-RAY DIFFRACTION' 
. 1.7325 1.8018  2631 0.2110 92.00 0.2614 . . 145 . . . . 'X-RAY DIFFRACTION' 
. 1.8018 1.8838  2701 0.1760 93.00 0.2288 . . 135 . . . . 'X-RAY DIFFRACTION' 
. 1.8838 1.9831  2693 0.1618 94.00 0.1946 . . 167 . . . . 'X-RAY DIFFRACTION' 
. 1.9831 2.1073  2762 0.1545 95.00 0.2189 . . 145 . . . . 'X-RAY DIFFRACTION' 
. 2.1073 2.2699  2811 0.1574 96.00 0.2252 . . 146 . . . . 'X-RAY DIFFRACTION' 
. 2.2699 2.4981  2747 0.1615 96.00 0.1919 . . 142 . . . . 'X-RAY DIFFRACTION' 
. 2.4981 2.8591  2844 0.1691 97.00 0.1829 . . 131 . . . . 'X-RAY DIFFRACTION' 
. 2.8591 3.6002  2865 0.1634 98.00 0.1934 . . 140 . . . . 'X-RAY DIFFRACTION' 
. 3.6002 24.2169 2865 0.1747 99.00 0.1743 . . 154 . . . . 'X-RAY DIFFRACTION' 
# 
_struct.entry_id                  3GX8 
_struct.title                     'Structural and biochemical characterization of yeast monothiol glutaredoxin Grx5' 
_struct.pdbx_model_details        ? 
_struct.pdbx_CASP_flag            ? 
_struct.pdbx_model_type_details   ? 
# 
_struct_keywords.entry_id        3GX8 
_struct_keywords.pdbx_keywords   'ELECTRON TRANSPORT' 
_struct_keywords.text            'Trx fold, ELECTRON TRANSPORT, Mitochondrion, Redox-active center, Transit peptide, Transport' 
# 
loop_
_struct_asym.id 
_struct_asym.pdbx_blank_PDB_chainid_flag 
_struct_asym.pdbx_modified 
_struct_asym.entity_id 
_struct_asym.details 
A N N 1 ? 
B N N 2 ? 
C N N 2 ? 
D N N 3 ? 
# 
_struct_biol.id        1 
_struct_biol.details   ? 
# 
loop_
_struct_conf.conf_type_id 
_struct_conf.id 
_struct_conf.pdbx_PDB_helix_id 
_struct_conf.beg_label_comp_id 
_struct_conf.beg_label_asym_id 
_struct_conf.beg_label_seq_id 
_struct_conf.pdbx_beg_PDB_ins_code 
_struct_conf.end_label_comp_id 
_struct_conf.end_label_asym_id 
_struct_conf.end_label_seq_id 
_struct_conf.pdbx_end_PDB_ins_code 
_struct_conf.beg_auth_comp_id 
_struct_conf.beg_auth_asym_id 
_struct_conf.beg_auth_seq_id 
_struct_conf.end_auth_comp_id 
_struct_conf.end_auth_asym_id 
_struct_conf.end_auth_seq_id 
_struct_conf.pdbx_PDB_helix_class 
_struct_conf.details 
_struct_conf.pdbx_PDB_helix_length 
HELX_P HELX_P1 1 SER A 2  ? SER A 15  ? SER A 31  SER A 44  1 ? 14 
HELX_P HELX_P2 2 GLY A 32 ? GLY A 45  ? GLY A 61  GLY A 74  1 ? 14 
HELX_P HELX_P3 3 ASP A 47 ? ALA A 49  ? ASP A 76  ALA A 78  5 ? 3  
HELX_P HELX_P4 4 ASP A 59 ? GLU A 71  ? ASP A 88  GLU A 100 1 ? 13 
HELX_P HELX_P5 5 GLY A 87 ? GLY A 98  ? GLY A 116 GLY A 127 1 ? 12 
HELX_P HELX_P6 6 GLY A 98 ? ALA A 107 ? GLY A 127 ALA A 136 1 ? 10 
# 
_struct_conf_type.id          HELX_P 
_struct_conf_type.criteria    ? 
_struct_conf_type.reference   ? 
# 
_struct_mon_prot_cis.pdbx_id                1 
_struct_mon_prot_cis.label_comp_id          ILE 
_struct_mon_prot_cis.label_seq_id           75 
_struct_mon_prot_cis.label_asym_id          A 
_struct_mon_prot_cis.label_alt_id           . 
_struct_mon_prot_cis.pdbx_PDB_ins_code      ? 
_struct_mon_prot_cis.auth_comp_id           ILE 
_struct_mon_prot_cis.auth_seq_id            104 
_struct_mon_prot_cis.auth_asym_id           A 
_struct_mon_prot_cis.pdbx_label_comp_id_2   PRO 
_struct_mon_prot_cis.pdbx_label_seq_id_2    76 
_struct_mon_prot_cis.pdbx_label_asym_id_2   A 
_struct_mon_prot_cis.pdbx_PDB_ins_code_2    ? 
_struct_mon_prot_cis.pdbx_auth_comp_id_2    PRO 
_struct_mon_prot_cis.pdbx_auth_seq_id_2     105 
_struct_mon_prot_cis.pdbx_auth_asym_id_2    A 
_struct_mon_prot_cis.pdbx_PDB_model_num     1 
_struct_mon_prot_cis.pdbx_omega_angle       11.35 
# 
_struct_sheet.id               A 
_struct_sheet.type             ? 
_struct_sheet.number_strands   4 
_struct_sheet.details          ? 
# 
loop_
_struct_sheet_order.sheet_id 
_struct_sheet_order.range_id_1 
_struct_sheet_order.range_id_2 
_struct_sheet_order.offset 
_struct_sheet_order.sense 
A 1 2 ? parallel      
A 2 3 ? anti-parallel 
A 3 4 ? anti-parallel 
# 
loop_
_struct_sheet_range.sheet_id 
_struct_sheet_range.id 
_struct_sheet_range.beg_label_comp_id 
_struct_sheet_range.beg_label_asym_id 
_struct_sheet_range.beg_label_seq_id 
_struct_sheet_range.pdbx_beg_PDB_ins_code 
_struct_sheet_range.end_label_comp_id 
_struct_sheet_range.end_label_asym_id 
_struct_sheet_range.end_label_seq_id 
_struct_sheet_range.pdbx_end_PDB_ins_code 
_struct_sheet_range.beg_auth_comp_id 
_struct_sheet_range.beg_auth_asym_id 
_struct_sheet_range.beg_auth_seq_id 
_struct_sheet_range.end_auth_comp_id 
_struct_sheet_range.end_auth_asym_id 
_struct_sheet_range.end_auth_seq_id 
A 1 PHE A 51 ? ASN A 55 ? PHE A 80  ASN A 84  
A 2 VAL A 18 ? MET A 22 ? VAL A 47  MET A 51  
A 3 GLN A 77 ? VAL A 80 ? GLN A 106 VAL A 109 
A 4 GLU A 83 ? GLY A 86 ? GLU A 112 GLY A 115 
# 
loop_
_pdbx_struct_sheet_hbond.sheet_id 
_pdbx_struct_sheet_hbond.range_id_1 
_pdbx_struct_sheet_hbond.range_id_2 
_pdbx_struct_sheet_hbond.range_1_label_atom_id 
_pdbx_struct_sheet_hbond.range_1_label_comp_id 
_pdbx_struct_sheet_hbond.range_1_label_asym_id 
_pdbx_struct_sheet_hbond.range_1_label_seq_id 
_pdbx_struct_sheet_hbond.range_1_PDB_ins_code 
_pdbx_struct_sheet_hbond.range_1_auth_atom_id 
_pdbx_struct_sheet_hbond.range_1_auth_comp_id 
_pdbx_struct_sheet_hbond.range_1_auth_asym_id 
_pdbx_struct_sheet_hbond.range_1_auth_seq_id 
_pdbx_struct_sheet_hbond.range_2_label_atom_id 
_pdbx_struct_sheet_hbond.range_2_label_comp_id 
_pdbx_struct_sheet_hbond.range_2_label_asym_id 
_pdbx_struct_sheet_hbond.range_2_label_seq_id 
_pdbx_struct_sheet_hbond.range_2_PDB_ins_code 
_pdbx_struct_sheet_hbond.range_2_auth_atom_id 
_pdbx_struct_sheet_hbond.range_2_auth_comp_id 
_pdbx_struct_sheet_hbond.range_2_auth_asym_id 
_pdbx_struct_sheet_hbond.range_2_auth_seq_id 
A 1 2 O TYR A 54 ? O TYR A 83  N MET A 22 ? N MET A 51  
A 2 3 N VAL A 19 ? N VAL A 48  O TYR A 79 ? O TYR A 108 
A 3 4 N LEU A 78 ? N LEU A 107 O ILE A 85 ? O ILE A 114 
# 
loop_
_struct_site.id 
_struct_site.pdbx_evidence_code 
_struct_site.pdbx_auth_asym_id 
_struct_site.pdbx_auth_comp_id 
_struct_site.pdbx_auth_seq_id 
_struct_site.pdbx_auth_ins_code 
_struct_site.pdbx_num_residues 
_struct_site.details 
AC1 Software A SO4 1 ? 6 'BINDING SITE FOR RESIDUE SO4 A 1' 
AC2 Software A SO4 2 ? 9 'BINDING SITE FOR RESIDUE SO4 A 2' 
# 
loop_
_struct_site_gen.id 
_struct_site_gen.site_id 
_struct_site_gen.pdbx_num_res 
_struct_site_gen.label_comp_id 
_struct_site_gen.label_asym_id 
_struct_site_gen.label_seq_id 
_struct_site_gen.pdbx_auth_ins_code 
_struct_site_gen.auth_comp_id 
_struct_site_gen.auth_asym_id 
_struct_site_gen.auth_seq_id 
_struct_site_gen.label_atom_id 
_struct_site_gen.label_alt_id 
_struct_site_gen.symmetry 
_struct_site_gen.details 
1  AC1 6 CYS A 31  ? CYS A 60  . ? 1_555 ? 
2  AC1 6 GLY A 32  ? GLY A 61  . ? 1_555 ? 
3  AC1 6 ARG A 35  ? ARG A 64  . ? 1_555 ? 
4  AC1 6 ALA A 49  ? ALA A 78  . ? 6_555 ? 
5  AC1 6 HOH D .   ? HOH A 156 . ? 1_555 ? 
6  AC1 6 HOH D .   ? HOH A 161 . ? 1_555 ? 
7  AC2 9 HOH D .   ? HOH A 11  . ? 1_555 ? 
8  AC2 9 LYS A 23  ? LYS A 52  . ? 1_555 ? 
9  AC2 9 LYS A 30  ? LYS A 59  . ? 1_555 ? 
10 AC2 9 CYS A 31  ? CYS A 60  . ? 1_555 ? 
11 AC2 9 GLY A 32  ? GLY A 61  . ? 1_555 ? 
12 AC2 9 PHE A 33  ? PHE A 62  . ? 1_555 ? 
13 AC2 9 ASP A 102 ? ASP A 131 . ? 2_555 ? 
14 AC2 9 HOH D .   ? HOH A 180 . ? 1_555 ? 
15 AC2 9 HOH D .   ? HOH A 218 . ? 1_555 ? 
# 
_atom_sites.entry_id                    3GX8 
_atom_sites.fract_transf_matrix[1][1]   0.00935274 
_atom_sites.fract_transf_matrix[1][2]   -0.00863413 
_atom_sites.fract_transf_matrix[1][3]   -0.00469069 
_atom_sites.fract_transf_matrix[2][1]   0.00912414 
_atom_sites.fract_transf_matrix[2][2]   0.00418388 
_atom_sites.fract_transf_matrix[2][3]   -0.00912587 
_atom_sites.fract_transf_matrix[3][1]   0.01261570 
_atom_sites.fract_transf_matrix[3][2]   0.00545463 
_atom_sites.fract_transf_matrix[3][3]   0.01511407 
_atom_sites.fract_transf_vector[1]      0.168496 
_atom_sites.fract_transf_vector[2]      -0.023295 
_atom_sites.fract_transf_vector[3]      0.330509 
# 
loop_
_atom_type.symbol 
C 
N 
O 
S 
# 
loop_
_atom_site.group_PDB 
_atom_site.id 
_atom_site.type_symbol 
_atom_site.label_atom_id 
_atom_site.label_alt_id 
_atom_site.label_comp_id 
_atom_site.label_asym_id 
_atom_site.label_entity_id 
_atom_site.label_seq_id 
_atom_site.pdbx_PDB_ins_code 
_atom_site.Cartn_x 
_atom_site.Cartn_y 
_atom_site.Cartn_z 
_atom_site.occupancy 
_atom_site.B_iso_or_equiv 
_atom_site.pdbx_formal_charge 
_atom_site.auth_seq_id 
_atom_site.auth_comp_id 
_atom_site.auth_asym_id 
_atom_site.auth_atom_id 
_atom_site.pdbx_PDB_model_num 
ATOM   1   N N   . SER A 1 2   ? -4.324  -1.289  -20.191 1.00 38.74 ? 31  SER A N   1 
ATOM   2   C CA  . SER A 1 2   ? -4.766  -2.495  -20.883 1.00 43.11 ? 31  SER A CA  1 
ATOM   3   C C   . SER A 1 2   ? -5.751  -3.318  -20.056 1.00 50.01 ? 31  SER A C   1 
ATOM   4   O O   . SER A 1 2   ? -5.890  -3.119  -18.846 1.00 36.82 ? 31  SER A O   1 
ATOM   5   C CB  . SER A 1 2   ? -3.566  -3.360  -21.281 1.00 43.69 ? 31  SER A CB  1 
ATOM   6   O OG  . SER A 1 2   ? -2.881  -3.851  -20.141 1.00 40.63 ? 31  SER A OG  1 
ATOM   7   N N   . THR A 1 3   ? -6.435  -4.240  -20.725 1.00 43.91 ? 32  THR A N   1 
ATOM   8   C CA  . THR A 1 3   ? -7.388  -5.125  -20.070 1.00 44.88 ? 32  THR A CA  1 
ATOM   9   C C   . THR A 1 3   ? -6.707  -5.929  -18.970 1.00 39.49 ? 32  THR A C   1 
ATOM   10  O O   . THR A 1 3   ? -7.238  -6.069  -17.869 1.00 37.54 ? 32  THR A O   1 
ATOM   11  C CB  . THR A 1 3   ? -8.017  -6.103  -21.079 1.00 47.05 ? 32  THR A CB  1 
ATOM   12  O OG1 . THR A 1 3   ? -8.672  -5.364  -22.117 1.00 50.76 ? 32  THR A OG1 1 
ATOM   13  C CG2 . THR A 1 3   ? -9.024  -7.010  -20.391 1.00 52.78 ? 32  THR A CG2 1 
ATOM   14  N N   . GLU A 1 4   ? -5.525  -6.453  -19.275 1.00 39.78 ? 33  GLU A N   1 
ATOM   15  C CA  . GLU A 1 4   ? -4.796  -7.285  -18.330 1.00 38.18 ? 33  GLU A CA  1 
ATOM   16  C C   . GLU A 1 4   ? -4.321  -6.493  -17.110 1.00 39.24 ? 33  GLU A C   1 
ATOM   17  O O   . GLU A 1 4   ? -4.440  -6.957  -15.972 1.00 32.32 ? 33  GLU A O   1 
ATOM   18  C CB  . GLU A 1 4   ? -3.616  -7.985  -19.014 1.00 37.31 ? 33  GLU A CB  1 
ATOM   19  C CG  . GLU A 1 4   ? -2.801  -7.102  -19.951 1.00 51.09 ? 33  GLU A CG  1 
ATOM   20  C CD  . GLU A 1 4   ? -3.242  -7.208  -21.406 1.00 55.40 ? 33  GLU A CD  1 
ATOM   21  O OE1 . GLU A 1 4   ? -2.475  -7.776  -22.212 1.00 52.43 ? 33  GLU A OE1 1 
ATOM   22  O OE2 . GLU A 1 4   ? -4.350  -6.731  -21.746 1.00 48.56 ? 33  GLU A OE2 1 
ATOM   23  N N   . ILE A 1 5   ? -3.794  -5.297  -17.350 1.00 34.71 ? 34  ILE A N   1 
ATOM   24  C CA  . ILE A 1 5   ? -3.265  -4.467  -16.271 1.00 30.22 ? 34  ILE A CA  1 
ATOM   25  C C   . ILE A 1 5   ? -4.363  -3.948  -15.348 1.00 29.00 ? 34  ILE A C   1 
ATOM   26  O O   . ILE A 1 5   ? -4.182  -3.881  -14.128 1.00 24.06 ? 34  ILE A O   1 
ATOM   27  C CB  . ILE A 1 5   ? -2.425  -3.291  -16.817 1.00 31.17 ? 34  ILE A CB  1 
ATOM   28  C CG1 . ILE A 1 5   ? -1.058  -3.797  -17.278 1.00 37.76 ? 34  ILE A CG1 1 
ATOM   29  C CG2 . ILE A 1 5   ? -2.246  -2.220  -15.756 1.00 33.08 ? 34  ILE A CG2 1 
ATOM   30  C CD1 . ILE A 1 5   ? -0.265  -4.483  -16.180 1.00 37.88 ? 34  ILE A CD1 1 
ATOM   31  N N   . ARG A 1 6   ? -5.505  -3.582  -15.922 1.00 28.57 ? 35  ARG A N   1 
ATOM   32  C CA  . ARG A 1 6   ? -6.624  -3.129  -15.108 1.00 28.52 ? 35  ARG A CA  1 
ATOM   33  C C   . ARG A 1 6   ? -7.137  -4.260  -14.228 1.00 28.26 ? 35  ARG A C   1 
ATOM   34  O O   . ARG A 1 6   ? -7.454  -4.051  -13.061 1.00 26.36 ? 35  ARG A O   1 
ATOM   35  C CB  . ARG A 1 6   ? -7.765  -2.578  -15.968 1.00 36.00 ? 35  ARG A CB  1 
ATOM   36  C CG  . ARG A 1 6   ? -8.953  -2.084  -15.147 1.00 38.99 ? 35  ARG A CG  1 
ATOM   37  C CD  . ARG A 1 6   ? -10.005 -1.406  -16.010 1.00 49.07 ? 35  ARG A CD  1 
ATOM   38  N NE  . ARG A 1 6   ? -9.498  -0.184  -16.630 1.00 59.55 ? 35  ARG A NE  1 
ATOM   39  C CZ  . ARG A 1 6   ? -9.515  1.012   -16.049 1.00 62.39 ? 35  ARG A CZ  1 
ATOM   40  N NH1 . ARG A 1 6   ? -9.031  2.070   -16.689 1.00 51.76 ? 35  ARG A NH1 1 
ATOM   41  N NH2 . ARG A 1 6   ? -10.015 1.154   -14.829 1.00 56.51 ? 35  ARG A NH2 1 
ATOM   42  N N   . LYS A 1 7   ? -7.219  -5.460  -14.793 1.00 27.86 ? 36  LYS A N   1 
ATOM   43  C CA  . LYS A 1 7   ? -7.666  -6.620  -14.030 1.00 27.26 ? 36  LYS A CA  1 
ATOM   44  C C   . LYS A 1 7   ? -6.671  -6.933  -12.916 1.00 22.97 ? 36  LYS A C   1 
ATOM   45  O O   . LYS A 1 7   ? -7.065  -7.216  -11.780 1.00 23.68 ? 36  LYS A O   1 
ATOM   46  C CB  . LYS A 1 7   ? -7.845  -7.829  -14.951 1.00 30.88 ? 36  LYS A CB  1 
ATOM   47  C CG  . LYS A 1 7   ? -8.500  -9.033  -14.290 1.00 38.02 ? 36  LYS A CG  1 
ATOM   48  C CD  . LYS A 1 7   ? -8.677  -10.174 -15.287 1.00 44.86 ? 36  LYS A CD  1 
ATOM   49  C CE  . LYS A 1 7   ? -9.439  -11.339 -14.674 1.00 62.34 ? 36  LYS A CE  1 
ATOM   50  N NZ  . LYS A 1 7   ? -9.559  -12.495 -15.613 1.00 72.56 ? 36  LYS A NZ  1 
ATOM   51  N N   . ALA A 1 8   ? -5.384  -6.874  -13.247 1.00 23.24 ? 37  ALA A N   1 
ATOM   52  C CA  . ALA A 1 8   ? -4.322  -7.097  -12.275 1.00 22.91 ? 37  ALA A CA  1 
ATOM   53  C C   . ALA A 1 8   ? -4.446  -6.123  -11.107 1.00 22.97 ? 37  ALA A C   1 
ATOM   54  O O   . ALA A 1 8   ? -4.371  -6.520  -9.946  1.00 21.19 ? 37  ALA A O   1 
ATOM   55  C CB  . ALA A 1 8   ? -2.957  -6.968  -12.933 1.00 20.78 ? 37  ALA A CB  1 
ATOM   56  N N   . ILE A 1 9   ? -4.643  -4.845  -11.415 1.00 19.81 ? 38  ILE A N   1 
ATOM   57  C CA  . ILE A 1 9   ? -4.809  -3.839  -10.362 1.00 21.03 ? 38  ILE A CA  1 
ATOM   58  C C   . ILE A 1 9   ? -6.037  -4.098  -9.488  1.00 18.67 ? 38  ILE A C   1 
ATOM   59  O O   . ILE A 1 9   ? -5.973  -4.002  -8.253  1.00 17.73 ? 38  ILE A O   1 
ATOM   60  C CB  . ILE A 1 9   ? -4.875  -2.420  -10.960 1.00 17.83 ? 38  ILE A CB  1 
ATOM   61  C CG1 . ILE A 1 9   ? -3.498  -2.031  -11.487 1.00 21.10 ? 38  ILE A CG1 1 
ATOM   62  C CG2 . ILE A 1 9   ? -5.364  -1.418  -9.923  1.00 19.18 ? 38  ILE A CG2 1 
ATOM   63  C CD1 . ILE A 1 9   ? -3.518  -0.819  -12.425 1.00 24.88 ? 38  ILE A CD1 1 
ATOM   64  N N   . GLU A 1 10  ? -7.156  -4.430  -10.121 1.00 19.75 ? 39  GLU A N   1 
ATOM   65  C CA  . GLU A 1 10  ? -8.368  -4.765  -9.378  1.00 20.12 ? 39  GLU A CA  1 
ATOM   66  C C   . GLU A 1 10  ? -8.123  -5.975  -8.465  1.00 18.46 ? 39  GLU A C   1 
ATOM   67  O O   . GLU A 1 10  ? -8.493  -5.964  -7.283  1.00 18.42 ? 39  GLU A O   1 
ATOM   68  C CB  . GLU A 1 10  ? -9.516  -5.055  -10.343 1.00 25.54 ? 39  GLU A CB  1 
ATOM   69  C CG  . GLU A 1 10  ? -9.936  -3.851  -11.180 1.00 31.47 ? 39  GLU A CG  1 
ATOM   70  C CD  . GLU A 1 10  ? -10.546 -2.739  -10.343 1.00 44.04 ? 39  GLU A CD  1 
ATOM   71  O OE1 . GLU A 1 10  ? -10.845 -2.977  -9.153  1.00 51.45 ? 39  GLU A OE1 1 
ATOM   72  O OE2 . GLU A 1 10  ? -10.731 -1.625  -10.877 1.00 52.31 ? 39  GLU A OE2 1 
ATOM   73  N N   . ASP A 1 11  ? -7.501  -7.015  -9.017  1.00 20.87 ? 40  ASP A N   1 
ATOM   74  C CA  . ASP A 1 11  ? -7.192  -8.210  -8.227  1.00 18.83 ? 40  ASP A CA  1 
ATOM   75  C C   . ASP A 1 11  ? -6.281  -7.855  -7.057  1.00 16.51 ? 40  ASP A C   1 
ATOM   76  O O   . ASP A 1 11  ? -6.473  -8.324  -5.927  1.00 16.56 ? 40  ASP A O   1 
ATOM   77  C CB  . ASP A 1 11  ? -6.550  -9.311  -9.083  1.00 17.25 ? 40  ASP A CB  1 
ATOM   78  C CG  . ASP A 1 11  ? -7.533  -9.958  -10.050 1.00 19.53 ? 40  ASP A CG  1 
ATOM   79  O OD1 . ASP A 1 11  ? -8.753  -9.781  -9.878  1.00 24.23 ? 40  ASP A OD1 1 
ATOM   80  O OD2 . ASP A 1 11  ? -7.082  -10.643 -10.991 1.00 25.15 ? 40  ASP A OD2 1 
ATOM   81  N N   . ALA A 1 12  ? -5.288  -7.015  -7.324  1.00 16.85 ? 41  ALA A N   1 
ATOM   82  C CA  . ALA A 1 12  ? -4.360  -6.614  -6.278  1.00 16.51 ? 41  ALA A CA  1 
ATOM   83  C C   . ALA A 1 12  ? -5.100  -5.903  -5.143  1.00 14.32 ? 41  ALA A C   1 
ATOM   84  O O   . ALA A 1 12  ? -4.935  -6.235  -3.969  1.00 14.64 ? 41  ALA A O   1 
ATOM   85  C CB  . ALA A 1 12  ? -3.254  -5.731  -6.853  1.00 16.70 ? 41  ALA A CB  1 
ATOM   86  N N   . ILE A 1 13  ? -5.931  -4.924  -5.484  1.00 17.27 ? 42  ILE A N   1 
ATOM   87  C CA  . ILE A 1 13  ? -6.572  -4.142  -4.434  1.00 16.24 ? 42  ILE A CA  1 
ATOM   88  C C   . ILE A 1 13  ? -7.641  -4.911  -3.666  1.00 14.80 ? 42  ILE A C   1 
ATOM   89  O O   . ILE A 1 13  ? -7.914  -4.614  -2.515  1.00 18.47 ? 42  ILE A O   1 
ATOM   90  C CB  . ILE A 1 13  ? -7.108  -2.790  -4.955  1.00 17.47 ? 42  ILE A CB  1 
ATOM   91  C CG1 . ILE A 1 13  ? -8.224  -2.994  -5.973  1.00 24.69 ? 42  ILE A CG1 1 
ATOM   92  C CG2 . ILE A 1 13  ? -5.972  -1.992  -5.568  1.00 15.66 ? 42  ILE A CG2 1 
ATOM   93  C CD1 . ILE A 1 13  ? -8.884  -1.683  -6.389  1.00 25.74 ? 42  ILE A CD1 1 
ATOM   94  N N   . GLU A 1 14  ? -8.232  -5.926  -4.283  1.00 18.65 ? 43  GLU A N   1 
ATOM   95  C CA  . GLU A 1 14  ? -9.224  -6.706  -3.541  1.00 19.32 ? 43  GLU A CA  1 
ATOM   96  C C   . GLU A 1 14  ? -8.610  -7.878  -2.778  1.00 19.25 ? 43  GLU A C   1 
ATOM   97  O O   . GLU A 1 14  ? -9.301  -8.567  -2.022  1.00 17.49 ? 43  GLU A O   1 
ATOM   98  C CB  . GLU A 1 14  ? -10.370 -7.162  -4.439  1.00 22.34 ? 43  GLU A CB  1 
ATOM   99  C CG  . GLU A 1 14  ? -10.030 -8.188  -5.479  1.00 24.55 ? 43  GLU A CG  1 
ATOM   100 C CD  . GLU A 1 14  ? -11.255 -8.574  -6.294  1.00 38.42 ? 43  GLU A CD  1 
ATOM   101 O OE1 . GLU A 1 14  ? -11.126 -9.377  -7.242  1.00 44.83 ? 43  GLU A OE1 1 
ATOM   102 O OE2 . GLU A 1 14  ? -12.353 -8.066  -5.988  1.00 50.27 ? 43  GLU A OE2 1 
ATOM   103 N N   . SER A 1 15  ? -7.307  -8.070  -2.942  1.00 16.47 ? 44  SER A N   1 
ATOM   104 C CA  . SER A 1 15  ? -6.629  -9.219  -2.328  1.00 15.40 ? 44  SER A CA  1 
ATOM   105 C C   . SER A 1 15  ? -6.510  -9.146  -0.798  1.00 17.09 ? 44  SER A C   1 
ATOM   106 O O   . SER A 1 15  ? -6.313  -10.163 -0.141  1.00 16.47 ? 44  SER A O   1 
ATOM   107 C CB  . SER A 1 15  ? -5.254  -9.432  -2.957  1.00 14.84 ? 44  SER A CB  1 
ATOM   108 O OG  . SER A 1 15  ? -4.349  -8.410  -2.569  1.00 15.88 ? 44  SER A OG  1 
ATOM   109 N N   . ALA A 1 16  ? -6.617  -7.947  -0.231  1.00 12.51 ? 45  ALA A N   1 
ATOM   110 C CA  . ALA A 1 16  ? -6.558  -7.794  1.218   1.00 13.40 ? 45  ALA A CA  1 
ATOM   111 C C   . ALA A 1 16  ? -7.175  -6.476  1.651   1.00 16.45 ? 45  ALA A C   1 
ATOM   112 O O   . ALA A 1 16  ? -7.252  -5.536  0.865   1.00 15.28 ? 45  ALA A O   1 
ATOM   113 C CB  . ALA A 1 16  ? -5.116  -7.890  1.712   1.00 16.22 ? 45  ALA A CB  1 
ATOM   114 N N   . PRO A 1 17  ? -7.617  -6.397  2.909   1.00 13.00 ? 46  PRO A N   1 
ATOM   115 C CA  . PRO A 1 17  ? -8.119  -5.097  3.374   1.00 15.74 ? 46  PRO A CA  1 
ATOM   116 C C   . PRO A 1 17  ? -7.059  -3.997  3.263   1.00 15.77 ? 46  PRO A C   1 
ATOM   117 O O   . PRO A 1 17  ? -7.401  -2.859  2.944   1.00 18.81 ? 46  PRO A O   1 
ATOM   118 C CB  . PRO A 1 17  ? -8.467  -5.365  4.838   1.00 19.86 ? 46  PRO A CB  1 
ATOM   119 C CG  . PRO A 1 17  ? -8.787  -6.847  4.872   1.00 18.20 ? 46  PRO A CG  1 
ATOM   120 C CD  . PRO A 1 17  ? -7.834  -7.470  3.897   1.00 16.73 ? 46  PRO A CD  1 
ATOM   121 N N   . VAL A 1 18  ? -5.799  -4.335  3.521   1.00 13.79 ? 47  VAL A N   1 
ATOM   122 C CA  . VAL A 1 18  ? -4.707  -3.367  3.432   1.00 14.07 ? 47  VAL A CA  1 
ATOM   123 C C   . VAL A 1 18  ? -3.734  -3.827  2.350   1.00 15.50 ? 47  VAL A C   1 
ATOM   124 O O   . VAL A 1 18  ? -3.179  -4.921  2.435   1.00 14.05 ? 47  VAL A O   1 
ATOM   125 C CB  . VAL A 1 18  ? -3.955  -3.233  4.776   1.00 15.81 ? 47  VAL A CB  1 
ATOM   126 C CG1 . VAL A 1 18  ? -2.864  -2.175  4.681   1.00 16.42 ? 47  VAL A CG1 1 
ATOM   127 C CG2 . VAL A 1 18  ? -4.937  -2.902  5.905   1.00 16.48 ? 47  VAL A CG2 1 
ATOM   128 N N   . VAL A 1 19  ? -3.535  -2.993  1.332   1.00 11.42 ? 48  VAL A N   1 
ATOM   129 C CA  . VAL A 1 19  ? -2.694  -3.371  0.199   1.00 10.71 ? 48  VAL A CA  1 
ATOM   130 C C   . VAL A 1 19  ? -1.669  -2.274  -0.061  1.00 12.07 ? 48  VAL A C   1 
ATOM   131 O O   . VAL A 1 19  ? -2.021  -1.102  -0.119  1.00 13.41 ? 48  VAL A O   1 
ATOM   132 C CB  . VAL A 1 19  ? -3.531  -3.598  -1.076  1.00 13.35 ? 48  VAL A CB  1 
ATOM   133 C CG1 . VAL A 1 19  ? -2.627  -3.812  -2.295  1.00 14.42 ? 48  VAL A CG1 1 
ATOM   134 C CG2 . VAL A 1 19  ? -4.466  -4.794  -0.898  1.00 13.84 ? 48  VAL A CG2 1 
ATOM   135 N N   . LEU A 1 20  ? -0.403  -2.655  -0.201  1.00 13.59 ? 49  LEU A N   1 
ATOM   136 C CA  . LEU A 1 20  ? 0.651   -1.674  -0.474  1.00 12.52 ? 49  LEU A CA  1 
ATOM   137 C C   . LEU A 1 20  ? 1.355   -1.993  -1.792  1.00 15.19 ? 49  LEU A C   1 
ATOM   138 O O   . LEU A 1 20  ? 1.874   -3.096  -1.972  1.00 13.17 ? 49  LEU A O   1 
ATOM   139 C CB  . LEU A 1 20  ? 1.679   -1.643  0.660   1.00 12.92 ? 49  LEU A CB  1 
ATOM   140 C CG  . LEU A 1 20  ? 2.720   -0.512  0.591   1.00 13.76 ? 49  LEU A CG  1 
ATOM   141 C CD1 . LEU A 1 20  ? 2.036   0.796   0.961   1.00 14.03 ? 49  LEU A CD1 1 
ATOM   142 C CD2 . LEU A 1 20  ? 3.904   -0.773  1.530   1.00 16.15 ? 49  LEU A CD2 1 
ATOM   143 N N   . PHE A 1 21  ? 1.346   -1.042  -2.721  1.00 13.10 ? 50  PHE A N   1 
ATOM   144 C CA  . PHE A 1 21  ? 2.182   -1.144  -3.918  1.00 14.45 ? 50  PHE A CA  1 
ATOM   145 C C   . PHE A 1 21  ? 3.522   -0.517  -3.559  1.00 13.43 ? 50  PHE A C   1 
ATOM   146 O O   . PHE A 1 21  ? 3.567   0.619   -3.081  1.00 12.94 ? 50  PHE A O   1 
ATOM   147 C CB  . PHE A 1 21  ? 1.525   -0.419  -5.101  1.00 13.89 ? 50  PHE A CB  1 
ATOM   148 C CG  . PHE A 1 21  ? 0.229   -1.041  -5.536  1.00 14.00 ? 50  PHE A CG  1 
ATOM   149 C CD1 . PHE A 1 21  ? -0.987  -0.559  -5.058  1.00 13.71 ? 50  PHE A CD1 1 
ATOM   150 C CD2 . PHE A 1 21  ? 0.220   -2.124  -6.406  1.00 15.58 ? 50  PHE A CD2 1 
ATOM   151 C CE1 . PHE A 1 21  ? -2.175  -1.143  -5.440  1.00 16.87 ? 50  PHE A CE1 1 
ATOM   152 C CE2 . PHE A 1 21  ? -0.968  -2.709  -6.801  1.00 16.42 ? 50  PHE A CE2 1 
ATOM   153 C CZ  . PHE A 1 21  ? -2.176  -2.213  -6.319  1.00 17.39 ? 50  PHE A CZ  1 
ATOM   154 N N   . MET A 1 22  ? 4.616   -1.254  -3.747  1.00 13.35 ? 51  MET A N   1 
ATOM   155 C CA  . MET A 1 22  ? 5.888   -0.816  -3.194  1.00 14.12 ? 51  MET A CA  1 
ATOM   156 C C   . MET A 1 22  ? 7.061   -1.197  -4.092  1.00 15.71 ? 51  MET A C   1 
ATOM   157 O O   . MET A 1 22  ? 6.906   -1.979  -5.029  1.00 14.13 ? 51  MET A O   1 
ATOM   158 C CB  . MET A 1 22  ? 6.091   -1.443  -1.811  1.00 14.22 ? 51  MET A CB  1 
ATOM   159 C CG  . MET A 1 22  ? 6.183   -2.974  -1.850  1.00 17.04 ? 51  MET A CG  1 
ATOM   160 S SD  . MET A 1 22  ? 6.474   -3.733  -0.247  1.00 15.57 ? 51  MET A SD  1 
ATOM   161 C CE  . MET A 1 22  ? 8.087   -3.062  0.158   1.00 17.38 ? 51  MET A CE  1 
ATOM   162 N N   . LYS A 1 23  ? 8.225   -0.626  -3.794  1.00 13.65 ? 52  LYS A N   1 
ATOM   163 C CA  . LYS A 1 23  ? 9.472   -1.080  -4.407  1.00 15.26 ? 52  LYS A CA  1 
ATOM   164 C C   . LYS A 1 23  ? 10.074  -2.174  -3.527  1.00 16.46 ? 52  LYS A C   1 
ATOM   165 O O   . LYS A 1 23  ? 10.329  -1.961  -2.338  1.00 14.87 ? 52  LYS A O   1 
ATOM   166 C CB  . LYS A 1 23  ? 10.444  0.089   -4.572  1.00 15.32 ? 52  LYS A CB  1 
ATOM   167 C CG  . LYS A 1 23  ? 9.922   1.171   -5.499  1.00 14.73 ? 52  LYS A CG  1 
ATOM   168 C CD  . LYS A 1 23  ? 10.919  2.315   -5.621  1.00 18.03 ? 52  LYS A CD  1 
ATOM   169 C CE  . LYS A 1 23  ? 10.348  3.447   -6.461  1.00 22.21 ? 52  LYS A CE  1 
ATOM   170 N NZ  . LYS A 1 23  ? 11.315  4.576   -6.603  1.00 24.89 ? 52  LYS A NZ  1 
ATOM   171 N N   . GLY A 1 24  ? 10.302  -3.346  -4.117  1.00 15.48 ? 53  GLY A N   1 
ATOM   172 C CA  . GLY A 1 24  ? 10.744  -4.504  -3.361  1.00 14.15 ? 53  GLY A CA  1 
ATOM   173 C C   . GLY A 1 24  ? 9.561   -5.255  -2.767  1.00 16.01 ? 53  GLY A C   1 
ATOM   174 O O   . GLY A 1 24  ? 8.419   -5.069  -3.205  1.00 16.82 ? 53  GLY A O   1 
ATOM   175 N N   . THR A 1 25  ? 9.833   -6.095  -1.771  1.00 14.85 ? 54  THR A N   1 
ATOM   176 C CA  . THR A 1 25  ? 8.793   -6.866  -1.082  1.00 15.14 ? 54  THR A CA  1 
ATOM   177 C C   . THR A 1 25  ? 8.920   -6.653  0.423   1.00 17.41 ? 54  THR A C   1 
ATOM   178 O O   . THR A 1 25  ? 9.914   -6.104  0.891   1.00 17.58 ? 54  THR A O   1 
ATOM   179 C CB  . THR A 1 25  ? 8.938   -8.376  -1.372  1.00 18.71 ? 54  THR A CB  1 
ATOM   180 O OG1 . THR A 1 25  ? 10.123  -8.865  -0.735  1.00 19.69 ? 54  THR A OG1 1 
ATOM   181 C CG2 . THR A 1 25  ? 9.021   -8.633  -2.863  1.00 22.03 ? 54  THR A CG2 1 
ATOM   182 N N   . PRO A 1 26  ? 7.921   -7.096  1.204   1.00 18.13 ? 55  PRO A N   1 
ATOM   183 C CA  . PRO A 1 26  ? 8.069   -6.921  2.654   1.00 17.85 ? 55  PRO A CA  1 
ATOM   184 C C   . PRO A 1 26  ? 9.327   -7.628  3.184   1.00 17.96 ? 55  PRO A C   1 
ATOM   185 O O   . PRO A 1 26  ? 9.939   -7.140  4.128   1.00 21.19 ? 55  PRO A O   1 
ATOM   186 C CB  . PRO A 1 26  ? 6.799   -7.573  3.216   1.00 24.94 ? 55  PRO A CB  1 
ATOM   187 C CG  . PRO A 1 26  ? 5.793   -7.438  2.106   1.00 20.22 ? 55  PRO A CG  1 
ATOM   188 C CD  . PRO A 1 26  ? 6.588   -7.612  0.836   1.00 20.91 ? 55  PRO A CD  1 
ATOM   189 N N   . GLU A 1 27  ? 9.718   -8.737  2.565   1.00 17.44 ? 56  GLU A N   1 
ATOM   190 C CA  . GLU A 1 27  ? 10.928  -9.447  2.981   1.00 19.01 ? 56  GLU A CA  1 
ATOM   191 C C   . GLU A 1 27  ? 12.197  -8.723  2.515   1.00 17.67 ? 56  GLU A C   1 
ATOM   192 O O   . GLU A 1 27  ? 13.194  -8.660  3.237   1.00 17.88 ? 56  GLU A O   1 
ATOM   193 C CB  . GLU A 1 27  ? 10.928  -10.879 2.446   1.00 20.81 ? 56  GLU A CB  1 
ATOM   194 C CG  . GLU A 1 27  ? 12.061  -11.729 3.007   1.00 26.81 ? 56  GLU A CG  1 
ATOM   195 C CD  . GLU A 1 27  ? 12.090  -13.135 2.437   1.00 38.07 ? 56  GLU A CD  1 
ATOM   196 O OE1 . GLU A 1 27  ? 11.229  -13.460 1.592   1.00 35.87 ? 56  GLU A OE1 1 
ATOM   197 O OE2 . GLU A 1 27  ? 12.986  -13.913 2.833   1.00 38.51 ? 56  GLU A OE2 1 
ATOM   198 N N   . PHE A 1 28  ? 12.143  -8.172  1.308   1.00 15.89 ? 57  PHE A N   1 
ATOM   199 C CA  . PHE A 1 28  ? 13.273  -7.456  0.732   1.00 14.73 ? 57  PHE A CA  1 
ATOM   200 C C   . PHE A 1 28  ? 12.826  -6.065  0.297   1.00 14.72 ? 57  PHE A C   1 
ATOM   201 O O   . PHE A 1 28  ? 12.725  -5.779  -0.892  1.00 15.87 ? 57  PHE A O   1 
ATOM   202 C CB  . PHE A 1 28  ? 13.842  -8.236  -0.456  1.00 16.27 ? 57  PHE A CB  1 
ATOM   203 C CG  . PHE A 1 28  ? 14.174  -9.672  -0.129  1.00 18.92 ? 57  PHE A CG  1 
ATOM   204 C CD1 . PHE A 1 28  ? 13.397  -10.706 -0.618  1.00 21.53 ? 57  PHE A CD1 1 
ATOM   205 C CD2 . PHE A 1 28  ? 15.253  -9.975  0.687   1.00 17.08 ? 57  PHE A CD2 1 
ATOM   206 C CE1 . PHE A 1 28  ? 13.699  -12.032 -0.308  1.00 22.05 ? 57  PHE A CE1 1 
ATOM   207 C CE2 . PHE A 1 28  ? 15.560  -11.301 1.006   1.00 16.27 ? 57  PHE A CE2 1 
ATOM   208 C CZ  . PHE A 1 28  ? 14.787  -12.320 0.502   1.00 20.05 ? 57  PHE A CZ  1 
ATOM   209 N N   . PRO A 1 29  ? 12.528  -5.200  1.268   1.00 14.34 ? 58  PRO A N   1 
ATOM   210 C CA  . PRO A 1 29  ? 11.979  -3.886  0.896   1.00 13.51 ? 58  PRO A CA  1 
ATOM   211 C C   . PRO A 1 29  ? 13.060  -2.931  0.399   1.00 14.60 ? 58  PRO A C   1 
ATOM   212 O O   . PRO A 1 29  ? 14.136  -2.863  0.989   1.00 15.87 ? 58  PRO A O   1 
ATOM   213 C CB  . PRO A 1 29  ? 11.387  -3.374  2.211   1.00 17.25 ? 58  PRO A CB  1 
ATOM   214 C CG  . PRO A 1 29  ? 12.185  -4.037  3.275   1.00 17.35 ? 58  PRO A CG  1 
ATOM   215 C CD  . PRO A 1 29  ? 12.579  -5.399  2.729   1.00 15.24 ? 58  PRO A CD  1 
ATOM   216 N N   . LYS A 1 30  ? 12.779  -2.178  -0.662  1.00 14.47 ? 59  LYS A N   1 
ATOM   217 C CA  . LYS A 1 30  ? 13.788  -1.254  -1.160  1.00 15.86 ? 59  LYS A CA  1 
ATOM   218 C C   . LYS A 1 30  ? 13.982  -0.108  -0.165  1.00 16.09 ? 59  LYS A C   1 
ATOM   219 O O   . LYS A 1 30  ? 13.017  0.515   0.277   1.00 15.17 ? 59  LYS A O   1 
ATOM   220 C CB  . LYS A 1 30  ? 13.443  -0.723  -2.553  1.00 15.20 ? 59  LYS A CB  1 
ATOM   221 C CG  . LYS A 1 30  ? 14.568  0.143   -3.155  1.00 18.63 ? 59  LYS A CG  1 
ATOM   222 C CD  . LYS A 1 30  ? 14.171  0.715   -4.500  1.00 29.72 ? 59  LYS A CD  1 
ATOM   223 C CE  . LYS A 1 30  ? 15.214  1.701   -5.013  1.00 41.76 ? 59  LYS A CE  1 
ATOM   224 N NZ  . LYS A 1 30  ? 15.369  2.871   -4.097  1.00 40.98 ? 59  LYS A NZ  1 
ATOM   225 N N   . CYS A 1 31  ? 15.230  0.148   0.204   1.00 15.22 ? 60  CYS A N   1 
ATOM   226 C CA  . CYS A 1 31  ? 15.531  1.235   1.129   1.00 15.82 ? 60  CYS A CA  1 
ATOM   227 C C   . CYS A 1 31  ? 14.928  2.529   0.608   1.00 16.97 ? 60  CYS A C   1 
ATOM   228 O O   . CYS A 1 31  ? 14.799  2.728   -0.600  1.00 15.99 ? 60  CYS A O   1 
ATOM   229 C CB  . CYS A 1 31  ? 17.044  1.382   1.326   1.00 21.02 ? 60  CYS A CB  1 
ATOM   230 S SG  . CYS A 1 31  ? 17.928  1.985   -0.122  1.00 20.65 ? 60  CYS A SG  1 
ATOM   231 N N   . GLY A 1 32  ? 14.543  3.401   1.528   1.00 19.23 ? 61  GLY A N   1 
ATOM   232 C CA  . GLY A 1 32  ? 13.871  4.626   1.148   1.00 20.34 ? 61  GLY A CA  1 
ATOM   233 C C   . GLY A 1 32  ? 12.423  4.565   1.582   1.00 17.05 ? 61  GLY A C   1 
ATOM   234 O O   . GLY A 1 32  ? 12.098  3.949   2.594   1.00 18.32 ? 61  GLY A O   1 
ATOM   235 N N   . PHE A 1 33  ? 11.549  5.194   0.806   1.00 17.82 ? 62  PHE A N   1 
ATOM   236 C CA  . PHE A 1 33  ? 10.164  5.365   1.227   1.00 17.70 ? 62  PHE A CA  1 
ATOM   237 C C   . PHE A 1 33  ? 9.383   4.054   1.293   1.00 16.94 ? 62  PHE A C   1 
ATOM   238 O O   . PHE A 1 33  ? 8.476   3.915   2.111   1.00 16.31 ? 62  PHE A O   1 
ATOM   239 C CB  . PHE A 1 33  ? 9.453   6.364   0.324   1.00 16.91 ? 62  PHE A CB  1 
ATOM   240 C CG  . PHE A 1 33  ? 10.054  7.751   0.365   1.00 20.48 ? 62  PHE A CG  1 
ATOM   241 C CD1 . PHE A 1 33  ? 9.994   8.513   1.526   1.00 25.59 ? 62  PHE A CD1 1 
ATOM   242 C CD2 . PHE A 1 33  ? 10.676  8.285   -0.752  1.00 26.10 ? 62  PHE A CD2 1 
ATOM   243 C CE1 . PHE A 1 33  ? 10.542  9.793   1.566   1.00 25.89 ? 62  PHE A CE1 1 
ATOM   244 C CE2 . PHE A 1 33  ? 11.229  9.565   -0.714  1.00 29.62 ? 62  PHE A CE2 1 
ATOM   245 C CZ  . PHE A 1 33  ? 11.160  10.312  0.445   1.00 27.45 ? 62  PHE A CZ  1 
ATOM   246 N N   . SER A 1 34  ? 9.725   3.089   0.442   1.00 14.88 ? 63  SER A N   1 
ATOM   247 C CA  . SER A 1 34  ? 9.042   1.797   0.524   1.00 15.45 ? 63  SER A CA  1 
ATOM   248 C C   . SER A 1 34  ? 9.365   1.071   1.833   1.00 15.82 ? 63  SER A C   1 
ATOM   249 O O   . SER A 1 34  ? 8.459   0.622   2.536   1.00 15.09 ? 63  SER A O   1 
ATOM   250 C CB  . SER A 1 34  ? 9.313   0.910   -0.701  1.00 13.39 ? 63  SER A CB  1 
ATOM   251 O OG  . SER A 1 34  ? 8.627   1.385   -1.840  1.00 15.88 ? 63  SER A OG  1 
ATOM   252 N N   . ARG A 1 35  ? 10.650  0.951   2.171   1.00 16.40 ? 64  ARG A N   1 
ATOM   253 C CA  . ARG A 1 35  ? 11.022  0.316   3.436   1.00 16.95 ? 64  ARG A CA  1 
ATOM   254 C C   . ARG A 1 35  ? 10.483  1.079   4.651   1.00 15.35 ? 64  ARG A C   1 
ATOM   255 O O   . ARG A 1 35  ? 9.978   0.482   5.601   1.00 17.30 ? 64  ARG A O   1 
ATOM   256 C CB  . ARG A 1 35  ? 12.542  0.162   3.547   1.00 17.05 ? 64  ARG A CB  1 
ATOM   257 C CG  . ARG A 1 35  ? 12.974  -0.582  4.782   1.00 15.51 ? 64  ARG A CG  1 
ATOM   258 C CD  . ARG A 1 35  ? 14.396  -1.096  4.605   1.00 17.15 ? 64  ARG A CD  1 
ATOM   259 N NE  . ARG A 1 35  ? 15.376  -0.028  4.745   1.00 20.10 ? 64  ARG A NE  1 
ATOM   260 C CZ  . ARG A 1 35  ? 16.685  -0.226  4.664   1.00 17.30 ? 64  ARG A CZ  1 
ATOM   261 N NH1 . ARG A 1 35  ? 17.139  -1.453  4.433   1.00 17.50 ? 64  ARG A NH1 1 
ATOM   262 N NH2 . ARG A 1 35  ? 17.525  0.785   4.819   1.00 18.28 ? 64  ARG A NH2 1 
ATOM   263 N N   . ALA A 1 36  ? 10.578  2.404   4.612   1.00 17.85 ? 65  ALA A N   1 
ATOM   264 C CA  . ALA A 1 36  ? 10.053  3.219   5.700   1.00 17.66 ? 65  ALA A CA  1 
ATOM   265 C C   . ALA A 1 36  ? 8.564   2.954   5.904   1.00 16.04 ? 65  ALA A C   1 
ATOM   266 O O   . ALA A 1 36  ? 8.080   2.851   7.039   1.00 16.65 ? 65  ALA A O   1 
ATOM   267 C CB  . ALA A 1 36  ? 10.293  4.699   5.408   1.00 21.56 ? 65  ALA A CB  1 
ATOM   268 N N   . THR A 1 37  ? 7.835   2.840   4.801   1.00 15.97 ? 66  THR A N   1 
ATOM   269 C CA  . THR A 1 37  ? 6.386   2.664   4.878   1.00 14.88 ? 66  THR A CA  1 
ATOM   270 C C   . THR A 1 37  ? 6.026   1.266   5.386   1.00 19.01 ? 66  THR A C   1 
ATOM   271 O O   . THR A 1 37  ? 5.092   1.098   6.169   1.00 16.80 ? 66  THR A O   1 
ATOM   272 C CB  . THR A 1 37  ? 5.714   2.954   3.529   1.00 15.07 ? 66  THR A CB  1 
ATOM   273 O OG1 . THR A 1 37  ? 5.988   4.312   3.144   1.00 15.70 ? 66  THR A OG1 1 
ATOM   274 C CG2 . THR A 1 37  ? 4.202   2.742   3.633   1.00 20.76 ? 66  THR A CG2 1 
ATOM   275 N N   . ILE A 1 38  ? 6.789   0.261   4.963   1.00 16.25 ? 67  ILE A N   1 
ATOM   276 C CA  . ILE A 1 38  ? 6.621   -1.081  5.519   1.00 16.89 ? 67  ILE A CA  1 
ATOM   277 C C   . ILE A 1 38  ? 6.800   -1.084  7.034   1.00 18.25 ? 67  ILE A C   1 
ATOM   278 O O   . ILE A 1 38  ? 5.993   -1.667  7.772   1.00 19.09 ? 67  ILE A O   1 
ATOM   279 C CB  . ILE A 1 38  ? 7.628   -2.074  4.884   1.00 18.91 ? 67  ILE A CB  1 
ATOM   280 C CG1 . ILE A 1 38  ? 7.092   -2.557  3.543   1.00 24.20 ? 67  ILE A CG1 1 
ATOM   281 C CG2 . ILE A 1 38  ? 7.853   -3.272  5.814   1.00 28.98 ? 67  ILE A CG2 1 
ATOM   282 C CD1 . ILE A 1 38  ? 5.864   -3.454  3.680   1.00 27.49 ? 67  ILE A CD1 1 
ATOM   283 N N   . GLY A 1 39  ? 7.850   -0.420  7.499   1.00 19.43 ? 68  GLY A N   1 
ATOM   284 C CA  . GLY A 1 39  ? 8.116   -0.301  8.921   1.00 23.32 ? 68  GLY A CA  1 
ATOM   285 C C   . GLY A 1 39  ? 7.018   0.451   9.652   1.00 20.34 ? 68  GLY A C   1 
ATOM   286 O O   . GLY A 1 39  ? 6.626   0.087   10.760  1.00 20.59 ? 68  GLY A O   1 
ATOM   287 N N   . LEU A 1 40  ? 6.523   1.510   9.029   1.00 18.56 ? 69  LEU A N   1 
ATOM   288 C CA  . LEU A 1 40  ? 5.429   2.292   9.603   1.00 16.81 ? 69  LEU A CA  1 
ATOM   289 C C   . LEU A 1 40  ? 4.185   1.426   9.813   1.00 18.82 ? 69  LEU A C   1 
ATOM   290 O O   . LEU A 1 40  ? 3.566   1.459   10.879  1.00 20.07 ? 69  LEU A O   1 
ATOM   291 C CB  . LEU A 1 40  ? 5.119   3.483   8.697   1.00 17.99 ? 69  LEU A CB  1 
ATOM   292 C CG  . LEU A 1 40  ? 4.007   4.448   9.092   1.00 29.44 ? 69  LEU A CG  1 
ATOM   293 C CD1 . LEU A 1 40  ? 4.230   5.786   8.390   1.00 31.34 ? 69  LEU A CD1 1 
ATOM   294 C CD2 . LEU A 1 40  ? 2.643   3.878   8.747   1.00 27.63 ? 69  LEU A CD2 1 
ATOM   295 N N   . LEU A 1 41  ? 3.826   0.640   8.799   1.00 17.14 ? 70  LEU A N   1 
ATOM   296 C CA  . LEU A 1 41  ? 2.660   -0.234  8.889   1.00 16.40 ? 70  LEU A CA  1 
ATOM   297 C C   . LEU A 1 41  ? 2.855   -1.315  9.955   1.00 19.43 ? 70  LEU A C   1 
ATOM   298 O O   . LEU A 1 41  ? 1.914   -1.687  10.654  1.00 19.35 ? 70  LEU A O   1 
ATOM   299 C CB  . LEU A 1 41  ? 2.328   -0.856  7.527   1.00 18.30 ? 70  LEU A CB  1 
ATOM   300 C CG  . LEU A 1 41  ? 1.875   0.152   6.468   1.00 17.42 ? 70  LEU A CG  1 
ATOM   301 C CD1 . LEU A 1 41  ? 1.690   -0.513  5.116   1.00 18.45 ? 70  LEU A CD1 1 
ATOM   302 C CD2 . LEU A 1 41  ? 0.581   0.831   6.919   1.00 18.06 ? 70  LEU A CD2 1 
ATOM   303 N N   . GLY A 1 42  ? 4.083   -1.800  10.084  1.00 19.12 ? 71  GLY A N   1 
ATOM   304 C CA  . GLY A 1 42  ? 4.414   -2.724  11.156  1.00 21.40 ? 71  GLY A CA  1 
ATOM   305 C C   . GLY A 1 42  ? 4.222   -2.106  12.530  1.00 23.81 ? 71  GLY A C   1 
ATOM   306 O O   . GLY A 1 42  ? 3.682   -2.746  13.434  1.00 23.69 ? 71  GLY A O   1 
ATOM   307 N N   . ASN A 1 43  ? 4.653   -0.857  12.689  1.00 23.39 ? 72  ASN A N   1 
ATOM   308 C CA  . ASN A 1 43  ? 4.514   -0.167  13.971  1.00 23.41 ? 72  ASN A CA  1 
ATOM   309 C C   . ASN A 1 43  ? 3.057   0.107   14.307  1.00 24.60 ? 72  ASN A C   1 
ATOM   310 O O   . ASN A 1 43  ? 2.683   0.186   15.477  1.00 24.68 ? 72  ASN A O   1 
ATOM   311 C CB  . ASN A 1 43  ? 5.314   1.137   13.983  1.00 23.19 ? 72  ASN A CB  1 
ATOM   312 C CG  . ASN A 1 43  ? 6.814   0.902   13.961  1.00 36.62 ? 72  ASN A CG  1 
ATOM   313 O OD1 . ASN A 1 43  ? 7.284   -0.198  14.253  1.00 40.91 ? 72  ASN A OD1 1 
ATOM   314 N ND2 . ASN A 1 43  ? 7.570   1.937   13.616  1.00 44.31 ? 72  ASN A ND2 1 
ATOM   315 N N   . GLN A 1 44  ? 2.236   0.242   13.269  1.00 18.42 ? 73  GLN A N   1 
ATOM   316 C CA  . GLN A 1 44  ? 0.809   0.463   13.440  1.00 20.94 ? 73  GLN A CA  1 
ATOM   317 C C   . GLN A 1 44  ? 0.118   -0.804  13.934  1.00 22.01 ? 73  GLN A C   1 
ATOM   318 O O   . GLN A 1 44  ? -0.996  -0.752  14.451  1.00 24.15 ? 73  GLN A O   1 
ATOM   319 C CB  . GLN A 1 44  ? 0.185   0.911   12.117  1.00 22.31 ? 73  GLN A CB  1 
ATOM   320 C CG  . GLN A 1 44  ? 0.542   2.329   11.718  1.00 19.53 ? 73  GLN A CG  1 
ATOM   321 C CD  . GLN A 1 44  ? -0.336  3.348   12.413  1.00 25.11 ? 73  GLN A CD  1 
ATOM   322 O OE1 . GLN A 1 44  ? -1.490  3.068   12.729  1.00 24.62 ? 73  GLN A OE1 1 
ATOM   323 N NE2 . GLN A 1 44  ? 0.203   4.537   12.650  1.00 25.34 ? 73  GLN A NE2 1 
ATOM   324 N N   . GLY A 1 45  ? 0.783   -1.940  13.752  1.00 21.09 ? 74  GLY A N   1 
ATOM   325 C CA  . GLY A 1 45  ? 0.237   -3.219  14.158  1.00 24.71 ? 74  GLY A CA  1 
ATOM   326 C C   . GLY A 1 45  ? -0.679  -3.857  13.130  1.00 23.13 ? 74  GLY A C   1 
ATOM   327 O O   . GLY A 1 45  ? -1.589  -4.607  13.480  1.00 22.47 ? 74  GLY A O   1 
ATOM   328 N N   . VAL A 1 46  ? -0.445  -3.572  11.853  1.00 20.55 ? 75  VAL A N   1 
ATOM   329 C CA  . VAL A 1 46  ? -1.256  -4.186  10.812  1.00 19.50 ? 75  VAL A CA  1 
ATOM   330 C C   . VAL A 1 46  ? -1.128  -5.708  10.874  1.00 16.23 ? 75  VAL A C   1 
ATOM   331 O O   . VAL A 1 46  ? -0.028  -6.243  10.990  1.00 21.98 ? 75  VAL A O   1 
ATOM   332 C CB  . VAL A 1 46  ? -0.861  -3.685  9.410   1.00 18.99 ? 75  VAL A CB  1 
ATOM   333 C CG1 . VAL A 1 46  ? -1.609  -4.454  8.330   1.00 21.86 ? 75  VAL A CG1 1 
ATOM   334 C CG2 . VAL A 1 46  ? -1.141  -2.198  9.292   1.00 18.73 ? 75  VAL A CG2 1 
ATOM   335 N N   . ASP A 1 47  ? -2.261  -6.388  10.785  1.00 22.02 ? 76  ASP A N   1 
ATOM   336 C CA  . ASP A 1 47  ? -2.302  -7.849  10.813  1.00 22.09 ? 76  ASP A CA  1 
ATOM   337 C C   . ASP A 1 47  ? -1.804  -8.406  9.477   1.00 21.66 ? 76  ASP A C   1 
ATOM   338 O O   . ASP A 1 47  ? -2.412  -8.159  8.445   1.00 21.93 ? 76  ASP A O   1 
ATOM   339 C CB  . ASP A 1 47  ? -3.745  -8.291  11.058  1.00 22.74 ? 76  ASP A CB  1 
ATOM   340 C CG  . ASP A 1 47  ? -3.878  -9.790  11.322  1.00 21.69 ? 76  ASP A CG  1 
ATOM   341 O OD1 . ASP A 1 47  ? -4.969  -10.210 11.757  1.00 28.55 ? 76  ASP A OD1 1 
ATOM   342 O OD2 . ASP A 1 47  ? -2.907  -10.532 11.092  1.00 26.01 ? 76  ASP A OD2 1 
ATOM   343 N N   . PRO A 1 48  ? -0.702  -9.172  9.496   1.00 22.68 ? 77  PRO A N   1 
ATOM   344 C CA  . PRO A 1 48  ? -0.163  -9.736  8.250   1.00 19.81 ? 77  PRO A CA  1 
ATOM   345 C C   . PRO A 1 48  ? -1.220  -10.526 7.476   1.00 20.95 ? 77  PRO A C   1 
ATOM   346 O O   . PRO A 1 48  ? -1.165  -10.586 6.248   1.00 19.41 ? 77  PRO A O   1 
ATOM   347 C CB  . PRO A 1 48  ? 0.946   -10.677 8.738   1.00 28.73 ? 77  PRO A CB  1 
ATOM   348 C CG  . PRO A 1 48  ? 1.303   -10.180 10.097  1.00 30.94 ? 77  PRO A CG  1 
ATOM   349 C CD  . PRO A 1 48  ? 0.043   -9.625  10.682  1.00 28.54 ? 77  PRO A CD  1 
ATOM   350 N N   . ALA A 1 49  ? -2.171  -11.116 8.194   1.00 21.22 ? 78  ALA A N   1 
ATOM   351 C CA  . ALA A 1 49  ? -3.245  -11.890 7.580   1.00 22.54 ? 78  ALA A CA  1 
ATOM   352 C C   . ALA A 1 49  ? -4.281  -11.020 6.866   1.00 20.13 ? 78  ALA A C   1 
ATOM   353 O O   . ALA A 1 49  ? -5.146  -11.536 6.159   1.00 21.57 ? 78  ALA A O   1 
ATOM   354 C CB  . ALA A 1 49  ? -3.931  -12.773 8.631   1.00 26.02 ? 78  ALA A CB  1 
ATOM   355 N N   . LYS A 1 50  ? -4.202  -9.705  7.068   1.00 18.37 ? 79  LYS A N   1 
ATOM   356 C CA  . LYS A 1 50  ? -5.110  -8.774  6.411   1.00 16.48 ? 79  LYS A CA  1 
ATOM   357 C C   . LYS A 1 50  ? -4.330  -7.798  5.535   1.00 14.37 ? 79  LYS A C   1 
ATOM   358 O O   . LYS A 1 50  ? -4.813  -6.717  5.236   1.00 16.81 ? 79  LYS A O   1 
ATOM   359 C CB  . LYS A 1 50  ? -5.936  -7.989  7.433   1.00 17.66 ? 79  LYS A CB  1 
ATOM   360 C CG  . LYS A 1 50  ? -7.226  -8.696  7.876   1.00 29.47 ? 79  LYS A CG  1 
ATOM   361 C CD  . LYS A 1 50  ? -7.038  -9.571  9.088   1.00 45.76 ? 79  LYS A CD  1 
ATOM   362 C CE  . LYS A 1 50  ? -8.390  -10.053 9.616   1.00 30.08 ? 79  LYS A CE  1 
ATOM   363 N NZ  . LYS A 1 50  ? -9.183  -8.949  10.233  1.00 33.54 ? 79  LYS A NZ  1 
ATOM   364 N N   . PHE A 1 51  ? -3.132  -8.205  5.133   1.00 14.28 ? 80  PHE A N   1 
ATOM   365 C CA  . PHE A 1 51  ? -2.210  -7.337  4.397   1.00 15.79 ? 80  PHE A CA  1 
ATOM   366 C C   . PHE A 1 51  ? -1.632  -8.033  3.165   1.00 18.41 ? 80  PHE A C   1 
ATOM   367 O O   . PHE A 1 51  ? -1.341  -9.230  3.192   1.00 18.16 ? 80  PHE A O   1 
ATOM   368 C CB  . PHE A 1 51  ? -1.067  -6.922  5.322   1.00 18.63 ? 80  PHE A CB  1 
ATOM   369 C CG  . PHE A 1 51  ? -0.022  -6.078  4.658   1.00 16.94 ? 80  PHE A CG  1 
ATOM   370 C CD1 . PHE A 1 51  ? -0.297  -4.764  4.338   1.00 16.41 ? 80  PHE A CD1 1 
ATOM   371 C CD2 . PHE A 1 51  ? 1.229   -6.594  4.360   1.00 20.75 ? 80  PHE A CD2 1 
ATOM   372 C CE1 . PHE A 1 51  ? 0.659   -3.968  3.727   1.00 16.06 ? 80  PHE A CE1 1 
ATOM   373 C CE2 . PHE A 1 51  ? 2.193   -5.807  3.751   1.00 21.39 ? 80  PHE A CE2 1 
ATOM   374 C CZ  . PHE A 1 51  ? 1.905   -4.487  3.435   1.00 17.59 ? 80  PHE A CZ  1 
ATOM   375 N N   . ALA A 1 52  ? -1.467  -7.276  2.082   1.00 13.90 ? 81  ALA A N   1 
ATOM   376 C CA  . ALA A 1 52  ? -0.780  -7.771  0.895   1.00 12.76 ? 81  ALA A CA  1 
ATOM   377 C C   . ALA A 1 52  ? 0.075   -6.666  0.319   1.00 16.80 ? 81  ALA A C   1 
ATOM   378 O O   . ALA A 1 52  ? -0.338  -5.509  0.310   1.00 14.91 ? 81  ALA A O   1 
ATOM   379 C CB  . ALA A 1 52  ? -1.774  -8.242  -0.146  1.00 15.56 ? 81  ALA A CB  1 
ATOM   380 N N   . ALA A 1 53  ? 1.264   -7.014  -0.160  1.00 12.52 ? 82  ALA A N   1 
ATOM   381 C CA  . ALA A 1 53  ? 2.110   -6.023  -0.815  1.00 12.99 ? 82  ALA A CA  1 
ATOM   382 C C   . ALA A 1 53  ? 2.586   -6.548  -2.159  1.00 17.05 ? 82  ALA A C   1 
ATOM   383 O O   . ALA A 1 53  ? 2.844   -7.750  -2.313  1.00 16.48 ? 82  ALA A O   1 
ATOM   384 C CB  . ALA A 1 53  ? 3.282   -5.649  0.070   1.00 19.65 ? 82  ALA A CB  1 
ATOM   385 N N   . TYR A 1 54  ? 2.696   -5.642  -3.129  1.00 13.48 ? 83  TYR A N   1 
ATOM   386 C CA  . TYR A 1 54  ? 3.086   -6.015  -4.479  1.00 14.75 ? 83  TYR A CA  1 
ATOM   387 C C   . TYR A 1 54  ? 4.234   -5.166  -4.981  1.00 14.73 ? 83  TYR A C   1 
ATOM   388 O O   . TYR A 1 54  ? 4.218   -3.945  -4.861  1.00 15.03 ? 83  TYR A O   1 
ATOM   389 C CB  . TYR A 1 54  ? 1.884   -5.974  -5.424  1.00 16.56 ? 83  TYR A CB  1 
ATOM   390 C CG  . TYR A 1 54  ? 0.798   -6.893  -4.921  1.00 16.98 ? 83  TYR A CG  1 
ATOM   391 C CD1 . TYR A 1 54  ? 0.947   -8.266  -5.012  1.00 16.69 ? 83  TYR A CD1 1 
ATOM   392 C CD2 . TYR A 1 54  ? -0.343  -6.391  -4.301  1.00 15.94 ? 83  TYR A CD2 1 
ATOM   393 C CE1 . TYR A 1 54  ? -0.015  -9.127  -4.516  1.00 17.15 ? 83  TYR A CE1 1 
ATOM   394 C CE2 . TYR A 1 54  ? -1.318  -7.247  -3.798  1.00 15.07 ? 83  TYR A CE2 1 
ATOM   395 C CZ  . TYR A 1 54  ? -1.144  -8.613  -3.916  1.00 15.03 ? 83  TYR A CZ  1 
ATOM   396 O OH  . TYR A 1 54  ? -2.100  -9.470  -3.433  1.00 17.66 ? 83  TYR A OH  1 
ATOM   397 N N   . ASN A 1 55  ? 5.239   -5.838  -5.532  1.00 16.11 ? 84  ASN A N   1 
ATOM   398 C CA  . ASN A 1 55  ? 6.463   -5.190  -5.981  1.00 13.93 ? 84  ASN A CA  1 
ATOM   399 C C   . ASN A 1 55  ? 6.335   -4.651  -7.398  1.00 18.72 ? 84  ASN A C   1 
ATOM   400 O O   . ASN A 1 55  ? 6.215   -5.419  -8.354  1.00 21.80 ? 84  ASN A O   1 
ATOM   401 C CB  . ASN A 1 55  ? 7.593   -6.229  -5.921  1.00 15.43 ? 84  ASN A CB  1 
ATOM   402 C CG  . ASN A 1 55  ? 8.964   -5.648  -6.248  1.00 17.12 ? 84  ASN A CG  1 
ATOM   403 O OD1 . ASN A 1 55  ? 9.120   -4.453  -6.486  1.00 16.77 ? 84  ASN A OD1 1 
ATOM   404 N ND2 . ASN A 1 55  ? 9.973   -6.516  -6.249  1.00 21.08 ? 84  ASN A ND2 1 
ATOM   405 N N   . VAL A 1 56  ? 6.373   -3.331  -7.547  1.00 16.67 ? 85  VAL A N   1 
ATOM   406 C CA  . VAL A 1 56  ? 6.274   -2.737  -8.870  1.00 18.32 ? 85  VAL A CA  1 
ATOM   407 C C   . VAL A 1 56  ? 7.655   -2.482  -9.460  1.00 29.92 ? 85  VAL A C   1 
ATOM   408 O O   . VAL A 1 56  ? 7.773   -2.046  -10.600 1.00 29.16 ? 85  VAL A O   1 
ATOM   409 C CB  . VAL A 1 56  ? 5.483   -1.409  -8.840  1.00 22.78 ? 85  VAL A CB  1 
ATOM   410 C CG1 . VAL A 1 56  ? 4.081   -1.642  -8.306  1.00 25.55 ? 85  VAL A CG1 1 
ATOM   411 C CG2 . VAL A 1 56  ? 6.215   -0.379  -7.996  1.00 23.58 ? 85  VAL A CG2 1 
ATOM   412 N N   . LEU A 1 57  ? 8.693   -2.764  -8.676  1.00 26.46 ? 86  LEU A N   1 
ATOM   413 C CA  . LEU A 1 57  ? 10.066  -2.390  -9.024  1.00 36.95 ? 86  LEU A CA  1 
ATOM   414 C C   . LEU A 1 57  ? 10.600  -3.103  -10.264 1.00 42.71 ? 86  LEU A C   1 
ATOM   415 O O   . LEU A 1 57  ? 11.449  -2.566  -10.972 1.00 52.22 ? 86  LEU A O   1 
ATOM   416 C CB  . LEU A 1 57  ? 10.991  -2.628  -7.829  1.00 32.73 ? 86  LEU A CB  1 
ATOM   417 C CG  . LEU A 1 57  ? 12.435  -2.144  -7.872  1.00 35.18 ? 86  LEU A CG  1 
ATOM   418 C CD1 . LEU A 1 57  ? 12.497  -0.671  -8.228  1.00 33.41 ? 86  LEU A CD1 1 
ATOM   419 C CD2 . LEU A 1 57  ? 13.103  -2.414  -6.531  1.00 33.61 ? 86  LEU A CD2 1 
ATOM   420 N N   . GLU A 1 58  ? 10.108  -4.307  -10.529 1.00 41.90 ? 87  GLU A N   1 
ATOM   421 C CA  . GLU A 1 58  ? 10.539  -5.051  -11.711 1.00 43.64 ? 87  GLU A CA  1 
ATOM   422 C C   . GLU A 1 58  ? 9.359   -5.365  -12.625 1.00 51.55 ? 87  GLU A C   1 
ATOM   423 O O   . GLU A 1 58  ? 9.429   -6.258  -13.471 1.00 44.93 ? 87  GLU A O   1 
ATOM   424 C CB  . GLU A 1 58  ? 11.239  -6.352  -11.307 1.00 58.38 ? 87  GLU A CB  1 
ATOM   425 C CG  . GLU A 1 58  ? 12.590  -6.166  -10.630 1.00 48.85 ? 87  GLU A CG  1 
ATOM   426 C CD  . GLU A 1 58  ? 13.162  -7.473  -10.117 1.00 54.89 ? 87  GLU A CD  1 
ATOM   427 O OE1 . GLU A 1 58  ? 12.380  -8.310  -9.614  1.00 57.32 ? 87  GLU A OE1 1 
ATOM   428 O OE2 . GLU A 1 58  ? 14.391  -7.664  -10.213 1.00 57.42 ? 87  GLU A OE2 1 
ATOM   429 N N   . ASP A 1 59  ? 8.274   -4.622  -12.448 1.00 45.37 ? 88  ASP A N   1 
ATOM   430 C CA  . ASP A 1 59  ? 7.063   -4.838  -13.226 1.00 34.87 ? 88  ASP A CA  1 
ATOM   431 C C   . ASP A 1 59  ? 6.599   -3.502  -13.808 1.00 34.19 ? 88  ASP A C   1 
ATOM   432 O O   . ASP A 1 59  ? 5.682   -2.871  -13.282 1.00 32.47 ? 88  ASP A O   1 
ATOM   433 C CB  . ASP A 1 59  ? 5.982   -5.454  -12.333 1.00 35.86 ? 88  ASP A CB  1 
ATOM   434 C CG  . ASP A 1 59  ? 4.807   -5.998  -13.123 1.00 33.36 ? 88  ASP A CG  1 
ATOM   435 O OD1 . ASP A 1 59  ? 4.665   -5.629  -14.305 1.00 35.93 ? 88  ASP A OD1 1 
ATOM   436 O OD2 . ASP A 1 59  ? 4.026   -6.790  -12.558 1.00 35.47 ? 88  ASP A OD2 1 
ATOM   437 N N   . PRO A 1 60  ? 7.243   -3.067  -14.901 1.00 39.71 ? 89  PRO A N   1 
ATOM   438 C CA  . PRO A 1 60  ? 7.057   -1.733  -15.483 1.00 33.29 ? 89  PRO A CA  1 
ATOM   439 C C   . PRO A 1 60  ? 5.611   -1.450  -15.850 1.00 33.50 ? 89  PRO A C   1 
ATOM   440 O O   . PRO A 1 60  ? 5.143   -0.321  -15.680 1.00 30.29 ? 89  PRO A O   1 
ATOM   441 C CB  . PRO A 1 60  ? 7.916   -1.782  -16.753 1.00 43.58 ? 89  PRO A CB  1 
ATOM   442 C CG  . PRO A 1 60  ? 8.906   -2.855  -16.500 1.00 37.68 ? 89  PRO A CG  1 
ATOM   443 C CD  . PRO A 1 60  ? 8.191   -3.877  -15.684 1.00 39.61 ? 89  PRO A CD  1 
ATOM   444 N N   . GLU A 1 61  ? 4.911   -2.461  -16.350 1.00 31.95 ? 90  GLU A N   1 
ATOM   445 C CA  . GLU A 1 61  ? 3.525   -2.283  -16.756 1.00 35.92 ? 90  GLU A CA  1 
ATOM   446 C C   . GLU A 1 61  ? 2.605   -2.068  -15.558 1.00 30.36 ? 90  GLU A C   1 
ATOM   447 O O   . GLU A 1 61  ? 1.687   -1.252  -15.617 1.00 30.87 ? 90  GLU A O   1 
ATOM   448 C CB  . GLU A 1 61  ? 3.048   -3.464  -17.603 1.00 40.99 ? 90  GLU A CB  1 
ATOM   449 C CG  . GLU A 1 61  ? 3.752   -3.558  -18.952 1.00 55.44 ? 90  GLU A CG  1 
ATOM   450 C CD  . GLU A 1 61  ? 3.198   -4.661  -19.837 1.00 56.12 ? 90  GLU A CD  1 
ATOM   451 O OE1 . GLU A 1 61  ? 1.976   -4.916  -19.783 1.00 52.30 ? 90  GLU A OE1 1 
ATOM   452 O OE2 . GLU A 1 61  ? 3.990   -5.265  -20.594 1.00 70.30 ? 90  GLU A OE2 1 
ATOM   453 N N   . LEU A 1 62  ? 2.855   -2.797  -14.474 1.00 27.91 ? 91  LEU A N   1 
ATOM   454 C CA  . LEU A 1 62  ? 2.055   -2.630  -13.264 1.00 31.27 ? 91  LEU A CA  1 
ATOM   455 C C   . LEU A 1 62  ? 2.403   -1.299  -12.609 1.00 25.90 ? 91  LEU A C   1 
ATOM   456 O O   . LEU A 1 62  ? 1.530   -0.603  -12.096 1.00 22.93 ? 91  LEU A O   1 
ATOM   457 C CB  . LEU A 1 62  ? 2.284   -3.788  -12.285 1.00 28.72 ? 91  LEU A CB  1 
ATOM   458 C CG  . LEU A 1 62  ? 1.434   -3.790  -11.010 1.00 27.93 ? 91  LEU A CG  1 
ATOM   459 C CD1 . LEU A 1 62  ? -0.052  -3.794  -11.350 1.00 32.82 ? 91  LEU A CD1 1 
ATOM   460 C CD2 . LEU A 1 62  ? 1.777   -4.975  -10.103 1.00 29.97 ? 91  LEU A CD2 1 
ATOM   461 N N   . ARG A 1 63  ? 3.686   -0.955  -12.627 1.00 25.53 ? 92  ARG A N   1 
ATOM   462 C CA  . ARG A 1 63  ? 4.144   0.301   -12.051 1.00 23.50 ? 92  ARG A CA  1 
ATOM   463 C C   . ARG A 1 63  ? 3.442   1.477   -12.713 1.00 25.48 ? 92  ARG A C   1 
ATOM   464 O O   . ARG A 1 63  ? 2.860   2.317   -12.034 1.00 24.00 ? 92  ARG A O   1 
ATOM   465 C CB  . ARG A 1 63  ? 5.655   0.456   -12.202 1.00 23.00 ? 92  ARG A CB  1 
ATOM   466 C CG  . ARG A 1 63  ? 6.214   1.715   -11.552 1.00 23.97 ? 92  ARG A CG  1 
ATOM   467 C CD  . ARG A 1 63  ? 7.692   1.918   -11.902 1.00 36.57 ? 92  ARG A CD  1 
ATOM   468 N NE  . ARG A 1 63  ? 8.427   0.658   -11.888 1.00 47.58 ? 92  ARG A NE  1 
ATOM   469 C CZ  . ARG A 1 63  ? 9.223   0.233   -12.866 1.00 46.08 ? 92  ARG A CZ  1 
ATOM   470 N NH1 . ARG A 1 63  ? 9.421   0.975   -13.948 1.00 39.60 ? 92  ARG A NH1 1 
ATOM   471 N NH2 . ARG A 1 63  ? 9.838   -0.935  -12.749 1.00 50.61 ? 92  ARG A NH2 1 
ATOM   472 N N   . GLU A 1 64  ? 3.503   1.537   -14.041 1.00 22.52 ? 93  GLU A N   1 
ATOM   473 C CA  . GLU A 1 64  ? 2.854   2.618   -14.775 1.00 28.34 ? 93  GLU A CA  1 
ATOM   474 C C   . GLU A 1 64  ? 1.342   2.546   -14.586 1.00 21.99 ? 93  GLU A C   1 
ATOM   475 O O   . GLU A 1 64  ? 0.661   3.570   -14.443 1.00 22.82 ? 93  GLU A O   1 
ATOM   476 C CB  . GLU A 1 64  ? 3.211   2.556   -16.269 1.00 27.37 ? 93  GLU A CB  1 
ATOM   477 C CG  . GLU A 1 64  ? 4.707   2.647   -16.559 1.00 42.91 ? 93  GLU A CG  1 
ATOM   478 C CD  . GLU A 1 64  ? 5.047   2.383   -18.025 1.00 62.64 ? 93  GLU A CD  1 
ATOM   479 O OE1 . GLU A 1 64  ? 4.123   2.387   -18.867 1.00 59.85 ? 93  GLU A OE1 1 
ATOM   480 O OE2 . GLU A 1 64  ? 6.242   2.174   -18.334 1.00 61.56 ? 93  GLU A OE2 1 
ATOM   481 N N   . GLY A 1 65  ? 0.822   1.324   -14.571 1.00 21.19 ? 94  GLY A N   1 
ATOM   482 C CA  . GLY A 1 65  ? -0.603  1.114   -14.443 1.00 22.34 ? 94  GLY A CA  1 
ATOM   483 C C   . GLY A 1 65  ? -1.181  1.655   -13.153 1.00 18.74 ? 94  GLY A C   1 
ATOM   484 O O   . GLY A 1 65  ? -2.203  2.332   -13.179 1.00 17.90 ? 94  GLY A O   1 
ATOM   485 N N   . ILE A 1 66  ? -0.550  1.354   -12.019 1.00 18.23 ? 95  ILE A N   1 
ATOM   486 C CA  . ILE A 1 66  ? -1.093  1.810   -10.737 1.00 15.94 ? 95  ILE A CA  1 
ATOM   487 C C   . ILE A 1 66  ? -0.996  3.339   -10.599 1.00 16.57 ? 95  ILE A C   1 
ATOM   488 O O   . ILE A 1 66  ? -1.875  3.977   -10.020 1.00 16.69 ? 95  ILE A O   1 
ATOM   489 C CB  . ILE A 1 66  ? -0.460  1.056   -9.523  1.00 21.27 ? 95  ILE A CB  1 
ATOM   490 C CG1 . ILE A 1 66  ? -1.311  1.271   -8.260  1.00 18.46 ? 95  ILE A CG1 1 
ATOM   491 C CG2 . ILE A 1 66  ? 0.997   1.440   -9.322  1.00 21.28 ? 95  ILE A CG2 1 
ATOM   492 C CD1 . ILE A 1 66  ? -2.750  0.829   -8.431  1.00 20.58 ? 95  ILE A CD1 1 
ATOM   493 N N   . LYS A 1 67  ? 0.057   3.923   -11.159 1.00 18.18 ? 96  LYS A N   1 
ATOM   494 C CA  . LYS A 1 67  ? 0.192   5.382   -11.163 1.00 18.25 ? 96  LYS A CA  1 
ATOM   495 C C   . LYS A 1 67  ? -0.956  6.052   -11.919 1.00 19.63 ? 96  LYS A C   1 
ATOM   496 O O   . LYS A 1 67  ? -1.522  7.052   -11.463 1.00 18.83 ? 96  LYS A O   1 
ATOM   497 C CB  . LYS A 1 67  ? 1.543   5.807   -11.744 1.00 19.09 ? 96  LYS A CB  1 
ATOM   498 C CG  . LYS A 1 67  ? 2.719   5.459   -10.847 1.00 18.12 ? 96  LYS A CG  1 
ATOM   499 C CD  . LYS A 1 67  ? 4.043   5.678   -11.554 1.00 20.55 ? 96  LYS A CD  1 
ATOM   500 C CE  . LYS A 1 67  ? 5.206   5.286   -10.667 1.00 26.12 ? 96  LYS A CE  1 
ATOM   501 N NZ  . LYS A 1 67  ? 6.498   5.742   -11.242 1.00 28.79 ? 96  LYS A NZ  1 
ATOM   502 N N   . GLU A 1 68  ? -1.310  5.494   -13.071 1.00 18.81 ? 97  GLU A N   1 
ATOM   503 C CA  . GLU A 1 68  ? -2.436  6.020   -13.840 1.00 18.83 ? 97  GLU A CA  1 
ATOM   504 C C   . GLU A 1 68  ? -3.767  5.791   -13.128 1.00 21.48 ? 97  GLU A C   1 
ATOM   505 O O   . GLU A 1 68  ? -4.616  6.682   -13.056 1.00 21.23 ? 97  GLU A O   1 
ATOM   506 C CB  . GLU A 1 68  ? -2.472  5.395   -15.235 1.00 23.83 ? 97  GLU A CB  1 
ATOM   507 C CG  . GLU A 1 68  ? -3.607  5.924   -16.098 1.00 31.64 ? 97  GLU A CG  1 
ATOM   508 C CD  . GLU A 1 68  ? -3.511  5.467   -17.539 1.00 34.85 ? 97  GLU A CD  1 
ATOM   509 O OE1 . GLU A 1 68  ? -4.540  5.529   -18.245 1.00 42.44 ? 97  GLU A OE1 1 
ATOM   510 O OE2 . GLU A 1 68  ? -2.411  5.044   -17.960 1.00 34.19 ? 97  GLU A OE2 1 
ATOM   511 N N   . PHE A 1 69  ? -3.938  4.585   -12.591 1.00 18.85 ? 98  PHE A N   1 
ATOM   512 C CA  . PHE A 1 69  ? -5.166  4.201   -11.908 1.00 20.27 ? 98  PHE A CA  1 
ATOM   513 C C   . PHE A 1 69  ? -5.459  5.064   -10.676 1.00 20.12 ? 98  PHE A C   1 
ATOM   514 O O   . PHE A 1 69  ? -6.594  5.507   -10.464 1.00 18.78 ? 98  PHE A O   1 
ATOM   515 C CB  . PHE A 1 69  ? -5.070  2.725   -11.507 1.00 19.13 ? 98  PHE A CB  1 
ATOM   516 C CG  . PHE A 1 69  ? -6.308  2.189   -10.857 1.00 18.37 ? 98  PHE A CG  1 
ATOM   517 C CD1 . PHE A 1 69  ? -7.335  1.667   -11.625 1.00 27.44 ? 98  PHE A CD1 1 
ATOM   518 C CD2 . PHE A 1 69  ? -6.439  2.187   -9.475  1.00 18.84 ? 98  PHE A CD2 1 
ATOM   519 C CE1 . PHE A 1 69  ? -8.480  1.164   -11.026 1.00 30.55 ? 98  PHE A CE1 1 
ATOM   520 C CE2 . PHE A 1 69  ? -7.577  1.680   -8.868  1.00 19.79 ? 98  PHE A CE2 1 
ATOM   521 C CZ  . PHE A 1 69  ? -8.600  1.173   -9.644  1.00 24.87 ? 98  PHE A CZ  1 
ATOM   522 N N   . SER A 1 70  ? -4.425  5.299   -9.873  1.00 16.95 ? 99  SER A N   1 
ATOM   523 C CA  . SER A 1 70  ? -4.536  6.068   -8.638  1.00 15.17 ? 99  SER A CA  1 
ATOM   524 C C   . SER A 1 70  ? -4.511  7.571   -8.894  1.00 17.52 ? 99  SER A C   1 
ATOM   525 O O   . SER A 1 70  ? -4.821  8.361   -8.007  1.00 19.42 ? 99  SER A O   1 
ATOM   526 C CB  . SER A 1 70  ? -3.378  5.726   -7.699  1.00 19.40 ? 99  SER A CB  1 
ATOM   527 O OG  . SER A 1 70  ? -3.400  4.358   -7.332  1.00 18.19 ? 99  SER A OG  1 
ATOM   528 N N   . GLU A 1 71  ? -4.123  7.954   -10.102 1.00 17.91 ? 100 GLU A N   1 
ATOM   529 C CA  . GLU A 1 71  ? -3.849  9.363   -10.408 1.00 19.38 ? 100 GLU A CA  1 
ATOM   530 C C   . GLU A 1 71  ? -2.811  9.928   -9.443  1.00 20.82 ? 100 GLU A C   1 
ATOM   531 O O   . GLU A 1 71  ? -2.937  11.055  -8.962  1.00 19.95 ? 100 GLU A O   1 
ATOM   532 C CB  . GLU A 1 71  ? -5.139  10.196  -10.386 1.00 23.32 ? 100 GLU A CB  1 
ATOM   533 C CG  . GLU A 1 71  ? -6.132  9.766   -11.453 1.00 25.20 ? 100 GLU A CG  1 
ATOM   534 C CD  . GLU A 1 71  ? -7.443  10.531  -11.409 1.00 32.99 ? 100 GLU A CD  1 
ATOM   535 O OE1 . GLU A 1 71  ? -7.513  11.572  -10.729 1.00 33.45 ? 100 GLU A OE1 1 
ATOM   536 O OE2 . GLU A 1 71  ? -8.408  10.084  -12.062 1.00 39.55 ? 100 GLU A OE2 1 
ATOM   537 N N   . TRP A 1 72  ? -1.781  9.131   -9.166  1.00 17.91 ? 101 TRP A N   1 
ATOM   538 C CA  . TRP A 1 72  ? -0.695  9.546   -8.283  1.00 16.20 ? 101 TRP A CA  1 
ATOM   539 C C   . TRP A 1 72  ? 0.603   8.919   -8.766  1.00 17.42 ? 101 TRP A C   1 
ATOM   540 O O   . TRP A 1 72  ? 0.658   7.715   -9.009  1.00 18.09 ? 101 TRP A O   1 
ATOM   541 C CB  . TRP A 1 72  ? -0.967  9.167   -6.816  1.00 13.92 ? 101 TRP A CB  1 
ATOM   542 C CG  . TRP A 1 72  ? -0.057  9.919   -5.921  1.00 14.88 ? 101 TRP A CG  1 
ATOM   543 C CD1 . TRP A 1 72  ? 1.063   9.456   -5.284  1.00 15.96 ? 101 TRP A CD1 1 
ATOM   544 C CD2 . TRP A 1 72  ? -0.152  11.312  -5.611  1.00 12.64 ? 101 TRP A CD2 1 
ATOM   545 N NE1 . TRP A 1 72  ? 1.660   10.483  -4.578  1.00 15.72 ? 101 TRP A NE1 1 
ATOM   546 C CE2 . TRP A 1 72  ? 0.927   11.628  -4.761  1.00 14.11 ? 101 TRP A CE2 1 
ATOM   547 C CE3 . TRP A 1 72  ? -1.062  12.317  -5.958  1.00 15.16 ? 101 TRP A CE3 1 
ATOM   548 C CZ2 . TRP A 1 72  ? 1.136   12.919  -4.272  1.00 12.21 ? 101 TRP A CZ2 1 
ATOM   549 C CZ3 . TRP A 1 72  ? -0.857  13.598  -5.462  1.00 13.54 ? 101 TRP A CZ3 1 
ATOM   550 C CH2 . TRP A 1 72  ? 0.229   13.882  -4.626  1.00 16.32 ? 101 TRP A CH2 1 
ATOM   551 N N   . PRO A 1 73  ? 1.653   9.741   -8.927  1.00 15.66 ? 102 PRO A N   1 
ATOM   552 C CA  . PRO A 1 73  ? 2.854   9.295   -9.643  1.00 16.18 ? 102 PRO A CA  1 
ATOM   553 C C   . PRO A 1 73  ? 3.942   8.615   -8.817  1.00 19.02 ? 102 PRO A C   1 
ATOM   554 O O   . PRO A 1 73  ? 4.889   8.097   -9.409  1.00 21.86 ? 102 PRO A O   1 
ATOM   555 C CB  . PRO A 1 73  ? 3.407   10.598  -10.235 1.00 22.52 ? 102 PRO A CB  1 
ATOM   556 C CG  . PRO A 1 73  ? 2.945   11.666  -9.294  1.00 19.59 ? 102 PRO A CG  1 
ATOM   557 C CD  . PRO A 1 73  ? 1.625   11.205  -8.729  1.00 18.05 ? 102 PRO A CD  1 
ATOM   558 N N   . THR A 1 74  ? 3.845   8.615   -7.496  1.00 17.11 ? 103 THR A N   1 
ATOM   559 C CA  . THR A 1 74  ? 4.922   8.015   -6.719  1.00 18.03 ? 103 THR A CA  1 
ATOM   560 C C   . THR A 1 74  ? 4.528   6.675   -6.101  1.00 17.57 ? 103 THR A C   1 
ATOM   561 O O   . THR A 1 74  ? 3.345   6.364   -5.968  1.00 15.66 ? 103 THR A O   1 
ATOM   562 C CB  . THR A 1 74  ? 5.393   8.943   -5.598  1.00 20.07 ? 103 THR A CB  1 
ATOM   563 O OG1 . THR A 1 74  ? 4.356   9.072   -4.627  1.00 17.04 ? 103 THR A OG1 1 
ATOM   564 C CG2 . THR A 1 74  ? 5.738   10.342  -6.161  1.00 21.75 ? 103 THR A CG2 1 
ATOM   565 N N   . ILE A 1 75  ? 5.554   5.922   -5.721  1.00 17.28 ? 104 ILE A N   1 
ATOM   566 C CA  . ILE A 1 75  ? 5.447   4.628   -5.044  1.00 15.33 ? 104 ILE A CA  1 
ATOM   567 C C   . ILE A 1 75  ? 6.248   4.787   -3.752  1.00 16.67 ? 104 ILE A C   1 
ATOM   568 O O   . ILE A 1 75  ? 7.328   5.374   -3.773  1.00 16.73 ? 104 ILE A O   1 
ATOM   569 C CB  . ILE A 1 75  ? 6.080   3.512   -5.920  1.00 16.13 ? 104 ILE A CB  1 
ATOM   570 C CG1 . ILE A 1 75  ? 5.402   3.445   -7.301  1.00 18.04 ? 104 ILE A CG1 1 
ATOM   571 C CG2 . ILE A 1 75  ? 6.061   2.155   -5.206  1.00 14.73 ? 104 ILE A CG2 1 
ATOM   572 C CD1 . ILE A 1 75  ? 3.945   3.017   -7.282  1.00 17.01 ? 104 ILE A CD1 1 
ATOM   573 N N   . PRO A 1 76  ? 5.749   4.253   -2.619  1.00 12.63 ? 105 PRO A N   1 
ATOM   574 C CA  . PRO A 1 76  ? 4.623   3.321   -2.457  1.00 12.25 ? 105 PRO A CA  1 
ATOM   575 C C   . PRO A 1 76  ? 3.248   3.974   -2.467  1.00 13.63 ? 105 PRO A C   1 
ATOM   576 O O   . PRO A 1 76  ? 3.133   5.182   -2.292  1.00 13.99 ? 105 PRO A O   1 
ATOM   577 C CB  . PRO A 1 76  ? 4.875   2.715   -1.075  1.00 14.12 ? 105 PRO A CB  1 
ATOM   578 C CG  . PRO A 1 76  ? 5.560   3.828   -0.309  1.00 14.05 ? 105 PRO A CG  1 
ATOM   579 C CD  . PRO A 1 76  ? 6.424   4.537   -1.342  1.00 13.44 ? 105 PRO A CD  1 
ATOM   580 N N   . GLN A 1 77  ? 2.216   3.155   -2.648  1.00 12.29 ? 106 GLN A N   1 
ATOM   581 C CA  . GLN A 1 77  ? 0.839   3.628   -2.545  1.00 11.67 ? 106 GLN A CA  1 
ATOM   582 C C   . GLN A 1 77  ? 0.039   2.675   -1.684  1.00 12.60 ? 106 GLN A C   1 
ATOM   583 O O   . GLN A 1 77  ? 0.134   1.457   -1.856  1.00 13.92 ? 106 GLN A O   1 
ATOM   584 C CB  . GLN A 1 77  ? 0.206   3.705   -3.921  1.00 12.61 ? 106 GLN A CB  1 
ATOM   585 C CG  . GLN A 1 77  ? 0.810   4.786   -4.812  1.00 11.70 ? 106 GLN A CG  1 
ATOM   586 C CD  . GLN A 1 77  ? 0.112   4.899   -6.147  1.00 15.28 ? 106 GLN A CD  1 
ATOM   587 O OE1 . GLN A 1 77  ? -0.934  4.295   -6.364  1.00 15.84 ? 106 GLN A OE1 1 
ATOM   588 N NE2 . GLN A 1 77  ? 0.697   5.680   -7.059  1.00 16.30 ? 106 GLN A NE2 1 
ATOM   589 N N   . LEU A 1 78  ? -0.775  3.242   -0.791  1.00 12.51 ? 107 LEU A N   1 
ATOM   590 C CA  . LEU A 1 78  ? -1.571  2.454   0.144   1.00 13.30 ? 107 LEU A CA  1 
ATOM   591 C C   . LEU A 1 78  ? -3.036  2.466   -0.257  1.00 14.46 ? 107 LEU A C   1 
ATOM   592 O O   . LEU A 1 78  ? -3.603  3.521   -0.503  1.00 14.51 ? 107 LEU A O   1 
ATOM   593 C CB  . LEU A 1 78  ? -1.431  3.004   1.565   1.00 15.07 ? 107 LEU A CB  1 
ATOM   594 C CG  . LEU A 1 78  ? -2.335  2.369   2.633   1.00 13.82 ? 107 LEU A CG  1 
ATOM   595 C CD1 . LEU A 1 78  ? -1.980  0.900   2.841   1.00 13.63 ? 107 LEU A CD1 1 
ATOM   596 C CD2 . LEU A 1 78  ? -2.209  3.124   3.946   1.00 14.90 ? 107 LEU A CD2 1 
ATOM   597 N N   . TYR A 1 79  ? -3.622  1.273   -0.323  1.00 13.64 ? 108 TYR A N   1 
ATOM   598 C CA  . TYR A 1 79  ? -5.057  1.092   -0.495  1.00 12.45 ? 108 TYR A CA  1 
ATOM   599 C C   . TYR A 1 79  ? -5.612  0.416   0.756   1.00 14.37 ? 108 TYR A C   1 
ATOM   600 O O   . TYR A 1 79  ? -4.978  -0.466  1.321   1.00 15.07 ? 108 TYR A O   1 
ATOM   601 C CB  . TYR A 1 79  ? -5.345  0.213   -1.722  1.00 15.26 ? 108 TYR A CB  1 
ATOM   602 C CG  . TYR A 1 79  ? -5.396  0.995   -3.014  1.00 14.14 ? 108 TYR A CG  1 
ATOM   603 C CD1 . TYR A 1 79  ? -6.615  1.334   -3.594  1.00 14.51 ? 108 TYR A CD1 1 
ATOM   604 C CD2 . TYR A 1 79  ? -4.230  1.419   -3.637  1.00 12.35 ? 108 TYR A CD2 1 
ATOM   605 C CE1 . TYR A 1 79  ? -6.669  2.069   -4.767  1.00 15.23 ? 108 TYR A CE1 1 
ATOM   606 C CE2 . TYR A 1 79  ? -4.274  2.160   -4.810  1.00 14.63 ? 108 TYR A CE2 1 
ATOM   607 C CZ  . TYR A 1 79  ? -5.504  2.483   -5.368  1.00 15.92 ? 108 TYR A CZ  1 
ATOM   608 O OH  . TYR A 1 79  ? -5.567  3.220   -6.533  1.00 17.55 ? 108 TYR A OH  1 
ATOM   609 N N   . VAL A 1 80  ? -6.787  0.852   1.201   1.00 13.28 ? 109 VAL A N   1 
ATOM   610 C CA  . VAL A 1 80  ? -7.482  0.162   2.293   1.00 13.99 ? 109 VAL A CA  1 
ATOM   611 C C   . VAL A 1 80  ? -8.922  -0.082  1.863   1.00 18.56 ? 109 VAL A C   1 
ATOM   612 O O   . VAL A 1 80  ? -9.617  0.845   1.447   1.00 17.33 ? 109 VAL A O   1 
ATOM   613 C CB  . VAL A 1 80  ? -7.449  0.966   3.609   1.00 15.36 ? 109 VAL A CB  1 
ATOM   614 C CG1 . VAL A 1 80  ? -8.312  0.271   4.686   1.00 15.13 ? 109 VAL A CG1 1 
ATOM   615 C CG2 . VAL A 1 80  ? -6.007  1.130   4.102   1.00 14.83 ? 109 VAL A CG2 1 
ATOM   616 N N   . ASN A 1 81  ? -9.359  -1.336  1.938   1.00 19.12 ? 110 ASN A N   1 
ATOM   617 C CA  . ASN A 1 81  ? -10.688 -1.712  1.462   1.00 20.46 ? 110 ASN A CA  1 
ATOM   618 C C   . ASN A 1 81  ? -11.003 -1.111  0.093   1.00 19.67 ? 110 ASN A C   1 
ATOM   619 O O   . ASN A 1 81  ? -12.074 -0.537  -0.121  1.00 20.58 ? 110 ASN A O   1 
ATOM   620 C CB  . ASN A 1 81  ? -11.760 -1.370  2.504   1.00 18.91 ? 110 ASN A CB  1 
ATOM   621 C CG  . ASN A 1 81  ? -11.711 -2.298  3.705   1.00 23.70 ? 110 ASN A CG  1 
ATOM   622 O OD1 . ASN A 1 81  ? -11.500 -3.509  3.563   1.00 25.98 ? 110 ASN A OD1 1 
ATOM   623 N ND2 . ASN A 1 81  ? -11.889 -1.739  4.896   1.00 24.11 ? 110 ASN A ND2 1 
ATOM   624 N N   . LYS A 1 82  ? -10.036 -1.234  -0.816  1.00 16.02 ? 111 LYS A N   1 
ATOM   625 C CA  . LYS A 1 82  ? -10.188 -0.861  -2.222  1.00 18.12 ? 111 LYS A CA  1 
ATOM   626 C C   . LYS A 1 82  ? -10.155 0.646   -2.491  1.00 17.68 ? 111 LYS A C   1 
ATOM   627 O O   . LYS A 1 82  ? -10.298 1.075   -3.633  1.00 24.14 ? 111 LYS A O   1 
ATOM   628 C CB  . LYS A 1 82  ? -11.440 -1.512  -2.821  1.00 24.11 ? 111 LYS A CB  1 
ATOM   629 C CG  . LYS A 1 82  ? -11.448 -3.033  -2.654  1.00 24.30 ? 111 LYS A CG  1 
ATOM   630 C CD  . LYS A 1 82  ? -12.813 -3.632  -2.939  1.00 38.62 ? 111 LYS A CD  1 
ATOM   631 C CE  . LYS A 1 82  ? -13.336 -3.212  -4.297  1.00 41.90 ? 111 LYS A CE  1 
ATOM   632 N NZ  . LYS A 1 82  ? -14.708 -3.743  -4.532  1.00 55.36 ? 111 LYS A NZ  1 
ATOM   633 N N   . GLU A 1 83  ? -9.951  1.436   -1.442  1.00 17.17 ? 112 GLU A N   1 
ATOM   634 C CA  . GLU A 1 83  ? -9.877  2.888   -1.568  1.00 18.69 ? 112 GLU A CA  1 
ATOM   635 C C   . GLU A 1 83  ? -8.435  3.365   -1.549  1.00 15.69 ? 112 GLU A C   1 
ATOM   636 O O   . GLU A 1 83  ? -7.673  2.987   -0.663  1.00 14.84 ? 112 GLU A O   1 
ATOM   637 C CB  . GLU A 1 83  ? -10.616 3.557   -0.406  1.00 20.78 ? 112 GLU A CB  1 
ATOM   638 C CG  . GLU A 1 83  ? -12.126 3.484   -0.491  1.00 34.75 ? 112 GLU A CG  1 
ATOM   639 C CD  . GLU A 1 83  ? -12.716 4.596   -1.337  1.00 34.56 ? 112 GLU A CD  1 
ATOM   640 O OE1 . GLU A 1 83  ? -11.967 5.218   -2.121  1.00 34.65 ? 112 GLU A OE1 1 
ATOM   641 O OE2 . GLU A 1 83  ? -13.932 4.841   -1.217  1.00 39.04 ? 112 GLU A OE2 1 
ATOM   642 N N   . PHE A 1 84  ? -8.071  4.217   -2.506  1.00 15.61 ? 113 PHE A N   1 
ATOM   643 C CA  . PHE A 1 84  ? -6.755  4.853   -2.491  1.00 16.34 ? 113 PHE A CA  1 
ATOM   644 C C   . PHE A 1 84  ? -6.615  5.768   -1.273  1.00 14.90 ? 113 PHE A C   1 
ATOM   645 O O   . PHE A 1 84  ? -7.394  6.723   -1.102  1.00 16.87 ? 113 PHE A O   1 
ATOM   646 C CB  . PHE A 1 84  ? -6.526  5.649   -3.782  1.00 19.03 ? 113 PHE A CB  1 
ATOM   647 C CG  . PHE A 1 84  ? -5.207  6.366   -3.833  1.00 16.51 ? 113 PHE A CG  1 
ATOM   648 C CD1 . PHE A 1 84  ? -5.157  7.753   -3.900  1.00 19.45 ? 113 PHE A CD1 1 
ATOM   649 C CD2 . PHE A 1 84  ? -4.009  5.656   -3.817  1.00 15.67 ? 113 PHE A CD2 1 
ATOM   650 C CE1 . PHE A 1 84  ? -3.939  8.424   -3.961  1.00 16.87 ? 113 PHE A CE1 1 
ATOM   651 C CE2 . PHE A 1 84  ? -2.779  6.327   -3.866  1.00 14.78 ? 113 PHE A CE2 1 
ATOM   652 C CZ  . PHE A 1 84  ? -2.754  7.715   -3.936  1.00 15.32 ? 113 PHE A CZ  1 
ATOM   653 N N   . ILE A 1 85  ? -5.631  5.487   -0.426  1.00 12.42 ? 114 ILE A N   1 
ATOM   654 C CA  . ILE A 1 85  ? -5.402  6.309   0.758   1.00 12.86 ? 114 ILE A CA  1 
ATOM   655 C C   . ILE A 1 85  ? -4.332  7.356   0.471   1.00 14.15 ? 114 ILE A C   1 
ATOM   656 O O   . ILE A 1 85  ? -4.517  8.543   0.755   1.00 13.56 ? 114 ILE A O   1 
ATOM   657 C CB  . ILE A 1 85  ? -5.014  5.473   1.990   1.00 12.76 ? 114 ILE A CB  1 
ATOM   658 C CG1 . ILE A 1 85  ? -6.114  4.447   2.300   1.00 14.10 ? 114 ILE A CG1 1 
ATOM   659 C CG2 . ILE A 1 85  ? -4.723  6.390   3.177   1.00 14.87 ? 114 ILE A CG2 1 
ATOM   660 C CD1 . ILE A 1 85  ? -7.530  5.038   2.322   1.00 16.28 ? 114 ILE A CD1 1 
ATOM   661 N N   . GLY A 1 86  ? -3.218  6.928   -0.116  1.00 14.37 ? 115 GLY A N   1 
ATOM   662 C CA  . GLY A 1 86  ? -2.234  7.900   -0.558  1.00 11.63 ? 115 GLY A CA  1 
ATOM   663 C C   . GLY A 1 86  ? -0.850  7.346   -0.806  1.00 11.93 ? 115 GLY A C   1 
ATOM   664 O O   . GLY A 1 86  ? -0.565  6.184   -0.526  1.00 13.84 ? 115 GLY A O   1 
ATOM   665 N N   . GLY A 1 87  ? 0.000   8.203   -1.358  1.00 13.35 ? 116 GLY A N   1 
ATOM   666 C CA  . GLY A 1 87  ? 1.428   7.958   -1.401  1.00 14.12 ? 116 GLY A CA  1 
ATOM   667 C C   . GLY A 1 87  ? 2.073   8.249   -0.058  1.00 14.22 ? 116 GLY A C   1 
ATOM   668 O O   . GLY A 1 87  ? 1.391   8.479   0.942   1.00 13.47 ? 116 GLY A O   1 
ATOM   669 N N   A CYS A 1 88  ? 3.400   8.274   -0.038  0.86 15.48 ? 117 CYS A N   1 
ATOM   670 N N   B CYS A 1 88  ? 3.400   8.239   -0.033  0.14 15.46 ? 117 CYS A N   1 
ATOM   671 C CA  A CYS A 1 88  ? 4.141   8.274   1.220   0.86 17.05 ? 117 CYS A CA  1 
ATOM   672 C CA  B CYS A 1 88  ? 4.144   8.263   1.224   0.14 16.95 ? 117 CYS A CA  1 
ATOM   673 C C   A CYS A 1 88  ? 3.897   9.492   2.107   0.86 15.04 ? 117 CYS A C   1 
ATOM   674 C C   B CYS A 1 88  ? 3.893   9.488   2.105   0.14 15.13 ? 117 CYS A C   1 
ATOM   675 O O   A CYS A 1 88  ? 3.758   9.357   3.318   0.86 16.94 ? 117 CYS A O   1 
ATOM   676 O O   B CYS A 1 88  ? 3.745   9.348   3.319   0.14 16.91 ? 117 CYS A O   1 
ATOM   677 C CB  A CYS A 1 88  ? 5.643   8.101   0.964   0.86 17.27 ? 117 CYS A CB  1 
ATOM   678 C CB  B CYS A 1 88  ? 5.643   8.078   0.974   0.14 17.26 ? 117 CYS A CB  1 
ATOM   679 S SG  A CYS A 1 88  ? 6.550   7.672   2.456   0.86 21.71 ? 117 CYS A SG  1 
ATOM   680 S SG  B CYS A 1 88  ? 6.362   9.281   -0.148  0.14 13.60 ? 117 CYS A SG  1 
ATOM   681 N N   . ASP A 1 89  ? 3.848   10.682  1.518   1.00 14.24 ? 118 ASP A N   1 
ATOM   682 C CA  . ASP A 1 89  ? 3.628   11.872  2.337   1.00 15.52 ? 118 ASP A CA  1 
ATOM   683 C C   . ASP A 1 89  ? 2.311   11.755  3.122   1.00 13.91 ? 118 ASP A C   1 
ATOM   684 O O   . ASP A 1 89  ? 2.274   11.994  4.325   1.00 14.73 ? 118 ASP A O   1 
ATOM   685 C CB  . ASP A 1 89  ? 3.653   13.171  1.531   1.00 15.21 ? 118 ASP A CB  1 
ATOM   686 C CG  . ASP A 1 89  ? 3.724   14.384  2.429   1.00 19.82 ? 118 ASP A CG  1 
ATOM   687 O OD1 . ASP A 1 89  ? 4.774   14.576  3.074   1.00 23.33 ? 118 ASP A OD1 1 
ATOM   688 O OD2 . ASP A 1 89  ? 2.726   15.125  2.522   1.00 20.75 ? 118 ASP A OD2 1 
ATOM   689 N N   . VAL A 1 90  ? 1.246   11.371  2.430   1.00 13.75 ? 119 VAL A N   1 
ATOM   690 C CA  . VAL A 1 90  ? -0.066  11.228  3.067   1.00 13.21 ? 119 VAL A CA  1 
ATOM   691 C C   . VAL A 1 90  ? -0.031  10.125  4.134   1.00 15.12 ? 119 VAL A C   1 
ATOM   692 O O   . VAL A 1 90  ? -0.488  10.310  5.260   1.00 14.38 ? 119 VAL A O   1 
ATOM   693 C CB  . VAL A 1 90  ? -1.168  10.944  2.021   1.00 13.53 ? 119 VAL A CB  1 
ATOM   694 C CG1 . VAL A 1 90  ? -2.454  10.483  2.695   1.00 15.00 ? 119 VAL A CG1 1 
ATOM   695 C CG2 . VAL A 1 90  ? -1.439  12.187  1.159   1.00 14.69 ? 119 VAL A CG2 1 
ATOM   696 N N   . ILE A 1 91  ? 0.537   8.976   3.788   1.00 14.86 ? 120 ILE A N   1 
ATOM   697 C CA  . ILE A 1 91  ? 0.583   7.877   4.743   1.00 15.17 ? 120 ILE A CA  1 
ATOM   698 C C   . ILE A 1 91  ? 1.293   8.306   6.021   1.00 15.08 ? 120 ILE A C   1 
ATOM   699 O O   . ILE A 1 91  ? 0.814   8.065   7.132   1.00 14.99 ? 120 ILE A O   1 
ATOM   700 C CB  . ILE A 1 91  ? 1.320   6.647   4.154   1.00 12.98 ? 120 ILE A CB  1 
ATOM   701 C CG1 . ILE A 1 91  ? 0.559   6.094   2.948   1.00 13.15 ? 120 ILE A CG1 1 
ATOM   702 C CG2 . ILE A 1 91  ? 1.484   5.575   5.238   1.00 16.55 ? 120 ILE A CG2 1 
ATOM   703 C CD1 . ILE A 1 91  ? 1.399   5.121   2.083   1.00 11.47 ? 120 ILE A CD1 1 
ATOM   704 N N   . THR A 1 92  ? 2.448   8.938   5.853   1.00 15.76 ? 121 THR A N   1 
ATOM   705 C CA  . THR A 1 92  ? 3.280   9.328   6.986   1.00 17.29 ? 121 THR A CA  1 
ATOM   706 C C   . THR A 1 92  ? 2.596   10.417  7.821   1.00 18.11 ? 121 THR A C   1 
ATOM   707 O O   . THR A 1 92  ? 2.605   10.363  9.045   1.00 18.51 ? 121 THR A O   1 
ATOM   708 C CB  . THR A 1 92  ? 4.670   9.792   6.524   1.00 21.24 ? 121 THR A CB  1 
ATOM   709 O OG1 . THR A 1 92  ? 5.267   8.772   5.708   1.00 23.39 ? 121 THR A OG1 1 
ATOM   710 C CG2 . THR A 1 92  ? 5.568   10.056  7.720   1.00 25.87 ? 121 THR A CG2 1 
ATOM   711 N N   . SER A 1 93  ? 2.000   11.393  7.143   1.00 17.25 ? 122 SER A N   1 
ATOM   712 C CA  . SER A 1 93  ? 1.255   12.454  7.820   1.00 16.70 ? 122 SER A CA  1 
ATOM   713 C C   . SER A 1 93  ? 0.106   11.873  8.649   1.00 18.81 ? 122 SER A C   1 
ATOM   714 O O   . SER A 1 93  ? -0.077  12.235  9.816   1.00 17.80 ? 122 SER A O   1 
ATOM   715 C CB  . SER A 1 93  ? 0.727   13.463  6.795   1.00 19.85 ? 122 SER A CB  1 
ATOM   716 O OG  . SER A 1 93  ? 0.138   14.592  7.434   1.00 22.23 ? 122 SER A OG  1 
ATOM   717 N N   . MET A 1 94  ? -0.655  10.956  8.047   1.00 16.26 ? 123 MET A N   1 
ATOM   718 C CA  . MET A 1 94  ? -1.779  10.321  8.732   1.00 18.30 ? 123 MET A CA  1 
ATOM   719 C C   . MET A 1 94  ? -1.319  9.467   9.908   1.00 19.97 ? 123 MET A C   1 
ATOM   720 O O   . MET A 1 94  ? -2.002  9.372   10.920  1.00 18.76 ? 123 MET A O   1 
ATOM   721 C CB  . MET A 1 94  ? -2.619  9.478   7.768   1.00 16.12 ? 123 MET A CB  1 
ATOM   722 C CG  . MET A 1 94  ? -3.354  10.295  6.708   1.00 17.27 ? 123 MET A CG  1 
ATOM   723 S SD  . MET A 1 94  ? -4.172  9.270   5.471   1.00 16.11 ? 123 MET A SD  1 
ATOM   724 C CE  . MET A 1 94  ? -5.387  8.420   6.480   1.00 17.19 ? 123 MET A CE  1 
ATOM   725 N N   . ALA A 1 95  ? -0.160  8.833   9.766   1.00 18.39 ? 124 ALA A N   1 
ATOM   726 C CA  . ALA A 1 95  ? 0.404   8.077   10.871  1.00 19.90 ? 124 ALA A CA  1 
ATOM   727 C C   . ALA A 1 95  ? 0.702   9.013   12.036  1.00 19.04 ? 124 ALA A C   1 
ATOM   728 O O   . ALA A 1 95  ? 0.389   8.713   13.178  1.00 21.13 ? 124 ALA A O   1 
ATOM   729 C CB  . ALA A 1 95  ? 1.675   7.346   10.428  1.00 20.72 ? 124 ALA A CB  1 
ATOM   730 N N   . ARG A 1 96  ? 1.297   10.158  11.733  1.00 19.25 ? 125 ARG A N   1 
ATOM   731 C CA  . ARG A 1 96  ? 1.701   11.119  12.752  1.00 18.18 ? 125 ARG A CA  1 
ATOM   732 C C   . ARG A 1 96  ? 0.509   11.700  13.511  1.00 27.37 ? 125 ARG A C   1 
ATOM   733 O O   . ARG A 1 96  ? 0.548   11.840  14.734  1.00 28.59 ? 125 ARG A O   1 
ATOM   734 C CB  . ARG A 1 96  ? 2.524   12.236  12.102  1.00 24.69 ? 125 ARG A CB  1 
ATOM   735 C CG  . ARG A 1 96  ? 3.030   13.297  13.063  1.00 36.49 ? 125 ARG A CG  1 
ATOM   736 C CD  . ARG A 1 96  ? 4.052   14.208  12.383  1.00 43.04 ? 125 ARG A CD  1 
ATOM   737 N NE  . ARG A 1 96  ? 3.443   15.122  11.417  1.00 49.80 ? 125 ARG A NE  1 
ATOM   738 C CZ  . ARG A 1 96  ? 3.540   15.010  10.092  1.00 53.43 ? 125 ARG A CZ  1 
ATOM   739 N NH1 . ARG A 1 96  ? 4.232   14.014  9.544   1.00 40.01 ? 125 ARG A NH1 1 
ATOM   740 N NH2 . ARG A 1 96  ? 2.944   15.903  9.311   1.00 52.11 ? 125 ARG A NH2 1 
ATOM   741 N N   . SER A 1 97  ? -0.552  12.028  12.784  1.00 23.58 ? 126 SER A N   1 
ATOM   742 C CA  . SER A 1 97  ? -1.702  12.698  13.384  1.00 24.55 ? 126 SER A CA  1 
ATOM   743 C C   . SER A 1 97  ? -2.619  11.714  14.097  1.00 22.23 ? 126 SER A C   1 
ATOM   744 O O   . SER A 1 97  ? -3.399  12.102  14.971  1.00 24.35 ? 126 SER A O   1 
ATOM   745 C CB  . SER A 1 97  ? -2.497  13.463  12.321  1.00 22.20 ? 126 SER A CB  1 
ATOM   746 O OG  . SER A 1 97  ? -3.220  12.574  11.486  1.00 21.09 ? 126 SER A OG  1 
ATOM   747 N N   . GLY A 1 98  ? -2.526  10.441  13.721  1.00 21.72 ? 127 GLY A N   1 
ATOM   748 C CA  . GLY A 1 98  ? -3.396  9.416   14.269  1.00 20.40 ? 127 GLY A CA  1 
ATOM   749 C C   . GLY A 1 98  ? -4.548  8.992   13.368  1.00 17.08 ? 127 GLY A C   1 
ATOM   750 O O   . GLY A 1 98  ? -5.281  8.069   13.708  1.00 20.33 ? 127 GLY A O   1 
ATOM   751 N N   . GLU A 1 99  ? -4.723  9.654   12.221  1.00 19.22 ? 128 GLU A N   1 
ATOM   752 C CA  . GLU A 1 99  ? -5.799  9.247   11.318  1.00 18.40 ? 128 GLU A CA  1 
ATOM   753 C C   . GLU A 1 99  ? -5.548  7.842   10.761  1.00 19.80 ? 128 GLU A C   1 
ATOM   754 O O   . GLU A 1 99  ? -6.486  7.086   10.526  1.00 20.32 ? 128 GLU A O   1 
ATOM   755 C CB  . GLU A 1 99  ? -6.042  10.253  10.178  1.00 20.00 ? 128 GLU A CB  1 
ATOM   756 C CG  . GLU A 1 99  ? -7.324  9.934   9.383   1.00 16.21 ? 128 GLU A CG  1 
ATOM   757 C CD  . GLU A 1 99  ? -7.579  10.867  8.200   1.00 14.48 ? 128 GLU A CD  1 
ATOM   758 O OE1 . GLU A 1 99  ? -6.796  11.796  7.990   1.00 20.75 ? 128 GLU A OE1 1 
ATOM   759 O OE2 . GLU A 1 99  ? -8.576  10.659  7.481   1.00 21.15 ? 128 GLU A OE2 1 
ATOM   760 N N   . LEU A 1 100 ? -4.280  7.482   10.562  1.00 17.45 ? 129 LEU A N   1 
ATOM   761 C CA  . LEU A 1 100 ? -3.983  6.156   10.018  1.00 18.63 ? 129 LEU A CA  1 
ATOM   762 C C   . LEU A 1 100 ? -4.419  5.056   10.983  1.00 18.14 ? 129 LEU A C   1 
ATOM   763 O O   . LEU A 1 100 ? -5.037  4.065   10.579  1.00 18.49 ? 129 LEU A O   1 
ATOM   764 C CB  . LEU A 1 100 ? -2.502  6.014   9.674   1.00 18.59 ? 129 LEU A CB  1 
ATOM   765 C CG  . LEU A 1 100 ? -2.183  4.700   8.945   1.00 19.39 ? 129 LEU A CG  1 
ATOM   766 C CD1 . LEU A 1 100 ? -2.973  4.611   7.655   1.00 23.54 ? 129 LEU A CD1 1 
ATOM   767 C CD2 . LEU A 1 100 ? -0.701  4.586   8.668   1.00 17.57 ? 129 LEU A CD2 1 
ATOM   768 N N   . ALA A 1 101 ? -4.106  5.237   12.263  1.00 18.40 ? 130 ALA A N   1 
ATOM   769 C CA  . ALA A 1 101 ? -4.486  4.245   13.267  1.00 21.83 ? 130 ALA A CA  1 
ATOM   770 C C   . ALA A 1 101 ? -6.001  4.082   13.316  1.00 19.50 ? 130 ALA A C   1 
ATOM   771 O O   . ALA A 1 101 ? -6.513  2.970   13.343  1.00 21.30 ? 130 ALA A O   1 
ATOM   772 C CB  . ALA A 1 101 ? -3.942  4.627   14.635  1.00 20.97 ? 130 ALA A CB  1 
ATOM   773 N N   . ASP A 1 102 ? -6.715  5.201   13.322  1.00 19.15 ? 131 ASP A N   1 
ATOM   774 C CA  . ASP A 1 102 ? -8.171  5.159   13.330  1.00 22.72 ? 131 ASP A CA  1 
ATOM   775 C C   . ASP A 1 102 ? -8.698  4.389   12.129  1.00 24.66 ? 131 ASP A C   1 
ATOM   776 O O   . ASP A 1 102 ? -9.557  3.515   12.254  1.00 26.79 ? 131 ASP A O   1 
ATOM   777 C CB  . ASP A 1 102 ? -8.742  6.572   13.328  1.00 26.25 ? 131 ASP A CB  1 
ATOM   778 C CG  . ASP A 1 102 ? -9.010  7.090   14.723  1.00 40.63 ? 131 ASP A CG  1 
ATOM   779 O OD1 . ASP A 1 102 ? -8.350  6.617   15.674  1.00 33.81 ? 131 ASP A OD1 1 
ATOM   780 O OD2 . ASP A 1 102 ? -9.883  7.972   14.866  1.00 42.28 ? 131 ASP A OD2 1 
ATOM   781 N N   . LEU A 1 103 ? -8.167  4.725   10.962  1.00 21.90 ? 132 LEU A N   1 
ATOM   782 C CA  . LEU A 1 103 ? -8.576  4.102   9.717   1.00 20.61 ? 132 LEU A CA  1 
ATOM   783 C C   . LEU A 1 103 ? -8.381  2.589   9.769   1.00 20.80 ? 132 LEU A C   1 
ATOM   784 O O   . LEU A 1 103 ? -9.287  1.823   9.445   1.00 23.07 ? 132 LEU A O   1 
ATOM   785 C CB  . LEU A 1 103 ? -7.775  4.713   8.562   1.00 20.02 ? 132 LEU A CB  1 
ATOM   786 C CG  . LEU A 1 103 ? -8.245  4.462   7.131   1.00 31.01 ? 132 LEU A CG  1 
ATOM   787 C CD1 . LEU A 1 103 ? -7.597  5.475   6.184   1.00 29.64 ? 132 LEU A CD1 1 
ATOM   788 C CD2 . LEU A 1 103 ? -7.914  3.055   6.715   1.00 28.72 ? 132 LEU A CD2 1 
ATOM   789 N N   . LEU A 1 104 ? -7.188  2.165   10.174  1.00 19.38 ? 133 LEU A N   1 
ATOM   790 C CA  . LEU A 1 104 ? -6.833  0.753   10.178  1.00 19.39 ? 133 LEU A CA  1 
ATOM   791 C C   . LEU A 1 104 ? -7.638  -0.026  11.212  1.00 21.23 ? 133 LEU A C   1 
ATOM   792 O O   . LEU A 1 104 ? -8.034  -1.165  10.973  1.00 24.88 ? 133 LEU A O   1 
ATOM   793 C CB  . LEU A 1 104 ? -5.341  0.591   10.453  1.00 20.27 ? 133 LEU A CB  1 
ATOM   794 C CG  . LEU A 1 104 ? -4.432  1.074   9.324   1.00 17.77 ? 133 LEU A CG  1 
ATOM   795 C CD1 . LEU A 1 104 ? -2.976  1.136   9.772   1.00 17.77 ? 133 LEU A CD1 1 
ATOM   796 C CD2 . LEU A 1 104 ? -4.602  0.192   8.090   1.00 19.44 ? 133 LEU A CD2 1 
ATOM   797 N N   . GLU A 1 105 ? -7.865  0.602   12.359  1.00 22.28 ? 134 GLU A N   1 
ATOM   798 C CA  . GLU A 1 105 ? -8.691  0.015   13.408  1.00 25.83 ? 134 GLU A CA  1 
ATOM   799 C C   . GLU A 1 105 ? -10.113 -0.209  12.909  1.00 30.10 ? 134 GLU A C   1 
ATOM   800 O O   . GLU A 1 105 ? -10.673 -1.292  13.073  1.00 32.48 ? 134 GLU A O   1 
ATOM   801 C CB  . GLU A 1 105 ? -8.703  0.923   14.637  1.00 26.72 ? 134 GLU A CB  1 
ATOM   802 C CG  . GLU A 1 105 ? -9.454  0.358   15.834  1.00 41.71 ? 134 GLU A CG  1 
ATOM   803 C CD  . GLU A 1 105 ? -8.816  -0.904  16.385  1.00 49.98 ? 134 GLU A CD  1 
ATOM   804 O OE1 . GLU A 1 105 ? -8.158  -0.822  17.445  1.00 63.90 ? 134 GLU A OE1 1 
ATOM   805 O OE2 . GLU A 1 105 ? -8.964  -1.975  15.758  1.00 53.58 ? 134 GLU A OE2 1 
ATOM   806 N N   . GLU A 1 106 ? -10.692 0.823   12.302  1.00 28.92 ? 135 GLU A N   1 
ATOM   807 C CA  . GLU A 1 106 ? -12.062 0.753   11.810  1.00 28.34 ? 135 GLU A CA  1 
ATOM   808 C C   . GLU A 1 106 ? -12.192 -0.255  10.669  1.00 36.44 ? 135 GLU A C   1 
ATOM   809 O O   . GLU A 1 106 ? -13.269 -0.800  10.431  1.00 36.61 ? 135 GLU A O   1 
ATOM   810 C CB  . GLU A 1 106 ? -12.547 2.139   11.371  1.00 34.77 ? 135 GLU A CB  1 
ATOM   811 C CG  . GLU A 1 106 ? -14.035 2.212   11.056  1.00 54.07 ? 135 GLU A CG  1 
ATOM   812 C CD  . GLU A 1 106 ? -14.904 2.136   12.304  1.00 64.98 ? 135 GLU A CD  1 
ATOM   813 O OE1 . GLU A 1 106 ? -14.373 2.341   13.417  1.00 66.10 ? 135 GLU A OE1 1 
ATOM   814 O OE2 . GLU A 1 106 ? -16.121 1.879   12.169  1.00 70.31 ? 135 GLU A OE2 1 
ATOM   815 N N   . ALA A 1 107 ? -11.090 -0.505  9.967   1.00 26.55 ? 136 ALA A N   1 
ATOM   816 C CA  . ALA A 1 107 ? -11.075 -1.497  8.902   1.00 29.82 ? 136 ALA A CA  1 
ATOM   817 C C   . ALA A 1 107 ? -10.821 -2.889  9.471   1.00 26.04 ? 136 ALA A C   1 
ATOM   818 O O   . ALA A 1 107 ? -10.687 -3.859  8.726   1.00 32.51 ? 136 ALA A O   1 
ATOM   819 C CB  . ALA A 1 107 ? -10.016 -1.143  7.860   1.00 28.39 ? 136 ALA A CB  1 
ATOM   820 N N   . GLN A 1 108 ? -10.741 -2.973  10.796  1.00 29.30 ? 137 GLN A N   1 
ATOM   821 C CA  . GLN A 1 108 ? -10.456 -4.230  11.485  1.00 29.64 ? 137 GLN A CA  1 
ATOM   822 C C   . GLN A 1 108 ? -9.191  -4.893  10.948  1.00 36.66 ? 137 GLN A C   1 
ATOM   823 O O   . GLN A 1 108 ? -9.124  -6.114  10.822  1.00 31.29 ? 137 GLN A O   1 
ATOM   824 C CB  . GLN A 1 108 ? -11.640 -5.193  11.367  1.00 39.59 ? 137 GLN A CB  1 
ATOM   825 C CG  . GLN A 1 108 ? -12.895 -4.720  12.081  1.00 47.24 ? 137 GLN A CG  1 
ATOM   826 C CD  . GLN A 1 108 ? -14.040 -5.707  11.965  1.00 55.18 ? 137 GLN A CD  1 
ATOM   827 O OE1 . GLN A 1 108 ? -13.830 -6.920  11.939  1.00 59.82 ? 137 GLN A OE1 1 
ATOM   828 N NE2 . GLN A 1 108 ? -15.262 -5.190  11.897  1.00 63.66 ? 137 GLN A NE2 1 
ATOM   829 N N   . ALA A 1 109 ? -8.184  -4.084  10.640  1.00 25.60 ? 138 ALA A N   1 
ATOM   830 C CA  . ALA A 1 109 ? -6.984  -4.598  9.996   1.00 20.95 ? 138 ALA A CA  1 
ATOM   831 C C   . ALA A 1 109 ? -5.796  -4.713  10.944  1.00 24.56 ? 138 ALA A C   1 
ATOM   832 O O   . ALA A 1 109 ? -4.694  -5.051  10.519  1.00 23.66 ? 138 ALA A O   1 
ATOM   833 C CB  . ALA A 1 109 ? -6.618  -3.728  8.790   1.00 29.50 ? 138 ALA A CB  1 
ATOM   834 N N   . LEU A 1 110 ? -6.012  -4.432  12.228  1.00 26.20 ? 139 LEU A N   1 
ATOM   835 C CA  . LEU A 1 110 ? -4.922  -4.514  13.201  1.00 25.25 ? 139 LEU A CA  1 
ATOM   836 C C   . LEU A 1 110 ? -4.903  -5.867  13.907  1.00 32.92 ? 139 LEU A C   1 
ATOM   837 O O   . LEU A 1 110 ? -5.926  -6.541  13.994  1.00 31.59 ? 139 LEU A O   1 
ATOM   838 C CB  . LEU A 1 110 ? -5.025  -3.380  14.228  1.00 28.13 ? 139 LEU A CB  1 
ATOM   839 C CG  . LEU A 1 110 ? -4.952  -1.964  13.655  1.00 25.83 ? 139 LEU A CG  1 
ATOM   840 C CD1 . LEU A 1 110 ? -4.919  -0.925  14.770  1.00 34.13 ? 139 LEU A CD1 1 
ATOM   841 C CD2 . LEU A 1 110 ? -3.734  -1.812  12.754  1.00 23.93 ? 139 LEU A CD2 1 
ATOM   842 N N   . VAL A 1 111 ? -3.736  -6.262  14.404  1.00 28.59 ? 140 VAL A N   1 
ATOM   843 C CA  . VAL A 1 111 ? -3.622  -7.511  15.152  1.00 37.29 ? 140 VAL A CA  1 
ATOM   844 C C   . VAL A 1 111 ? -4.505  -7.480  16.392  1.00 45.35 ? 140 VAL A C   1 
ATOM   845 O O   . VAL A 1 111 ? -4.656  -6.435  17.027  1.00 37.67 ? 140 VAL A O   1 
ATOM   846 C CB  . VAL A 1 111 ? -2.168  -7.797  15.573  1.00 36.68 ? 140 VAL A CB  1 
ATOM   847 C CG1 . VAL A 1 111 ? -1.311  -8.071  14.353  1.00 35.85 ? 140 VAL A CG1 1 
ATOM   848 C CG2 . VAL A 1 111 ? -1.606  -6.637  16.383  1.00 37.81 ? 140 VAL A CG2 1 
ATOM   849 N N   . PRO A 1 112 ? -5.104  -8.633  16.732  1.00 55.40 ? 141 PRO A N   1 
ATOM   850 C CA  . PRO A 1 112 ? -5.953  -8.783  17.918  1.00 53.47 ? 141 PRO A CA  1 
ATOM   851 C C   . PRO A 1 112 ? -5.187  -8.500  19.207  1.00 59.00 ? 141 PRO A C   1 
ATOM   852 O O   . PRO A 1 112 ? -5.172  -7.357  19.666  1.00 56.19 ? 141 PRO A O   1 
ATOM   853 C CB  . PRO A 1 112 ? -6.366  -10.256 17.867  1.00 56.04 ? 141 PRO A CB  1 
ATOM   854 C CG  . PRO A 1 112 ? -6.229  -10.642 16.433  1.00 48.95 ? 141 PRO A CG  1 
ATOM   855 C CD  . PRO A 1 112 ? -5.053  -9.868  15.929  1.00 48.94 ? 141 PRO A CD  1 
HETATM 856 S S   . SO4 B 2 .   ? 15.278  3.593   4.903   0.50 24.34 ? 1   SO4 A S   1 
HETATM 857 O O1  . SO4 B 2 .   ? 14.317  4.549   5.472   1.00 38.46 ? 1   SO4 A O1  1 
HETATM 858 O O2  . SO4 B 2 .   ? 15.933  4.189   3.741   0.00 24.28 ? 1   SO4 A O2  1 
HETATM 859 O O3  . SO4 B 2 .   ? 16.277  3.209   5.899   0.91 25.02 ? 1   SO4 A O3  1 
HETATM 860 O O4  . SO4 B 2 .   ? 14.549  2.443   4.428   1.00 26.68 ? 1   SO4 A O4  1 
HETATM 861 S S   . SO4 C 2 .   ? 12.693  5.611   -3.248  1.00 29.26 ? 2   SO4 A S   1 
HETATM 862 O O1  . SO4 C 2 .   ? 11.303  5.484   -3.658  1.00 35.96 ? 2   SO4 A O1  1 
HETATM 863 O O2  . SO4 C 2 .   ? 13.310  6.708   -3.986  1.00 43.57 ? 2   SO4 A O2  1 
HETATM 864 O O3  . SO4 C 2 .   ? 12.803  5.899   -1.825  1.00 29.57 ? 2   SO4 A O3  1 
HETATM 865 O O4  . SO4 C 2 .   ? 13.373  4.359   -3.555  1.00 37.74 ? 2   SO4 A O4  1 
HETATM 866 O O   . HOH D 3 .   ? -5.343  12.959  1.470   1.00 13.47 ? 3   HOH A O   1 
HETATM 867 O O   . HOH D 3 .   ? -3.201  11.925  -2.250  1.00 14.19 ? 4   HOH A O   1 
HETATM 868 O O   . HOH D 3 .   ? 4.697   7.423   -2.434  1.00 14.80 ? 5   HOH A O   1 
HETATM 869 O O   . HOH D 3 .   ? 11.890  2.656   -1.425  1.00 17.19 ? 6   HOH A O   1 
HETATM 870 O O   . HOH D 3 .   ? -0.847  10.679  -2.315  1.00 16.79 ? 7   HOH A O   1 
HETATM 871 O O   . HOH D 3 .   ? -1.645  6.776   13.398  1.00 20.85 ? 8   HOH A O   1 
HETATM 872 O O   . HOH D 3 .   ? -1.964  -11.483 -1.504  1.00 19.44 ? 9   HOH A O   1 
HETATM 873 O O   . HOH D 3 .   ? -7.613  -2.738  -0.502  1.00 20.39 ? 10  HOH A O   1 
HETATM 874 O O   . HOH D 3 .   ? 9.464   3.766   -2.898  1.00 15.74 ? 11  HOH A O   1 
HETATM 875 O O   . HOH D 3 .   ? -7.229  10.775  -2.094  1.00 26.41 ? 12  HOH A O   1 
HETATM 876 O O   . HOH D 3 .   ? -7.397  -10.845 -5.396  1.00 19.29 ? 13  HOH A O   1 
HETATM 877 O O   . HOH D 3 .   ? 1.879   -9.775  0.268   1.00 25.57 ? 14  HOH A O   1 
HETATM 878 O O   . HOH D 3 .   ? 0.538   15.764  1.360   1.00 17.04 ? 15  HOH A O   1 
HETATM 879 O O   . HOH D 3 .   ? -11.096 2.527   3.040   1.00 23.28 ? 16  HOH A O   1 
HETATM 880 O O   . HOH D 3 .   ? 8.242   6.678   -6.708  1.00 28.68 ? 17  HOH A O   1 
HETATM 881 O O   . HOH D 3 .   ? -3.938  13.541  -8.329  1.00 24.06 ? 18  HOH A O   1 
HETATM 882 O O   . HOH D 3 .   ? 5.529   -5.328  -16.768 1.00 37.21 ? 19  HOH A O   1 
HETATM 883 O O   . HOH D 3 .   ? 0.185   15.082  10.430  1.00 31.11 ? 20  HOH A O   1 
HETATM 884 O O   . HOH D 3 .   ? -9.942  5.216   -4.503  1.00 30.86 ? 21  HOH A O   1 
HETATM 885 O O   . HOH D 3 .   ? 5.312   -8.750  -5.394  1.00 24.16 ? 22  HOH A O   1 
HETATM 886 O O   . HOH D 3 .   ? 12.908  -5.903  -5.820  1.00 25.85 ? 23  HOH A O   1 
HETATM 887 O O   . HOH D 3 .   ? -5.017  11.933  -4.312  1.00 21.66 ? 24  HOH A O   1 
HETATM 888 O O   . HOH D 3 .   ? -11.976 1.152   5.266   1.00 25.98 ? 26  HOH A O   1 
HETATM 889 O O   . HOH D 3 .   ? -7.834  4.689   -7.277  1.00 24.51 ? 27  HOH A O   1 
HETATM 890 O O   . HOH D 3 .   ? 9.602   -9.416  -6.267  1.00 24.74 ? 28  HOH A O   1 
HETATM 891 O O   . HOH D 3 .   ? -2.352  1.594   14.855  1.00 26.20 ? 29  HOH A O   1 
HETATM 892 O O   . HOH D 3 .   ? -7.070  13.350  5.795   1.00 16.01 ? 151 HOH A O   1 
HETATM 893 O O   . HOH D 3 .   ? -5.033  10.902  -0.368  1.00 15.59 ? 152 HOH A O   1 
HETATM 894 O O   . HOH D 3 .   ? 2.774   -6.862  -15.481 1.00 46.82 ? 153 HOH A O   1 
HETATM 895 O O   . HOH D 3 .   ? 7.130   11.220  2.093   1.00 23.95 ? 154 HOH A O   1 
HETATM 896 O O   . HOH D 3 .   ? -4.328  -9.618  -15.326 1.00 34.54 ? 155 HOH A O   1 
HETATM 897 O O   . HOH D 3 .   ? 17.664  3.957   8.036   1.00 32.75 ? 156 HOH A O   1 
HETATM 898 O O   . HOH D 3 .   ? 10.116  -11.572 -1.149  1.00 27.59 ? 157 HOH A O   1 
HETATM 899 O O   . HOH D 3 .   ? 8.336   4.695   -9.257  1.00 31.08 ? 158 HOH A O   1 
HETATM 900 O O   . HOH D 3 .   ? -9.959  -5.064  -0.090  1.00 28.29 ? 159 HOH A O   1 
HETATM 901 O O   . HOH D 3 .   ? -1.277  -1.107  -19.482 1.00 38.76 ? 160 HOH A O   1 
HETATM 902 O O   . HOH D 3 .   ? 13.554  2.414   7.433   1.00 40.64 ? 161 HOH A O   1 
HETATM 903 O O   . HOH D 3 .   ? -5.645  10.668  -6.695  1.00 27.31 ? 163 HOH A O   1 
HETATM 904 O O   . HOH D 3 .   ? -9.734  -8.541  0.905   1.00 29.32 ? 164 HOH A O   1 
HETATM 905 O O   . HOH D 3 .   ? 0.124   0.177   -17.644 1.00 40.42 ? 165 HOH A O   1 
HETATM 906 O O   . HOH D 3 .   ? -4.981  12.342  4.183   1.00 14.93 ? 166 HOH A O   1 
HETATM 907 O O   . HOH D 3 .   ? 9.263   4.002   9.115   1.00 35.96 ? 167 HOH A O   1 
HETATM 908 O O   . HOH D 3 .   ? -8.282  -4.254  14.046  1.00 34.73 ? 168 HOH A O   1 
HETATM 909 O O   . HOH D 3 .   ? 7.637   -10.731 1.220   1.00 27.77 ? 169 HOH A O   1 
HETATM 910 O O   . HOH D 3 .   ? -7.351  -8.616  12.476  1.00 32.29 ? 170 HOH A O   1 
HETATM 911 O O   . HOH D 3 .   ? 12.229  7.062   3.598   1.00 29.83 ? 171 HOH A O   1 
HETATM 912 O O   . HOH D 3 .   ? 13.944  8.534   1.964   1.00 31.48 ? 172 HOH A O   1 
HETATM 913 O O   . HOH D 3 .   ? -7.577  11.868  -7.934  1.00 30.96 ? 173 HOH A O   1 
HETATM 914 O O   . HOH D 3 .   ? -4.794  -10.549 -12.597 1.00 30.79 ? 174 HOH A O   1 
HETATM 915 O O   . HOH D 3 .   ? -5.581  7.694   16.423  1.00 27.98 ? 175 HOH A O   1 
HETATM 916 O O   . HOH D 3 .   ? -13.601 5.246   13.572  1.00 41.35 ? 176 HOH A O   1 
HETATM 917 O O   . HOH D 3 .   ? 5.468   -8.863  -2.419  1.00 31.86 ? 177 HOH A O   1 
HETATM 918 O O   . HOH D 3 .   ? -7.038  -13.348 6.668   1.00 26.79 ? 179 HOH A O   1 
HETATM 919 O O   . HOH D 3 .   ? 9.501   7.261   -4.318  1.00 33.37 ? 180 HOH A O   1 
HETATM 920 O O   . HOH D 3 .   ? 0.789   -12.228 -1.819  1.00 30.24 ? 181 HOH A O   1 
HETATM 921 O O   . HOH D 3 .   ? 3.151   5.008   13.051  1.00 36.10 ? 182 HOH A O   1 
HETATM 922 O O   . HOH D 3 .   ? -14.226 5.485   1.343   1.00 28.75 ? 183 HOH A O   1 
HETATM 923 O O   . HOH D 3 .   ? 1.240   -10.499 4.857   1.00 33.28 ? 184 HOH A O   1 
HETATM 924 O O   . HOH D 3 .   ? 9.241   7.982   5.202   1.00 37.48 ? 185 HOH A O   1 
HETATM 925 O O   . HOH D 3 .   ? -11.539 2.258   7.786   1.00 34.04 ? 186 HOH A O   1 
HETATM 926 O O   . HOH D 3 .   ? 13.907  -9.767  5.570   1.00 33.54 ? 187 HOH A O   1 
HETATM 927 O O   . HOH D 3 .   ? 6.144   4.237   -14.069 1.00 37.02 ? 188 HOH A O   1 
HETATM 928 O O   . HOH D 3 .   ? 4.308   13.639  5.759   1.00 30.40 ? 189 HOH A O   1 
HETATM 929 O O   . HOH D 3 .   ? 7.199   9.183   -10.166 1.00 33.00 ? 190 HOH A O   1 
HETATM 930 O O   . HOH D 3 .   ? -11.274 -0.868  -13.151 1.00 47.31 ? 191 HOH A O   1 
HETATM 931 O O   . HOH D 3 .   ? 4.500   5.555   -15.580 1.00 37.48 ? 192 HOH A O   1 
HETATM 932 O O   . HOH D 3 .   ? -3.913  1.743   16.998  1.00 34.74 ? 193 HOH A O   1 
HETATM 933 O O   . HOH D 3 .   ? -7.624  7.541   -6.815  1.00 32.23 ? 194 HOH A O   1 
HETATM 934 O O   . HOH D 3 .   ? 11.165  -1.483  7.608   1.00 30.96 ? 195 HOH A O   1 
HETATM 935 O O   . HOH D 3 .   ? 8.490   -6.124  -9.774  1.00 42.55 ? 196 HOH A O   1 
HETATM 936 O O   . HOH D 3 .   ? 0.372   15.593  13.049  1.00 38.24 ? 197 HOH A O   1 
HETATM 937 O O   . HOH D 3 .   ? -1.363  6.541   16.098  1.00 34.83 ? 198 HOH A O   1 
HETATM 938 O O   . HOH D 3 .   ? -4.404  8.949   -14.528 1.00 35.52 ? 199 HOH A O   1 
HETATM 939 O O   . HOH D 3 .   ? -3.890  1.692   -16.701 1.00 42.88 ? 200 HOH A O   1 
HETATM 940 O O   . HOH D 3 .   ? 1.481   6.084   -15.387 1.00 33.83 ? 201 HOH A O   1 
HETATM 941 O O   . HOH D 3 .   ? -2.889  4.938   -20.601 1.00 49.93 ? 202 HOH A O   1 
HETATM 942 O O   . HOH D 3 .   ? 7.971   10.267  4.640   1.00 33.98 ? 203 HOH A O   1 
HETATM 943 O O   . HOH D 3 .   ? -0.752  3.095   16.616  1.00 39.75 ? 204 HOH A O   1 
HETATM 944 O O   . HOH D 3 .   ? 2.510   -6.051  12.310  1.00 42.55 ? 205 HOH A O   1 
HETATM 945 O O   . HOH D 3 .   ? -6.926  14.631  -7.800  1.00 36.26 ? 206 HOH A O   1 
HETATM 946 O O   . HOH D 3 .   ? -9.965  1.149   -6.124  1.00 38.07 ? 207 HOH A O   1 
HETATM 947 O O   . HOH D 3 .   ? 7.275   -10.519 -5.723  1.00 41.30 ? 208 HOH A O   1 
HETATM 948 O O   . HOH D 3 .   ? -5.008  0.913   -19.129 1.00 48.45 ? 209 HOH A O   1 
HETATM 949 O O   . HOH D 3 .   ? 5.222   -6.355  6.391   1.00 36.97 ? 210 HOH A O   1 
HETATM 950 O O   . HOH D 3 .   ? -3.956  -14.965 11.898  1.00 50.41 ? 211 HOH A O   1 
HETATM 951 O O   . HOH D 3 .   ? -13.043 5.194   11.092  1.00 37.41 ? 212 HOH A O   1 
HETATM 952 O O   . HOH D 3 .   ? 4.552   -7.893  -10.064 1.00 45.00 ? 213 HOH A O   1 
HETATM 953 O O   . HOH D 3 .   ? -2.162  -12.936 11.988  1.00 38.83 ? 214 HOH A O   1 
HETATM 954 O O   . HOH D 3 .   ? 8.272   6.578   8.328   1.00 39.98 ? 215 HOH A O   1 
HETATM 955 O O   . HOH D 3 .   ? 4.679   -4.280  7.772   1.00 34.13 ? 216 HOH A O   1 
HETATM 956 O O   . HOH D 3 .   ? 6.060   -10.998 -1.083  1.00 37.35 ? 217 HOH A O   1 
HETATM 957 O O   . HOH D 3 .   ? 14.390  8.016   -0.984  1.00 41.00 ? 218 HOH A O   1 
HETATM 958 O O   . HOH D 3 .   ? 4.765   9.161   10.645  1.00 34.04 ? 219 HOH A O   1 
HETATM 959 O O   . HOH D 3 .   ? -3.408  2.543   -20.489 1.00 44.80 ? 220 HOH A O   1 
HETATM 960 O O   . HOH D 3 .   ? -7.500  6.731   -13.583 1.00 39.91 ? 221 HOH A O   1 
HETATM 961 O O   . HOH D 3 .   ? 8.006   -2.301  11.791  1.00 40.36 ? 222 HOH A O   1 
HETATM 962 O O   . HOH D 3 .   ? 6.828   -3.915  13.586  1.00 40.29 ? 223 HOH A O   1 
HETATM 963 O O   . HOH D 3 .   ? -12.303 -5.590  5.053   1.00 39.55 ? 224 HOH A O   1 
HETATM 964 O O   . HOH D 3 .   ? -6.668  2.504   16.894  1.00 44.56 ? 225 HOH A O   1 
HETATM 965 O O   . HOH D 3 .   ? 0.827   8.771   16.027  1.00 41.52 ? 226 HOH A O   1 
HETATM 966 O O   . HOH D 3 .   ? 4.236   8.156   13.097  1.00 37.72 ? 227 HOH A O   1 
HETATM 967 O O   . HOH D 3 .   ? 5.811   4.442   12.893  1.00 44.81 ? 228 HOH A O   1 
HETATM 968 O O   . HOH D 3 .   ? -12.226 -9.306  -2.258  1.00 39.98 ? 229 HOH A O   1 
HETATM 969 O O   . HOH D 3 .   ? -9.432  -13.250 5.641   1.00 34.24 ? 230 HOH A O   1 
HETATM 970 O O   . HOH D 3 .   ? -6.331  13.917  -10.095 1.00 35.99 ? 231 HOH A O   1 
HETATM 971 O O   . HOH D 3 .   ? 2.995   -8.495  -8.079  1.00 42.43 ? 232 HOH A O   1 
HETATM 972 O O   . HOH D 3 .   ? 1.800   -6.658  8.353   1.00 36.48 ? 233 HOH A O   1 
HETATM 973 O O   . HOH D 3 .   ? 1.328   -7.897  -13.392 1.00 47.30 ? 234 HOH A O   1 
HETATM 974 O O   . HOH D 3 .   ? 2.078   -4.368  7.143   1.00 34.36 ? 235 HOH A O   1 
HETATM 975 O O   . HOH D 3 .   ? -0.681  -14.308 10.177  1.00 41.23 ? 236 HOH A O   1 
HETATM 976 O O   . HOH D 3 .   ? 7.483   8.246   -2.535  1.00 24.96 ? 237 HOH A O   1 
HETATM 977 O O   . HOH D 3 .   ? -10.746 -4.375  -6.772  1.00 31.20 ? 238 HOH A O   1 
# 
loop_
_pdbx_poly_seq_scheme.asym_id 
_pdbx_poly_seq_scheme.entity_id 
_pdbx_poly_seq_scheme.seq_id 
_pdbx_poly_seq_scheme.mon_id 
_pdbx_poly_seq_scheme.ndb_seq_num 
_pdbx_poly_seq_scheme.pdb_seq_num 
_pdbx_poly_seq_scheme.auth_seq_num 
_pdbx_poly_seq_scheme.pdb_mon_id 
_pdbx_poly_seq_scheme.auth_mon_id 
_pdbx_poly_seq_scheme.pdb_strand_id 
_pdbx_poly_seq_scheme.pdb_ins_code 
_pdbx_poly_seq_scheme.hetero 
A 1 1   LEU 1   30  ?   ?   ?   A . n 
A 1 2   SER 2   31  31  SER SER A . n 
A 1 3   THR 3   32  32  THR THR A . n 
A 1 4   GLU 4   33  33  GLU GLU A . n 
A 1 5   ILE 5   34  34  ILE ILE A . n 
A 1 6   ARG 6   35  35  ARG ARG A . n 
A 1 7   LYS 7   36  36  LYS LYS A . n 
A 1 8   ALA 8   37  37  ALA ALA A . n 
A 1 9   ILE 9   38  38  ILE ILE A . n 
A 1 10  GLU 10  39  39  GLU GLU A . n 
A 1 11  ASP 11  40  40  ASP ASP A . n 
A 1 12  ALA 12  41  41  ALA ALA A . n 
A 1 13  ILE 13  42  42  ILE ILE A . n 
A 1 14  GLU 14  43  43  GLU GLU A . n 
A 1 15  SER 15  44  44  SER SER A . n 
A 1 16  ALA 16  45  45  ALA ALA A . n 
A 1 17  PRO 17  46  46  PRO PRO A . n 
A 1 18  VAL 18  47  47  VAL VAL A . n 
A 1 19  VAL 19  48  48  VAL VAL A . n 
A 1 20  LEU 20  49  49  LEU LEU A . n 
A 1 21  PHE 21  50  50  PHE PHE A . n 
A 1 22  MET 22  51  51  MET MET A . n 
A 1 23  LYS 23  52  52  LYS LYS A . n 
A 1 24  GLY 24  53  53  GLY GLY A . n 
A 1 25  THR 25  54  54  THR THR A . n 
A 1 26  PRO 26  55  55  PRO PRO A . n 
A 1 27  GLU 27  56  56  GLU GLU A . n 
A 1 28  PHE 28  57  57  PHE PHE A . n 
A 1 29  PRO 29  58  58  PRO PRO A . n 
A 1 30  LYS 30  59  59  LYS LYS A . n 
A 1 31  CYS 31  60  60  CYS CYS A . n 
A 1 32  GLY 32  61  61  GLY GLY A . n 
A 1 33  PHE 33  62  62  PHE PHE A . n 
A 1 34  SER 34  63  63  SER SER A . n 
A 1 35  ARG 35  64  64  ARG ARG A . n 
A 1 36  ALA 36  65  65  ALA ALA A . n 
A 1 37  THR 37  66  66  THR THR A . n 
A 1 38  ILE 38  67  67  ILE ILE A . n 
A 1 39  GLY 39  68  68  GLY GLY A . n 
A 1 40  LEU 40  69  69  LEU LEU A . n 
A 1 41  LEU 41  70  70  LEU LEU A . n 
A 1 42  GLY 42  71  71  GLY GLY A . n 
A 1 43  ASN 43  72  72  ASN ASN A . n 
A 1 44  GLN 44  73  73  GLN GLN A . n 
A 1 45  GLY 45  74  74  GLY GLY A . n 
A 1 46  VAL 46  75  75  VAL VAL A . n 
A 1 47  ASP 47  76  76  ASP ASP A . n 
A 1 48  PRO 48  77  77  PRO PRO A . n 
A 1 49  ALA 49  78  78  ALA ALA A . n 
A 1 50  LYS 50  79  79  LYS LYS A . n 
A 1 51  PHE 51  80  80  PHE PHE A . n 
A 1 52  ALA 52  81  81  ALA ALA A . n 
A 1 53  ALA 53  82  82  ALA ALA A . n 
A 1 54  TYR 54  83  83  TYR TYR A . n 
A 1 55  ASN 55  84  84  ASN ASN A . n 
A 1 56  VAL 56  85  85  VAL VAL A . n 
A 1 57  LEU 57  86  86  LEU LEU A . n 
A 1 58  GLU 58  87  87  GLU GLU A . n 
A 1 59  ASP 59  88  88  ASP ASP A . n 
A 1 60  PRO 60  89  89  PRO PRO A . n 
A 1 61  GLU 61  90  90  GLU GLU A . n 
A 1 62  LEU 62  91  91  LEU LEU A . n 
A 1 63  ARG 63  92  92  ARG ARG A . n 
A 1 64  GLU 64  93  93  GLU GLU A . n 
A 1 65  GLY 65  94  94  GLY GLY A . n 
A 1 66  ILE 66  95  95  ILE ILE A . n 
A 1 67  LYS 67  96  96  LYS LYS A . n 
A 1 68  GLU 68  97  97  GLU GLU A . n 
A 1 69  PHE 69  98  98  PHE PHE A . n 
A 1 70  SER 70  99  99  SER SER A . n 
A 1 71  GLU 71  100 100 GLU GLU A . n 
A 1 72  TRP 72  101 101 TRP TRP A . n 
A 1 73  PRO 73  102 102 PRO PRO A . n 
A 1 74  THR 74  103 103 THR THR A . n 
A 1 75  ILE 75  104 104 ILE ILE A . n 
A 1 76  PRO 76  105 105 PRO PRO A . n 
A 1 77  GLN 77  106 106 GLN GLN A . n 
A 1 78  LEU 78  107 107 LEU LEU A . n 
A 1 79  TYR 79  108 108 TYR TYR A . n 
A 1 80  VAL 80  109 109 VAL VAL A . n 
A 1 81  ASN 81  110 110 ASN ASN A . n 
A 1 82  LYS 82  111 111 LYS LYS A . n 
A 1 83  GLU 83  112 112 GLU GLU A . n 
A 1 84  PHE 84  113 113 PHE PHE A . n 
A 1 85  ILE 85  114 114 ILE ILE A . n 
A 1 86  GLY 86  115 115 GLY GLY A . n 
A 1 87  GLY 87  116 116 GLY GLY A . n 
A 1 88  CYS 88  117 117 CYS CYS A . n 
A 1 89  ASP 89  118 118 ASP ASP A . n 
A 1 90  VAL 90  119 119 VAL VAL A . n 
A 1 91  ILE 91  120 120 ILE ILE A . n 
A 1 92  THR 92  121 121 THR THR A . n 
A 1 93  SER 93  122 122 SER SER A . n 
A 1 94  MET 94  123 123 MET MET A . n 
A 1 95  ALA 95  124 124 ALA ALA A . n 
A 1 96  ARG 96  125 125 ARG ARG A . n 
A 1 97  SER 97  126 126 SER SER A . n 
A 1 98  GLY 98  127 127 GLY GLY A . n 
A 1 99  GLU 99  128 128 GLU GLU A . n 
A 1 100 LEU 100 129 129 LEU LEU A . n 
A 1 101 ALA 101 130 130 ALA ALA A . n 
A 1 102 ASP 102 131 131 ASP ASP A . n 
A 1 103 LEU 103 132 132 LEU LEU A . n 
A 1 104 LEU 104 133 133 LEU LEU A . n 
A 1 105 GLU 105 134 134 GLU GLU A . n 
A 1 106 GLU 106 135 135 GLU GLU A . n 
A 1 107 ALA 107 136 136 ALA ALA A . n 
A 1 108 GLN 108 137 137 GLN GLN A . n 
A 1 109 ALA 109 138 138 ALA ALA A . n 
A 1 110 LEU 110 139 139 LEU LEU A . n 
A 1 111 VAL 111 140 140 VAL VAL A . n 
A 1 112 PRO 112 141 141 PRO PRO A . n 
A 1 113 GLU 113 142 ?   ?   ?   A . n 
A 1 114 GLU 114 143 ?   ?   ?   A . n 
A 1 115 GLU 115 144 ?   ?   ?   A . n 
A 1 116 GLU 116 145 ?   ?   ?   A . n 
A 1 117 GLU 117 146 ?   ?   ?   A . n 
A 1 118 THR 118 147 ?   ?   ?   A . n 
A 1 119 LYS 119 148 ?   ?   ?   A . n 
A 1 120 ASP 120 149 ?   ?   ?   A . n 
A 1 121 ARG 121 150 ?   ?   ?   A . n 
# 
loop_
_pdbx_nonpoly_scheme.asym_id 
_pdbx_nonpoly_scheme.entity_id 
_pdbx_nonpoly_scheme.mon_id 
_pdbx_nonpoly_scheme.ndb_seq_num 
_pdbx_nonpoly_scheme.pdb_seq_num 
_pdbx_nonpoly_scheme.auth_seq_num 
_pdbx_nonpoly_scheme.pdb_mon_id 
_pdbx_nonpoly_scheme.auth_mon_id 
_pdbx_nonpoly_scheme.pdb_strand_id 
_pdbx_nonpoly_scheme.pdb_ins_code 
B 2 SO4 1   1   1   SO4 SO4 A . 
C 2 SO4 1   2   2   SO4 SO4 A . 
D 3 HOH 1   3   3   HOH HOH A . 
D 3 HOH 2   4   4   HOH HOH A . 
D 3 HOH 3   5   5   HOH HOH A . 
D 3 HOH 4   6   6   HOH HOH A . 
D 3 HOH 5   7   7   HOH HOH A . 
D 3 HOH 6   8   8   HOH HOH A . 
D 3 HOH 7   9   9   HOH HOH A . 
D 3 HOH 8   10  10  HOH HOH A . 
D 3 HOH 9   11  11  HOH HOH A . 
D 3 HOH 10  12  12  HOH HOH A . 
D 3 HOH 11  13  13  HOH HOH A . 
D 3 HOH 12  14  14  HOH HOH A . 
D 3 HOH 13  15  15  HOH HOH A . 
D 3 HOH 14  16  16  HOH HOH A . 
D 3 HOH 15  17  17  HOH HOH A . 
D 3 HOH 16  18  18  HOH HOH A . 
D 3 HOH 17  19  19  HOH HOH A . 
D 3 HOH 18  20  20  HOH HOH A . 
D 3 HOH 19  21  21  HOH HOH A . 
D 3 HOH 20  22  22  HOH HOH A . 
D 3 HOH 21  23  23  HOH HOH A . 
D 3 HOH 22  24  24  HOH HOH A . 
D 3 HOH 23  26  26  HOH HOH A . 
D 3 HOH 24  27  27  HOH HOH A . 
D 3 HOH 25  28  28  HOH HOH A . 
D 3 HOH 26  29  29  HOH HOH A . 
D 3 HOH 27  151 1   HOH HOH A . 
D 3 HOH 28  152 2   HOH HOH A . 
D 3 HOH 29  153 30  HOH HOH A . 
D 3 HOH 30  154 31  HOH HOH A . 
D 3 HOH 31  155 32  HOH HOH A . 
D 3 HOH 32  156 33  HOH HOH A . 
D 3 HOH 33  157 34  HOH HOH A . 
D 3 HOH 34  158 35  HOH HOH A . 
D 3 HOH 35  159 36  HOH HOH A . 
D 3 HOH 36  160 37  HOH HOH A . 
D 3 HOH 37  161 38  HOH HOH A . 
D 3 HOH 38  163 40  HOH HOH A . 
D 3 HOH 39  164 41  HOH HOH A . 
D 3 HOH 40  165 42  HOH HOH A . 
D 3 HOH 41  166 43  HOH HOH A . 
D 3 HOH 42  167 44  HOH HOH A . 
D 3 HOH 43  168 45  HOH HOH A . 
D 3 HOH 44  169 46  HOH HOH A . 
D 3 HOH 45  170 47  HOH HOH A . 
D 3 HOH 46  171 48  HOH HOH A . 
D 3 HOH 47  172 49  HOH HOH A . 
D 3 HOH 48  173 50  HOH HOH A . 
D 3 HOH 49  174 51  HOH HOH A . 
D 3 HOH 50  175 52  HOH HOH A . 
D 3 HOH 51  176 53  HOH HOH A . 
D 3 HOH 52  177 54  HOH HOH A . 
D 3 HOH 53  179 56  HOH HOH A . 
D 3 HOH 54  180 57  HOH HOH A . 
D 3 HOH 55  181 58  HOH HOH A . 
D 3 HOH 56  182 59  HOH HOH A . 
D 3 HOH 57  183 60  HOH HOH A . 
D 3 HOH 58  184 61  HOH HOH A . 
D 3 HOH 59  185 62  HOH HOH A . 
D 3 HOH 60  186 63  HOH HOH A . 
D 3 HOH 61  187 64  HOH HOH A . 
D 3 HOH 62  188 65  HOH HOH A . 
D 3 HOH 63  189 66  HOH HOH A . 
D 3 HOH 64  190 67  HOH HOH A . 
D 3 HOH 65  191 68  HOH HOH A . 
D 3 HOH 66  192 69  HOH HOH A . 
D 3 HOH 67  193 70  HOH HOH A . 
D 3 HOH 68  194 71  HOH HOH A . 
D 3 HOH 69  195 72  HOH HOH A . 
D 3 HOH 70  196 73  HOH HOH A . 
D 3 HOH 71  197 74  HOH HOH A . 
D 3 HOH 72  198 75  HOH HOH A . 
D 3 HOH 73  199 76  HOH HOH A . 
D 3 HOH 74  200 77  HOH HOH A . 
D 3 HOH 75  201 78  HOH HOH A . 
D 3 HOH 76  202 79  HOH HOH A . 
D 3 HOH 77  203 80  HOH HOH A . 
D 3 HOH 78  204 81  HOH HOH A . 
D 3 HOH 79  205 82  HOH HOH A . 
D 3 HOH 80  206 83  HOH HOH A . 
D 3 HOH 81  207 84  HOH HOH A . 
D 3 HOH 82  208 85  HOH HOH A . 
D 3 HOH 83  209 86  HOH HOH A . 
D 3 HOH 84  210 87  HOH HOH A . 
D 3 HOH 85  211 88  HOH HOH A . 
D 3 HOH 86  212 89  HOH HOH A . 
D 3 HOH 87  213 90  HOH HOH A . 
D 3 HOH 88  214 91  HOH HOH A . 
D 3 HOH 89  215 92  HOH HOH A . 
D 3 HOH 90  216 93  HOH HOH A . 
D 3 HOH 91  217 94  HOH HOH A . 
D 3 HOH 92  218 95  HOH HOH A . 
D 3 HOH 93  219 96  HOH HOH A . 
D 3 HOH 94  220 97  HOH HOH A . 
D 3 HOH 95  221 98  HOH HOH A . 
D 3 HOH 96  222 99  HOH HOH A . 
D 3 HOH 97  223 100 HOH HOH A . 
D 3 HOH 98  224 101 HOH HOH A . 
D 3 HOH 99  225 102 HOH HOH A . 
D 3 HOH 100 226 103 HOH HOH A . 
D 3 HOH 101 227 104 HOH HOH A . 
D 3 HOH 102 228 105 HOH HOH A . 
D 3 HOH 103 229 106 HOH HOH A . 
D 3 HOH 104 230 107 HOH HOH A . 
D 3 HOH 105 231 108 HOH HOH A . 
D 3 HOH 106 232 109 HOH HOH A . 
D 3 HOH 107 233 110 HOH HOH A . 
D 3 HOH 108 234 111 HOH HOH A . 
D 3 HOH 109 235 112 HOH HOH A . 
D 3 HOH 110 236 113 HOH HOH A . 
D 3 HOH 111 237 115 HOH HOH A . 
D 3 HOH 112 238 116 HOH HOH A . 
# 
_pdbx_struct_assembly.id                   1 
_pdbx_struct_assembly.details              author_and_software_defined_assembly 
_pdbx_struct_assembly.method_details       PISA 
_pdbx_struct_assembly.oligomeric_details   monomeric 
_pdbx_struct_assembly.oligomeric_count     1 
# 
_pdbx_struct_assembly_gen.assembly_id       1 
_pdbx_struct_assembly_gen.oper_expression   1 
_pdbx_struct_assembly_gen.asym_id_list      A,B,C,D 
# 
_pdbx_struct_oper_list.id                   1 
_pdbx_struct_oper_list.type                 'identity operation' 
_pdbx_struct_oper_list.name                 1_555 
_pdbx_struct_oper_list.symmetry_operation   x,y,z 
_pdbx_struct_oper_list.matrix[1][1]         1.0000000000 
_pdbx_struct_oper_list.matrix[1][2]         0.0000000000 
_pdbx_struct_oper_list.matrix[1][3]         0.0000000000 
_pdbx_struct_oper_list.vector[1]            0.0000000000 
_pdbx_struct_oper_list.matrix[2][1]         0.0000000000 
_pdbx_struct_oper_list.matrix[2][2]         1.0000000000 
_pdbx_struct_oper_list.matrix[2][3]         0.0000000000 
_pdbx_struct_oper_list.vector[2]            0.0000000000 
_pdbx_struct_oper_list.matrix[3][1]         0.0000000000 
_pdbx_struct_oper_list.matrix[3][2]         0.0000000000 
_pdbx_struct_oper_list.matrix[3][3]         1.0000000000 
_pdbx_struct_oper_list.vector[3]            0.0000000000 
# 
loop_
_pdbx_audit_revision_history.ordinal 
_pdbx_audit_revision_history.data_content_type 
_pdbx_audit_revision_history.major_revision 
_pdbx_audit_revision_history.minor_revision 
_pdbx_audit_revision_history.revision_date 
1 'Structure model' 1 0 2010-04-14 
2 'Structure model' 1 1 2011-07-13 
3 'Structure model' 1 2 2023-11-01 
# 
_pdbx_audit_revision_details.ordinal             1 
_pdbx_audit_revision_details.revision_ordinal    1 
_pdbx_audit_revision_details.data_content_type   'Structure model' 
_pdbx_audit_revision_details.provider            repository 
_pdbx_audit_revision_details.type                'Initial release' 
_pdbx_audit_revision_details.description         ? 
_pdbx_audit_revision_details.details             ? 
# 
loop_
_pdbx_audit_revision_group.ordinal 
_pdbx_audit_revision_group.revision_ordinal 
_pdbx_audit_revision_group.data_content_type 
_pdbx_audit_revision_group.group 
1 2 'Structure model' 'Version format compliance' 
2 3 'Structure model' 'Data collection'           
3 3 'Structure model' 'Database references'       
4 3 'Structure model' 'Derived calculations'      
5 3 'Structure model' 'Refinement description'    
# 
loop_
_pdbx_audit_revision_category.ordinal 
_pdbx_audit_revision_category.revision_ordinal 
_pdbx_audit_revision_category.data_content_type 
_pdbx_audit_revision_category.category 
1 3 'Structure model' chem_comp_atom                
2 3 'Structure model' chem_comp_bond                
3 3 'Structure model' database_2                    
4 3 'Structure model' pdbx_initial_refinement_model 
5 3 'Structure model' struct_site                   
# 
loop_
_pdbx_audit_revision_item.ordinal 
_pdbx_audit_revision_item.revision_ordinal 
_pdbx_audit_revision_item.data_content_type 
_pdbx_audit_revision_item.item 
1 3 'Structure model' '_database_2.pdbx_DOI'                
2 3 'Structure model' '_database_2.pdbx_database_accession' 
3 3 'Structure model' '_struct_site.pdbx_auth_asym_id'      
4 3 'Structure model' '_struct_site.pdbx_auth_comp_id'      
5 3 'Structure model' '_struct_site.pdbx_auth_seq_id'       
# 
loop_
_software.name 
_software.classification 
_software.version 
_software.citation_id 
_software.pdbx_ordinal 
MAR345dtb 'data collection' . ? 1 
MOLREP    phasing           . ? 2 
PHENIX    refinement        . ? 3 
MOSFLM    'data reduction'  . ? 4 
SCALA     'data scaling'    . ? 5 
# 
_pdbx_unobs_or_zero_occ_atoms.id               1 
_pdbx_unobs_or_zero_occ_atoms.PDB_model_num    1 
_pdbx_unobs_or_zero_occ_atoms.polymer_flag     N 
_pdbx_unobs_or_zero_occ_atoms.occupancy_flag   0 
_pdbx_unobs_or_zero_occ_atoms.auth_asym_id     A 
_pdbx_unobs_or_zero_occ_atoms.auth_comp_id     SO4 
_pdbx_unobs_or_zero_occ_atoms.auth_seq_id      1 
_pdbx_unobs_or_zero_occ_atoms.PDB_ins_code     ? 
_pdbx_unobs_or_zero_occ_atoms.auth_atom_id     O2 
_pdbx_unobs_or_zero_occ_atoms.label_alt_id     ? 
_pdbx_unobs_or_zero_occ_atoms.label_asym_id    B 
_pdbx_unobs_or_zero_occ_atoms.label_comp_id    SO4 
_pdbx_unobs_or_zero_occ_atoms.label_seq_id     ? 
_pdbx_unobs_or_zero_occ_atoms.label_atom_id    O2 
# 
loop_
_pdbx_unobs_or_zero_occ_residues.id 
_pdbx_unobs_or_zero_occ_residues.PDB_model_num 
_pdbx_unobs_or_zero_occ_residues.polymer_flag 
_pdbx_unobs_or_zero_occ_residues.occupancy_flag 
_pdbx_unobs_or_zero_occ_residues.auth_asym_id 
_pdbx_unobs_or_zero_occ_residues.auth_comp_id 
_pdbx_unobs_or_zero_occ_residues.auth_seq_id 
_pdbx_unobs_or_zero_occ_residues.PDB_ins_code 
_pdbx_unobs_or_zero_occ_residues.label_asym_id 
_pdbx_unobs_or_zero_occ_residues.label_comp_id 
_pdbx_unobs_or_zero_occ_residues.label_seq_id 
1  1 Y 1 A LEU 30  ? A LEU 1   
2  1 Y 1 A GLU 142 ? A GLU 113 
3  1 Y 1 A GLU 143 ? A GLU 114 
4  1 Y 1 A GLU 144 ? A GLU 115 
5  1 Y 1 A GLU 145 ? A GLU 116 
6  1 Y 1 A GLU 146 ? A GLU 117 
7  1 Y 1 A THR 147 ? A THR 118 
8  1 Y 1 A LYS 148 ? A LYS 119 
9  1 Y 1 A ASP 149 ? A ASP 120 
10 1 Y 1 A ARG 150 ? A ARG 121 
# 
loop_
_chem_comp_atom.comp_id 
_chem_comp_atom.atom_id 
_chem_comp_atom.type_symbol 
_chem_comp_atom.pdbx_aromatic_flag 
_chem_comp_atom.pdbx_stereo_config 
_chem_comp_atom.pdbx_ordinal 
ALA N    N N N 1   
ALA CA   C N S 2   
ALA C    C N N 3   
ALA O    O N N 4   
ALA CB   C N N 5   
ALA OXT  O N N 6   
ALA H    H N N 7   
ALA H2   H N N 8   
ALA HA   H N N 9   
ALA HB1  H N N 10  
ALA HB2  H N N 11  
ALA HB3  H N N 12  
ALA HXT  H N N 13  
ARG N    N N N 14  
ARG CA   C N S 15  
ARG C    C N N 16  
ARG O    O N N 17  
ARG CB   C N N 18  
ARG CG   C N N 19  
ARG CD   C N N 20  
ARG NE   N N N 21  
ARG CZ   C N N 22  
ARG NH1  N N N 23  
ARG NH2  N N N 24  
ARG OXT  O N N 25  
ARG H    H N N 26  
ARG H2   H N N 27  
ARG HA   H N N 28  
ARG HB2  H N N 29  
ARG HB3  H N N 30  
ARG HG2  H N N 31  
ARG HG3  H N N 32  
ARG HD2  H N N 33  
ARG HD3  H N N 34  
ARG HE   H N N 35  
ARG HH11 H N N 36  
ARG HH12 H N N 37  
ARG HH21 H N N 38  
ARG HH22 H N N 39  
ARG HXT  H N N 40  
ASN N    N N N 41  
ASN CA   C N S 42  
ASN C    C N N 43  
ASN O    O N N 44  
ASN CB   C N N 45  
ASN CG   C N N 46  
ASN OD1  O N N 47  
ASN ND2  N N N 48  
ASN OXT  O N N 49  
ASN H    H N N 50  
ASN H2   H N N 51  
ASN HA   H N N 52  
ASN HB2  H N N 53  
ASN HB3  H N N 54  
ASN HD21 H N N 55  
ASN HD22 H N N 56  
ASN HXT  H N N 57  
ASP N    N N N 58  
ASP CA   C N S 59  
ASP C    C N N 60  
ASP O    O N N 61  
ASP CB   C N N 62  
ASP CG   C N N 63  
ASP OD1  O N N 64  
ASP OD2  O N N 65  
ASP OXT  O N N 66  
ASP H    H N N 67  
ASP H2   H N N 68  
ASP HA   H N N 69  
ASP HB2  H N N 70  
ASP HB3  H N N 71  
ASP HD2  H N N 72  
ASP HXT  H N N 73  
CYS N    N N N 74  
CYS CA   C N R 75  
CYS C    C N N 76  
CYS O    O N N 77  
CYS CB   C N N 78  
CYS SG   S N N 79  
CYS OXT  O N N 80  
CYS H    H N N 81  
CYS H2   H N N 82  
CYS HA   H N N 83  
CYS HB2  H N N 84  
CYS HB3  H N N 85  
CYS HG   H N N 86  
CYS HXT  H N N 87  
GLN N    N N N 88  
GLN CA   C N S 89  
GLN C    C N N 90  
GLN O    O N N 91  
GLN CB   C N N 92  
GLN CG   C N N 93  
GLN CD   C N N 94  
GLN OE1  O N N 95  
GLN NE2  N N N 96  
GLN OXT  O N N 97  
GLN H    H N N 98  
GLN H2   H N N 99  
GLN HA   H N N 100 
GLN HB2  H N N 101 
GLN HB3  H N N 102 
GLN HG2  H N N 103 
GLN HG3  H N N 104 
GLN HE21 H N N 105 
GLN HE22 H N N 106 
GLN HXT  H N N 107 
GLU N    N N N 108 
GLU CA   C N S 109 
GLU C    C N N 110 
GLU O    O N N 111 
GLU CB   C N N 112 
GLU CG   C N N 113 
GLU CD   C N N 114 
GLU OE1  O N N 115 
GLU OE2  O N N 116 
GLU OXT  O N N 117 
GLU H    H N N 118 
GLU H2   H N N 119 
GLU HA   H N N 120 
GLU HB2  H N N 121 
GLU HB3  H N N 122 
GLU HG2  H N N 123 
GLU HG3  H N N 124 
GLU HE2  H N N 125 
GLU HXT  H N N 126 
GLY N    N N N 127 
GLY CA   C N N 128 
GLY C    C N N 129 
GLY O    O N N 130 
GLY OXT  O N N 131 
GLY H    H N N 132 
GLY H2   H N N 133 
GLY HA2  H N N 134 
GLY HA3  H N N 135 
GLY HXT  H N N 136 
HOH O    O N N 137 
HOH H1   H N N 138 
HOH H2   H N N 139 
ILE N    N N N 140 
ILE CA   C N S 141 
ILE C    C N N 142 
ILE O    O N N 143 
ILE CB   C N S 144 
ILE CG1  C N N 145 
ILE CG2  C N N 146 
ILE CD1  C N N 147 
ILE OXT  O N N 148 
ILE H    H N N 149 
ILE H2   H N N 150 
ILE HA   H N N 151 
ILE HB   H N N 152 
ILE HG12 H N N 153 
ILE HG13 H N N 154 
ILE HG21 H N N 155 
ILE HG22 H N N 156 
ILE HG23 H N N 157 
ILE HD11 H N N 158 
ILE HD12 H N N 159 
ILE HD13 H N N 160 
ILE HXT  H N N 161 
LEU N    N N N 162 
LEU CA   C N S 163 
LEU C    C N N 164 
LEU O    O N N 165 
LEU CB   C N N 166 
LEU CG   C N N 167 
LEU CD1  C N N 168 
LEU CD2  C N N 169 
LEU OXT  O N N 170 
LEU H    H N N 171 
LEU H2   H N N 172 
LEU HA   H N N 173 
LEU HB2  H N N 174 
LEU HB3  H N N 175 
LEU HG   H N N 176 
LEU HD11 H N N 177 
LEU HD12 H N N 178 
LEU HD13 H N N 179 
LEU HD21 H N N 180 
LEU HD22 H N N 181 
LEU HD23 H N N 182 
LEU HXT  H N N 183 
LYS N    N N N 184 
LYS CA   C N S 185 
LYS C    C N N 186 
LYS O    O N N 187 
LYS CB   C N N 188 
LYS CG   C N N 189 
LYS CD   C N N 190 
LYS CE   C N N 191 
LYS NZ   N N N 192 
LYS OXT  O N N 193 
LYS H    H N N 194 
LYS H2   H N N 195 
LYS HA   H N N 196 
LYS HB2  H N N 197 
LYS HB3  H N N 198 
LYS HG2  H N N 199 
LYS HG3  H N N 200 
LYS HD2  H N N 201 
LYS HD3  H N N 202 
LYS HE2  H N N 203 
LYS HE3  H N N 204 
LYS HZ1  H N N 205 
LYS HZ2  H N N 206 
LYS HZ3  H N N 207 
LYS HXT  H N N 208 
MET N    N N N 209 
MET CA   C N S 210 
MET C    C N N 211 
MET O    O N N 212 
MET CB   C N N 213 
MET CG   C N N 214 
MET SD   S N N 215 
MET CE   C N N 216 
MET OXT  O N N 217 
MET H    H N N 218 
MET H2   H N N 219 
MET HA   H N N 220 
MET HB2  H N N 221 
MET HB3  H N N 222 
MET HG2  H N N 223 
MET HG3  H N N 224 
MET HE1  H N N 225 
MET HE2  H N N 226 
MET HE3  H N N 227 
MET HXT  H N N 228 
PHE N    N N N 229 
PHE CA   C N S 230 
PHE C    C N N 231 
PHE O    O N N 232 
PHE CB   C N N 233 
PHE CG   C Y N 234 
PHE CD1  C Y N 235 
PHE CD2  C Y N 236 
PHE CE1  C Y N 237 
PHE CE2  C Y N 238 
PHE CZ   C Y N 239 
PHE OXT  O N N 240 
PHE H    H N N 241 
PHE H2   H N N 242 
PHE HA   H N N 243 
PHE HB2  H N N 244 
PHE HB3  H N N 245 
PHE HD1  H N N 246 
PHE HD2  H N N 247 
PHE HE1  H N N 248 
PHE HE2  H N N 249 
PHE HZ   H N N 250 
PHE HXT  H N N 251 
PRO N    N N N 252 
PRO CA   C N S 253 
PRO C    C N N 254 
PRO O    O N N 255 
PRO CB   C N N 256 
PRO CG   C N N 257 
PRO CD   C N N 258 
PRO OXT  O N N 259 
PRO H    H N N 260 
PRO HA   H N N 261 
PRO HB2  H N N 262 
PRO HB3  H N N 263 
PRO HG2  H N N 264 
PRO HG3  H N N 265 
PRO HD2  H N N 266 
PRO HD3  H N N 267 
PRO HXT  H N N 268 
SER N    N N N 269 
SER CA   C N S 270 
SER C    C N N 271 
SER O    O N N 272 
SER CB   C N N 273 
SER OG   O N N 274 
SER OXT  O N N 275 
SER H    H N N 276 
SER H2   H N N 277 
SER HA   H N N 278 
SER HB2  H N N 279 
SER HB3  H N N 280 
SER HG   H N N 281 
SER HXT  H N N 282 
SO4 S    S N N 283 
SO4 O1   O N N 284 
SO4 O2   O N N 285 
SO4 O3   O N N 286 
SO4 O4   O N N 287 
THR N    N N N 288 
THR CA   C N S 289 
THR C    C N N 290 
THR O    O N N 291 
THR CB   C N R 292 
THR OG1  O N N 293 
THR CG2  C N N 294 
THR OXT  O N N 295 
THR H    H N N 296 
THR H2   H N N 297 
THR HA   H N N 298 
THR HB   H N N 299 
THR HG1  H N N 300 
THR HG21 H N N 301 
THR HG22 H N N 302 
THR HG23 H N N 303 
THR HXT  H N N 304 
TRP N    N N N 305 
TRP CA   C N S 306 
TRP C    C N N 307 
TRP O    O N N 308 
TRP CB   C N N 309 
TRP CG   C Y N 310 
TRP CD1  C Y N 311 
TRP CD2  C Y N 312 
TRP NE1  N Y N 313 
TRP CE2  C Y N 314 
TRP CE3  C Y N 315 
TRP CZ2  C Y N 316 
TRP CZ3  C Y N 317 
TRP CH2  C Y N 318 
TRP OXT  O N N 319 
TRP H    H N N 320 
TRP H2   H N N 321 
TRP HA   H N N 322 
TRP HB2  H N N 323 
TRP HB3  H N N 324 
TRP HD1  H N N 325 
TRP HE1  H N N 326 
TRP HE3  H N N 327 
TRP HZ2  H N N 328 
TRP HZ3  H N N 329 
TRP HH2  H N N 330 
TRP HXT  H N N 331 
TYR N    N N N 332 
TYR CA   C N S 333 
TYR C    C N N 334 
TYR O    O N N 335 
TYR CB   C N N 336 
TYR CG   C Y N 337 
TYR CD1  C Y N 338 
TYR CD2  C Y N 339 
TYR CE1  C Y N 340 
TYR CE2  C Y N 341 
TYR CZ   C Y N 342 
TYR OH   O N N 343 
TYR OXT  O N N 344 
TYR H    H N N 345 
TYR H2   H N N 346 
TYR HA   H N N 347 
TYR HB2  H N N 348 
TYR HB3  H N N 349 
TYR HD1  H N N 350 
TYR HD2  H N N 351 
TYR HE1  H N N 352 
TYR HE2  H N N 353 
TYR HH   H N N 354 
TYR HXT  H N N 355 
VAL N    N N N 356 
VAL CA   C N S 357 
VAL C    C N N 358 
VAL O    O N N 359 
VAL CB   C N N 360 
VAL CG1  C N N 361 
VAL CG2  C N N 362 
VAL OXT  O N N 363 
VAL H    H N N 364 
VAL H2   H N N 365 
VAL HA   H N N 366 
VAL HB   H N N 367 
VAL HG11 H N N 368 
VAL HG12 H N N 369 
VAL HG13 H N N 370 
VAL HG21 H N N 371 
VAL HG22 H N N 372 
VAL HG23 H N N 373 
VAL HXT  H N N 374 
# 
loop_
_chem_comp_bond.comp_id 
_chem_comp_bond.atom_id_1 
_chem_comp_bond.atom_id_2 
_chem_comp_bond.value_order 
_chem_comp_bond.pdbx_aromatic_flag 
_chem_comp_bond.pdbx_stereo_config 
_chem_comp_bond.pdbx_ordinal 
ALA N   CA   sing N N 1   
ALA N   H    sing N N 2   
ALA N   H2   sing N N 3   
ALA CA  C    sing N N 4   
ALA CA  CB   sing N N 5   
ALA CA  HA   sing N N 6   
ALA C   O    doub N N 7   
ALA C   OXT  sing N N 8   
ALA CB  HB1  sing N N 9   
ALA CB  HB2  sing N N 10  
ALA CB  HB3  sing N N 11  
ALA OXT HXT  sing N N 12  
ARG N   CA   sing N N 13  
ARG N   H    sing N N 14  
ARG N   H2   sing N N 15  
ARG CA  C    sing N N 16  
ARG CA  CB   sing N N 17  
ARG CA  HA   sing N N 18  
ARG C   O    doub N N 19  
ARG C   OXT  sing N N 20  
ARG CB  CG   sing N N 21  
ARG CB  HB2  sing N N 22  
ARG CB  HB3  sing N N 23  
ARG CG  CD   sing N N 24  
ARG CG  HG2  sing N N 25  
ARG CG  HG3  sing N N 26  
ARG CD  NE   sing N N 27  
ARG CD  HD2  sing N N 28  
ARG CD  HD3  sing N N 29  
ARG NE  CZ   sing N N 30  
ARG NE  HE   sing N N 31  
ARG CZ  NH1  sing N N 32  
ARG CZ  NH2  doub N N 33  
ARG NH1 HH11 sing N N 34  
ARG NH1 HH12 sing N N 35  
ARG NH2 HH21 sing N N 36  
ARG NH2 HH22 sing N N 37  
ARG OXT HXT  sing N N 38  
ASN N   CA   sing N N 39  
ASN N   H    sing N N 40  
ASN N   H2   sing N N 41  
ASN CA  C    sing N N 42  
ASN CA  CB   sing N N 43  
ASN CA  HA   sing N N 44  
ASN C   O    doub N N 45  
ASN C   OXT  sing N N 46  
ASN CB  CG   sing N N 47  
ASN CB  HB2  sing N N 48  
ASN CB  HB3  sing N N 49  
ASN CG  OD1  doub N N 50  
ASN CG  ND2  sing N N 51  
ASN ND2 HD21 sing N N 52  
ASN ND2 HD22 sing N N 53  
ASN OXT HXT  sing N N 54  
ASP N   CA   sing N N 55  
ASP N   H    sing N N 56  
ASP N   H2   sing N N 57  
ASP CA  C    sing N N 58  
ASP CA  CB   sing N N 59  
ASP CA  HA   sing N N 60  
ASP C   O    doub N N 61  
ASP C   OXT  sing N N 62  
ASP CB  CG   sing N N 63  
ASP CB  HB2  sing N N 64  
ASP CB  HB3  sing N N 65  
ASP CG  OD1  doub N N 66  
ASP CG  OD2  sing N N 67  
ASP OD2 HD2  sing N N 68  
ASP OXT HXT  sing N N 69  
CYS N   CA   sing N N 70  
CYS N   H    sing N N 71  
CYS N   H2   sing N N 72  
CYS CA  C    sing N N 73  
CYS CA  CB   sing N N 74  
CYS CA  HA   sing N N 75  
CYS C   O    doub N N 76  
CYS C   OXT  sing N N 77  
CYS CB  SG   sing N N 78  
CYS CB  HB2  sing N N 79  
CYS CB  HB3  sing N N 80  
CYS SG  HG   sing N N 81  
CYS OXT HXT  sing N N 82  
GLN N   CA   sing N N 83  
GLN N   H    sing N N 84  
GLN N   H2   sing N N 85  
GLN CA  C    sing N N 86  
GLN CA  CB   sing N N 87  
GLN CA  HA   sing N N 88  
GLN C   O    doub N N 89  
GLN C   OXT  sing N N 90  
GLN CB  CG   sing N N 91  
GLN CB  HB2  sing N N 92  
GLN CB  HB3  sing N N 93  
GLN CG  CD   sing N N 94  
GLN CG  HG2  sing N N 95  
GLN CG  HG3  sing N N 96  
GLN CD  OE1  doub N N 97  
GLN CD  NE2  sing N N 98  
GLN NE2 HE21 sing N N 99  
GLN NE2 HE22 sing N N 100 
GLN OXT HXT  sing N N 101 
GLU N   CA   sing N N 102 
GLU N   H    sing N N 103 
GLU N   H2   sing N N 104 
GLU CA  C    sing N N 105 
GLU CA  CB   sing N N 106 
GLU CA  HA   sing N N 107 
GLU C   O    doub N N 108 
GLU C   OXT  sing N N 109 
GLU CB  CG   sing N N 110 
GLU CB  HB2  sing N N 111 
GLU CB  HB3  sing N N 112 
GLU CG  CD   sing N N 113 
GLU CG  HG2  sing N N 114 
GLU CG  HG3  sing N N 115 
GLU CD  OE1  doub N N 116 
GLU CD  OE2  sing N N 117 
GLU OE2 HE2  sing N N 118 
GLU OXT HXT  sing N N 119 
GLY N   CA   sing N N 120 
GLY N   H    sing N N 121 
GLY N   H2   sing N N 122 
GLY CA  C    sing N N 123 
GLY CA  HA2  sing N N 124 
GLY CA  HA3  sing N N 125 
GLY C   O    doub N N 126 
GLY C   OXT  sing N N 127 
GLY OXT HXT  sing N N 128 
HOH O   H1   sing N N 129 
HOH O   H2   sing N N 130 
ILE N   CA   sing N N 131 
ILE N   H    sing N N 132 
ILE N   H2   sing N N 133 
ILE CA  C    sing N N 134 
ILE CA  CB   sing N N 135 
ILE CA  HA   sing N N 136 
ILE C   O    doub N N 137 
ILE C   OXT  sing N N 138 
ILE CB  CG1  sing N N 139 
ILE CB  CG2  sing N N 140 
ILE CB  HB   sing N N 141 
ILE CG1 CD1  sing N N 142 
ILE CG1 HG12 sing N N 143 
ILE CG1 HG13 sing N N 144 
ILE CG2 HG21 sing N N 145 
ILE CG2 HG22 sing N N 146 
ILE CG2 HG23 sing N N 147 
ILE CD1 HD11 sing N N 148 
ILE CD1 HD12 sing N N 149 
ILE CD1 HD13 sing N N 150 
ILE OXT HXT  sing N N 151 
LEU N   CA   sing N N 152 
LEU N   H    sing N N 153 
LEU N   H2   sing N N 154 
LEU CA  C    sing N N 155 
LEU CA  CB   sing N N 156 
LEU CA  HA   sing N N 157 
LEU C   O    doub N N 158 
LEU C   OXT  sing N N 159 
LEU CB  CG   sing N N 160 
LEU CB  HB2  sing N N 161 
LEU CB  HB3  sing N N 162 
LEU CG  CD1  sing N N 163 
LEU CG  CD2  sing N N 164 
LEU CG  HG   sing N N 165 
LEU CD1 HD11 sing N N 166 
LEU CD1 HD12 sing N N 167 
LEU CD1 HD13 sing N N 168 
LEU CD2 HD21 sing N N 169 
LEU CD2 HD22 sing N N 170 
LEU CD2 HD23 sing N N 171 
LEU OXT HXT  sing N N 172 
LYS N   CA   sing N N 173 
LYS N   H    sing N N 174 
LYS N   H2   sing N N 175 
LYS CA  C    sing N N 176 
LYS CA  CB   sing N N 177 
LYS CA  HA   sing N N 178 
LYS C   O    doub N N 179 
LYS C   OXT  sing N N 180 
LYS CB  CG   sing N N 181 
LYS CB  HB2  sing N N 182 
LYS CB  HB3  sing N N 183 
LYS CG  CD   sing N N 184 
LYS CG  HG2  sing N N 185 
LYS CG  HG3  sing N N 186 
LYS CD  CE   sing N N 187 
LYS CD  HD2  sing N N 188 
LYS CD  HD3  sing N N 189 
LYS CE  NZ   sing N N 190 
LYS CE  HE2  sing N N 191 
LYS CE  HE3  sing N N 192 
LYS NZ  HZ1  sing N N 193 
LYS NZ  HZ2  sing N N 194 
LYS NZ  HZ3  sing N N 195 
LYS OXT HXT  sing N N 196 
MET N   CA   sing N N 197 
MET N   H    sing N N 198 
MET N   H2   sing N N 199 
MET CA  C    sing N N 200 
MET CA  CB   sing N N 201 
MET CA  HA   sing N N 202 
MET C   O    doub N N 203 
MET C   OXT  sing N N 204 
MET CB  CG   sing N N 205 
MET CB  HB2  sing N N 206 
MET CB  HB3  sing N N 207 
MET CG  SD   sing N N 208 
MET CG  HG2  sing N N 209 
MET CG  HG3  sing N N 210 
MET SD  CE   sing N N 211 
MET CE  HE1  sing N N 212 
MET CE  HE2  sing N N 213 
MET CE  HE3  sing N N 214 
MET OXT HXT  sing N N 215 
PHE N   CA   sing N N 216 
PHE N   H    sing N N 217 
PHE N   H2   sing N N 218 
PHE CA  C    sing N N 219 
PHE CA  CB   sing N N 220 
PHE CA  HA   sing N N 221 
PHE C   O    doub N N 222 
PHE C   OXT  sing N N 223 
PHE CB  CG   sing N N 224 
PHE CB  HB2  sing N N 225 
PHE CB  HB3  sing N N 226 
PHE CG  CD1  doub Y N 227 
PHE CG  CD2  sing Y N 228 
PHE CD1 CE1  sing Y N 229 
PHE CD1 HD1  sing N N 230 
PHE CD2 CE2  doub Y N 231 
PHE CD2 HD2  sing N N 232 
PHE CE1 CZ   doub Y N 233 
PHE CE1 HE1  sing N N 234 
PHE CE2 CZ   sing Y N 235 
PHE CE2 HE2  sing N N 236 
PHE CZ  HZ   sing N N 237 
PHE OXT HXT  sing N N 238 
PRO N   CA   sing N N 239 
PRO N   CD   sing N N 240 
PRO N   H    sing N N 241 
PRO CA  C    sing N N 242 
PRO CA  CB   sing N N 243 
PRO CA  HA   sing N N 244 
PRO C   O    doub N N 245 
PRO C   OXT  sing N N 246 
PRO CB  CG   sing N N 247 
PRO CB  HB2  sing N N 248 
PRO CB  HB3  sing N N 249 
PRO CG  CD   sing N N 250 
PRO CG  HG2  sing N N 251 
PRO CG  HG3  sing N N 252 
PRO CD  HD2  sing N N 253 
PRO CD  HD3  sing N N 254 
PRO OXT HXT  sing N N 255 
SER N   CA   sing N N 256 
SER N   H    sing N N 257 
SER N   H2   sing N N 258 
SER CA  C    sing N N 259 
SER CA  CB   sing N N 260 
SER CA  HA   sing N N 261 
SER C   O    doub N N 262 
SER C   OXT  sing N N 263 
SER CB  OG   sing N N 264 
SER CB  HB2  sing N N 265 
SER CB  HB3  sing N N 266 
SER OG  HG   sing N N 267 
SER OXT HXT  sing N N 268 
SO4 S   O1   doub N N 269 
SO4 S   O2   doub N N 270 
SO4 S   O3   sing N N 271 
SO4 S   O4   sing N N 272 
THR N   CA   sing N N 273 
THR N   H    sing N N 274 
THR N   H2   sing N N 275 
THR CA  C    sing N N 276 
THR CA  CB   sing N N 277 
THR CA  HA   sing N N 278 
THR C   O    doub N N 279 
THR C   OXT  sing N N 280 
THR CB  OG1  sing N N 281 
THR CB  CG2  sing N N 282 
THR CB  HB   sing N N 283 
THR OG1 HG1  sing N N 284 
THR CG2 HG21 sing N N 285 
THR CG2 HG22 sing N N 286 
THR CG2 HG23 sing N N 287 
THR OXT HXT  sing N N 288 
TRP N   CA   sing N N 289 
TRP N   H    sing N N 290 
TRP N   H2   sing N N 291 
TRP CA  C    sing N N 292 
TRP CA  CB   sing N N 293 
TRP CA  HA   sing N N 294 
TRP C   O    doub N N 295 
TRP C   OXT  sing N N 296 
TRP CB  CG   sing N N 297 
TRP CB  HB2  sing N N 298 
TRP CB  HB3  sing N N 299 
TRP CG  CD1  doub Y N 300 
TRP CG  CD2  sing Y N 301 
TRP CD1 NE1  sing Y N 302 
TRP CD1 HD1  sing N N 303 
TRP CD2 CE2  doub Y N 304 
TRP CD2 CE3  sing Y N 305 
TRP NE1 CE2  sing Y N 306 
TRP NE1 HE1  sing N N 307 
TRP CE2 CZ2  sing Y N 308 
TRP CE3 CZ3  doub Y N 309 
TRP CE3 HE3  sing N N 310 
TRP CZ2 CH2  doub Y N 311 
TRP CZ2 HZ2  sing N N 312 
TRP CZ3 CH2  sing Y N 313 
TRP CZ3 HZ3  sing N N 314 
TRP CH2 HH2  sing N N 315 
TRP OXT HXT  sing N N 316 
TYR N   CA   sing N N 317 
TYR N   H    sing N N 318 
TYR N   H2   sing N N 319 
TYR CA  C    sing N N 320 
TYR CA  CB   sing N N 321 
TYR CA  HA   sing N N 322 
TYR C   O    doub N N 323 
TYR C   OXT  sing N N 324 
TYR CB  CG   sing N N 325 
TYR CB  HB2  sing N N 326 
TYR CB  HB3  sing N N 327 
TYR CG  CD1  doub Y N 328 
TYR CG  CD2  sing Y N 329 
TYR CD1 CE1  sing Y N 330 
TYR CD1 HD1  sing N N 331 
TYR CD2 CE2  doub Y N 332 
TYR CD2 HD2  sing N N 333 
TYR CE1 CZ   doub Y N 334 
TYR CE1 HE1  sing N N 335 
TYR CE2 CZ   sing Y N 336 
TYR CE2 HE2  sing N N 337 
TYR CZ  OH   sing N N 338 
TYR OH  HH   sing N N 339 
TYR OXT HXT  sing N N 340 
VAL N   CA   sing N N 341 
VAL N   H    sing N N 342 
VAL N   H2   sing N N 343 
VAL CA  C    sing N N 344 
VAL CA  CB   sing N N 345 
VAL CA  HA   sing N N 346 
VAL C   O    doub N N 347 
VAL C   OXT  sing N N 348 
VAL CB  CG1  sing N N 349 
VAL CB  CG2  sing N N 350 
VAL CB  HB   sing N N 351 
VAL CG1 HG11 sing N N 352 
VAL CG1 HG12 sing N N 353 
VAL CG1 HG13 sing N N 354 
VAL CG2 HG21 sing N N 355 
VAL CG2 HG22 sing N N 356 
VAL CG2 HG23 sing N N 357 
VAL OXT HXT  sing N N 358 
# 
loop_
_pdbx_entity_nonpoly.entity_id 
_pdbx_entity_nonpoly.name 
_pdbx_entity_nonpoly.comp_id 
2 'SULFATE ION' SO4 
3 water         HOH 
# 
_pdbx_initial_refinement_model.id               1 
_pdbx_initial_refinement_model.entity_id_list   ? 
_pdbx_initial_refinement_model.type             'experimental model' 
_pdbx_initial_refinement_model.source_name      PDB 
_pdbx_initial_refinement_model.accession_code   1YKA 
_pdbx_initial_refinement_model.details          'PDB ENTRY 1YKA' 
# 
